data_8V5K
#
_entry.id   8V5K
#
_cell.length_a   1.00
_cell.length_b   1.00
_cell.length_c   1.00
_cell.angle_alpha   90.00
_cell.angle_beta   90.00
_cell.angle_gamma   90.00
#
_symmetry.space_group_name_H-M   'P 1'
#
loop_
_entity.id
_entity.type
_entity.pdbx_description
1 polymer 'Fusion glycoprotein F0'
2 polymer 'Camelid Nanobody 4C03'
3 polymer 'Camelid Nanobody 4C06'
4 non-polymer 2-acetamido-2-deoxy-beta-D-glucopyranose
#
loop_
_entity_poly.entity_id
_entity_poly.type
_entity_poly.pdbx_seq_one_letter_code
_entity_poly.pdbx_strand_id
1 'polypeptide(L)'
;QIDITKLQHVGVLVNSPKGMKISQNFETRYLILSLIPKIEDSNSCGDQQIKQYKRLLDRLIIPLYDGLRLQKDVIVTNQE
SNENTDPRTERFFGGVIGTIALGVATSAQITAAVALVEAKQARSDIEKLKEAIRDTNKAVQSVQSSPGNLIVAIKSVQDY
VNKEIVPCIARLGCEACGLLLGLALDQHYSELTNIFGDNIGSLQEKGIKLQGIASLYRTNITEIFTTSTVDKYDIYDLLF
TESIKVRVIDVDLNDYSITLQVRLPLLTRLLNTQIYKVDSISYNIQNREWYIPLPSHIMTKGAFLGGADVKECIEAFSSY
ICPSDPGFVLNHEMESCLSGNISQCPRTTVTSDIVPRYAFVNGGVVANCITTTCTCNGIGNRINQPPDQGVKIITHKECN
TIGINGMLFNTNKEGTLAFYTPDDITLNNSVALNPIDISIELNKAKSDLEESKEWIRRSNQKLDSIEDKIEEILSKIYHI
ENEIARIKKLIGEAEPEA
;
A,B,C
2 'polypeptide(L)'
;EVQLVESGGGLVRAGGSLRLSCAASLRDLHTRTFYMGWFRQDPGKEREFVAAIDWNTGAASYPDSVKGRFTISKDNARNA
VYLQMNNLKPEDTAVYYCAVGRPPLNRPTLAYYWGQGTQVTVSS
;
D,E,F
3 'polypeptide(L)'
;EVQLVESGGGLVQPGGSLRLSCSASGSLSTIKALGWYRRAPGRERELVASITSAGETNYADSAKGRFTVSTDNAKNTVDL
RMNSLKPEDTAVYYCYAESFVLNIYWGQGTQVTVSSG
;
G,H,I
#
loop_
_chem_comp.id
_chem_comp.type
_chem_comp.name
_chem_comp.formula
NAG D-saccharide, beta linking 2-acetamido-2-deoxy-beta-D-glucopyranose 'C8 H15 N O6'
#
# COMPACT_ATOMS: atom_id res chain seq x y z
N GLN A 1 -4.72 18.80 33.03
CA GLN A 1 -4.07 19.03 31.75
C GLN A 1 -2.62 18.54 31.79
N ILE A 2 -1.93 18.68 30.66
CA ILE A 2 -0.60 18.10 30.50
C ILE A 2 0.38 18.85 31.39
N ASP A 3 1.20 18.10 32.14
CA ASP A 3 2.26 18.70 32.94
C ASP A 3 3.58 18.45 32.21
N ILE A 4 3.86 19.33 31.25
CA ILE A 4 5.00 19.12 30.34
C ILE A 4 6.32 19.10 31.10
N THR A 5 6.46 19.95 32.12
CA THR A 5 7.74 20.05 32.82
C THR A 5 8.12 18.75 33.53
N LYS A 6 7.19 18.17 34.29
CA LYS A 6 7.53 16.94 34.99
C LYS A 6 7.77 15.78 34.03
N LEU A 7 6.99 15.71 32.96
CA LEU A 7 7.14 14.60 32.02
C LEU A 7 8.52 14.54 31.39
N GLN A 8 9.25 15.66 31.35
CA GLN A 8 10.62 15.62 30.87
C GLN A 8 11.49 14.71 31.71
N HIS A 9 11.18 14.58 33.00
CA HIS A 9 12.00 13.78 33.89
C HIS A 9 11.86 12.28 33.63
N VAL A 10 10.86 11.86 32.88
CA VAL A 10 10.74 10.48 32.43
C VAL A 10 11.00 10.37 30.94
N GLY A 11 11.61 11.38 30.34
CA GLY A 11 11.90 11.37 28.92
C GLY A 11 10.73 11.56 28.00
N VAL A 12 9.60 12.06 28.51
CA VAL A 12 8.42 12.29 27.69
C VAL A 12 8.37 13.77 27.32
N LEU A 13 8.42 14.06 26.02
CA LEU A 13 8.56 15.41 25.51
C LEU A 13 7.31 15.77 24.75
N VAL A 14 6.53 16.70 25.28
CA VAL A 14 5.27 17.12 24.67
C VAL A 14 5.51 18.45 23.99
N ASN A 15 5.16 18.54 22.71
CA ASN A 15 5.57 19.69 21.92
C ASN A 15 4.56 19.97 20.82
N SER A 16 4.75 21.11 20.17
CA SER A 16 4.02 21.56 19.01
C SER A 16 2.52 21.61 19.22
N PRO A 17 2.01 22.50 20.08
CA PRO A 17 0.56 22.65 20.22
C PRO A 17 -0.02 23.22 18.95
N LYS A 18 -0.88 22.45 18.29
CA LYS A 18 -1.56 22.88 17.08
C LYS A 18 -3.06 22.81 17.27
N GLY A 19 -3.77 23.78 16.69
CA GLY A 19 -5.21 23.81 16.74
C GLY A 19 -5.82 22.77 15.82
N MET A 20 -7.15 22.70 15.84
CA MET A 20 -7.84 21.74 14.99
C MET A 20 -9.04 22.37 14.32
N LYS A 21 -9.19 22.11 13.02
CA LYS A 21 -10.35 22.50 12.23
C LYS A 21 -11.10 21.24 11.78
N ILE A 22 -12.41 21.23 11.99
CA ILE A 22 -13.24 20.10 11.58
C ILE A 22 -14.25 20.55 10.53
N SER A 23 -14.45 19.69 9.51
CA SER A 23 -15.47 19.86 8.49
C SER A 23 -16.82 19.41 9.05
N GLN A 24 -17.46 20.30 9.81
CA GLN A 24 -18.74 19.97 10.42
C GLN A 24 -19.91 20.01 9.44
N ASN A 25 -19.75 20.65 8.28
CA ASN A 25 -20.80 20.69 7.28
C ASN A 25 -20.18 20.61 5.90
N PHE A 26 -20.99 20.20 4.93
CA PHE A 26 -20.54 20.06 3.55
C PHE A 26 -21.53 20.67 2.58
N GLU A 27 -20.98 21.28 1.52
CA GLU A 27 -21.76 21.80 0.41
C GLU A 27 -21.65 20.78 -0.73
N THR A 28 -22.79 20.38 -1.29
CA THR A 28 -22.83 19.32 -2.28
C THR A 28 -23.01 19.83 -3.71
N ARG A 29 -22.25 19.23 -4.63
CA ARG A 29 -22.31 19.51 -6.06
C ARG A 29 -22.29 18.18 -6.80
N TYR A 30 -22.83 18.16 -8.01
CA TYR A 30 -23.00 16.91 -8.74
C TYR A 30 -22.16 16.85 -10.01
N LEU A 31 -21.57 15.68 -10.26
CA LEU A 31 -20.71 15.43 -11.40
C LEU A 31 -21.17 14.18 -12.14
N ILE A 32 -21.47 14.31 -13.42
CA ILE A 32 -21.86 13.19 -14.28
C ILE A 32 -20.67 12.80 -15.14
N LEU A 33 -20.17 11.58 -14.96
CA LEU A 33 -19.10 11.05 -15.79
C LEU A 33 -19.69 10.18 -16.88
N SER A 34 -19.58 10.63 -18.13
CA SER A 34 -20.12 9.92 -19.28
C SER A 34 -18.97 9.22 -20.00
N LEU A 35 -18.87 7.90 -19.80
CA LEU A 35 -17.68 7.14 -20.13
C LEU A 35 -17.50 6.83 -21.61
N ILE A 36 -18.53 7.00 -22.45
CA ILE A 36 -18.42 6.69 -23.87
C ILE A 36 -18.28 8.00 -24.65
N PRO A 37 -17.20 8.20 -25.38
CA PRO A 37 -17.07 9.40 -26.22
C PRO A 37 -17.88 9.25 -27.50
N LYS A 38 -18.18 10.38 -28.12
CA LYS A 38 -18.92 10.39 -29.37
C LYS A 38 -18.00 10.62 -30.57
N ILE A 39 -18.09 9.73 -31.55
CA ILE A 39 -17.34 9.82 -32.80
C ILE A 39 -18.32 10.23 -33.88
N GLU A 40 -17.88 11.08 -34.80
CA GLU A 40 -18.81 11.72 -35.74
C GLU A 40 -19.55 10.66 -36.56
N ASP A 41 -20.89 10.73 -36.52
CA ASP A 41 -21.74 9.75 -37.16
C ASP A 41 -21.56 9.70 -38.68
N SER A 42 -20.95 10.74 -39.27
CA SER A 42 -20.74 10.74 -40.71
C SER A 42 -19.84 9.61 -41.19
N ASN A 43 -19.01 9.03 -40.32
CA ASN A 43 -18.02 8.06 -40.77
C ASN A 43 -18.15 6.69 -40.13
N SER A 44 -18.80 6.57 -38.98
CA SER A 44 -19.00 5.31 -38.27
C SER A 44 -17.68 4.63 -37.89
N CYS A 45 -16.58 5.36 -37.86
CA CYS A 45 -15.30 4.81 -37.48
C CYS A 45 -15.22 4.63 -35.97
N GLY A 46 -14.44 3.63 -35.55
CA GLY A 46 -14.24 3.38 -34.13
C GLY A 46 -15.33 2.59 -33.45
N ASP A 47 -16.35 2.14 -34.18
CA ASP A 47 -17.44 1.39 -33.56
C ASP A 47 -16.95 0.10 -32.90
N GLN A 48 -16.04 -0.62 -33.56
CA GLN A 48 -15.55 -1.86 -32.99
C GLN A 48 -14.70 -1.62 -31.75
N GLN A 49 -13.92 -0.55 -31.76
CA GLN A 49 -13.10 -0.18 -30.60
C GLN A 49 -13.96 0.23 -29.41
N ILE A 50 -15.05 0.96 -29.66
CA ILE A 50 -15.97 1.29 -28.58
C ILE A 50 -16.65 0.04 -28.04
N LYS A 51 -17.00 -0.91 -28.91
CA LYS A 51 -17.60 -2.16 -28.42
C LYS A 51 -16.68 -2.89 -27.46
N GLN A 52 -15.39 -2.99 -27.79
CA GLN A 52 -14.45 -3.64 -26.89
C GLN A 52 -14.29 -2.85 -25.60
N TYR A 53 -14.24 -1.52 -25.71
CA TYR A 53 -14.11 -0.67 -24.53
C TYR A 53 -15.31 -0.81 -23.61
N LYS A 54 -16.50 -0.92 -24.18
CA LYS A 54 -17.70 -1.15 -23.39
C LYS A 54 -17.63 -2.46 -22.61
N ARG A 55 -17.08 -3.50 -23.22
CA ARG A 55 -16.92 -4.78 -22.51
C ARG A 55 -15.98 -4.65 -21.32
N LEU A 56 -14.99 -3.77 -21.40
CA LEU A 56 -14.11 -3.54 -20.26
C LEU A 56 -14.83 -2.76 -19.17
N LEU A 57 -15.65 -1.78 -19.55
CA LEU A 57 -16.36 -0.96 -18.58
C LEU A 57 -17.26 -1.80 -17.68
N ASP A 58 -17.90 -2.84 -18.23
CA ASP A 58 -18.75 -3.69 -17.41
C ASP A 58 -18.04 -4.24 -16.18
N ARG A 59 -16.75 -4.53 -16.30
CA ARG A 59 -16.00 -5.06 -15.17
C ARG A 59 -15.79 -4.06 -14.05
N LEU A 60 -16.18 -2.79 -14.23
CA LEU A 60 -16.11 -1.88 -13.09
C LEU A 60 -17.43 -1.15 -12.80
N ILE A 61 -18.27 -0.93 -13.81
CA ILE A 61 -19.54 -0.28 -13.51
C ILE A 61 -20.56 -1.26 -12.93
N ILE A 62 -20.49 -2.55 -13.25
CA ILE A 62 -21.43 -3.50 -12.67
C ILE A 62 -21.16 -3.72 -11.19
N PRO A 63 -19.92 -3.89 -10.74
CA PRO A 63 -19.68 -3.85 -9.28
C PRO A 63 -20.11 -2.56 -8.62
N LEU A 64 -19.96 -1.40 -9.27
CA LEU A 64 -20.47 -0.16 -8.69
C LEU A 64 -21.99 -0.19 -8.57
N TYR A 65 -22.67 -0.73 -9.59
CA TYR A 65 -24.13 -0.84 -9.53
C TYR A 65 -24.55 -1.69 -8.35
N ASP A 66 -23.89 -2.83 -8.16
CA ASP A 66 -24.27 -3.74 -7.09
C ASP A 66 -24.12 -3.09 -5.72
N GLY A 67 -23.08 -2.30 -5.53
CA GLY A 67 -22.92 -1.60 -4.26
C GLY A 67 -23.95 -0.51 -4.03
N LEU A 68 -24.23 0.30 -5.06
CA LEU A 68 -25.23 1.34 -4.92
C LEU A 68 -26.62 0.76 -4.69
N ARG A 69 -26.95 -0.30 -5.41
CA ARG A 69 -28.23 -0.98 -5.19
C ARG A 69 -28.37 -1.49 -3.77
N LEU A 70 -27.28 -2.02 -3.21
CA LEU A 70 -27.32 -2.49 -1.83
C LEU A 70 -27.62 -1.34 -0.86
N GLN A 71 -27.12 -0.14 -1.16
CA GLN A 71 -27.41 1.01 -0.31
C GLN A 71 -28.85 1.48 -0.48
N LYS A 72 -29.36 1.50 -1.70
CA LYS A 72 -30.74 1.91 -1.93
C LYS A 72 -31.75 0.96 -1.32
N ASP A 73 -31.36 -0.28 -1.05
CA ASP A 73 -32.28 -1.27 -0.52
C ASP A 73 -32.45 -1.20 1.00
N VAL A 74 -31.74 -0.30 1.69
CA VAL A 74 -31.90 -0.20 3.13
C VAL A 74 -33.26 0.40 3.49
N ILE A 75 -33.71 1.38 2.73
CA ILE A 75 -34.99 2.05 2.96
C ILE A 75 -35.88 1.80 1.76
N VAL A 76 -37.09 1.30 2.01
CA VAL A 76 -38.04 1.02 0.95
C VAL A 76 -38.66 2.31 0.44
N THR A 89 -45.35 12.66 5.86
CA THR A 89 -44.62 11.85 4.88
C THR A 89 -43.33 12.55 4.48
N GLU A 90 -42.56 11.92 3.60
CA GLU A 90 -41.41 12.55 2.96
C GLU A 90 -41.82 13.86 2.29
N ARG A 91 -40.84 14.73 2.04
CA ARG A 91 -41.01 16.08 1.50
C ARG A 91 -41.70 17.01 2.49
N PHE A 92 -41.79 16.64 3.76
CA PHE A 92 -42.24 17.54 4.81
C PHE A 92 -41.23 17.53 5.94
N PHE A 93 -40.97 18.71 6.50
CA PHE A 93 -39.99 18.86 7.56
C PHE A 93 -40.45 18.11 8.80
N GLY A 94 -39.60 17.21 9.28
CA GLY A 94 -39.98 16.33 10.37
C GLY A 94 -40.85 15.15 9.97
N GLY A 95 -41.00 14.89 8.68
CA GLY A 95 -41.73 13.72 8.22
C GLY A 95 -40.91 12.45 8.23
N VAL A 96 -41.58 11.36 7.85
CA VAL A 96 -40.98 10.03 7.82
C VAL A 96 -40.14 9.89 6.55
N ILE A 97 -38.98 9.25 6.68
CA ILE A 97 -38.11 9.07 5.53
C ILE A 97 -38.53 7.87 4.70
N GLY A 98 -38.83 6.75 5.34
CA GLY A 98 -39.32 5.60 4.61
C GLY A 98 -39.55 4.44 5.54
N THR A 99 -39.71 3.25 4.96
CA THR A 99 -39.93 2.02 5.70
C THR A 99 -38.64 1.22 5.79
N ILE A 100 -38.38 0.68 6.97
CA ILE A 100 -37.23 -0.18 7.17
C ILE A 100 -37.39 -1.44 6.34
N ALA A 101 -36.39 -1.76 5.55
CA ALA A 101 -36.39 -2.96 4.74
C ALA A 101 -36.06 -4.18 5.57
N LEU A 102 -36.50 -5.34 5.06
CA LEU A 102 -36.15 -6.64 5.63
C LEU A 102 -34.67 -6.91 5.38
N GLY A 103 -33.88 -6.87 6.45
CA GLY A 103 -32.45 -7.09 6.34
C GLY A 103 -31.76 -6.57 7.58
N VAL A 104 -30.45 -6.38 7.47
CA VAL A 104 -29.66 -5.75 8.51
C VAL A 104 -28.88 -4.60 7.88
N ALA A 105 -28.89 -3.45 8.54
CA ALA A 105 -28.12 -2.29 8.11
C ALA A 105 -27.59 -1.57 9.34
N THR A 106 -26.28 -1.42 9.40
CA THR A 106 -25.60 -0.68 10.45
C THR A 106 -25.75 0.82 10.24
N SER A 107 -25.43 1.57 11.31
CA SER A 107 -25.57 3.01 11.28
C SER A 107 -24.84 3.64 10.10
N ALA A 108 -23.71 3.08 9.70
CA ALA A 108 -23.03 3.57 8.51
C ALA A 108 -23.88 3.40 7.26
N GLN A 109 -24.52 2.23 7.13
CA GLN A 109 -25.38 1.98 5.97
C GLN A 109 -26.65 2.83 6.00
N ILE A 110 -27.21 3.08 7.18
CA ILE A 110 -28.40 3.93 7.27
C ILE A 110 -28.09 5.36 6.84
N THR A 111 -26.95 5.89 7.27
CA THR A 111 -26.57 7.24 6.86
C THR A 111 -26.38 7.33 5.35
N ALA A 112 -25.71 6.33 4.77
CA ALA A 112 -25.56 6.30 3.32
C ALA A 112 -26.91 6.23 2.62
N ALA A 113 -27.83 5.40 3.13
CA ALA A 113 -29.16 5.29 2.54
C ALA A 113 -29.93 6.60 2.64
N VAL A 114 -29.86 7.26 3.80
CA VAL A 114 -30.54 8.54 3.98
C VAL A 114 -29.98 9.60 3.05
N ALA A 115 -28.67 9.59 2.82
CA ALA A 115 -28.06 10.52 1.90
C ALA A 115 -28.59 10.36 0.48
N LEU A 116 -28.90 9.13 0.08
CA LEU A 116 -29.46 8.91 -1.25
C LEU A 116 -30.91 9.40 -1.35
N VAL A 117 -31.67 9.32 -0.27
CA VAL A 117 -33.02 9.88 -0.29
C VAL A 117 -32.98 11.39 -0.43
N GLU A 118 -31.97 12.03 0.15
CA GLU A 118 -31.81 13.48 0.00
C GLU A 118 -31.44 13.87 -1.42
N ALA A 119 -30.63 13.06 -2.09
CA ALA A 119 -30.20 13.30 -3.46
C ALA A 119 -31.27 12.99 -4.50
N LYS A 120 -32.36 12.35 -4.10
CA LYS A 120 -33.42 11.96 -5.03
C LYS A 120 -33.96 13.16 -5.80
N GLN A 121 -34.13 14.30 -5.13
CA GLN A 121 -34.69 15.47 -5.79
C GLN A 121 -33.75 16.02 -6.87
N ALA A 122 -32.46 15.72 -6.77
CA ALA A 122 -31.52 16.12 -7.82
C ALA A 122 -31.54 15.16 -8.99
N ARG A 123 -31.77 13.88 -8.73
CA ARG A 123 -31.74 12.88 -9.80
C ARG A 123 -32.78 13.16 -10.88
N SER A 124 -33.93 13.72 -10.49
CA SER A 124 -34.97 14.04 -11.47
C SER A 124 -34.56 15.18 -12.39
N ASP A 125 -33.58 16.00 -12.01
CA ASP A 125 -33.03 16.99 -12.93
C ASP A 125 -31.87 16.45 -13.74
N ILE A 126 -31.01 15.63 -13.13
CA ILE A 126 -29.89 15.02 -13.83
C ILE A 126 -30.36 14.12 -14.97
N GLU A 127 -31.50 13.46 -14.80
CA GLU A 127 -32.05 12.63 -15.85
C GLU A 127 -32.50 13.41 -17.08
N LYS A 128 -32.72 14.71 -16.95
CA LYS A 128 -33.00 15.53 -18.12
C LYS A 128 -31.72 15.88 -18.87
N LEU A 129 -30.69 16.32 -18.14
CA LEU A 129 -29.42 16.68 -18.78
C LEU A 129 -28.80 15.49 -19.52
N LYS A 130 -28.98 14.28 -19.00
CA LYS A 130 -28.42 13.09 -19.67
C LYS A 130 -28.88 12.97 -21.12
N GLU A 131 -30.08 13.44 -21.44
CA GLU A 131 -30.52 13.39 -22.84
C GLU A 131 -29.72 14.36 -23.72
N ALA A 132 -29.34 15.51 -23.17
CA ALA A 132 -28.52 16.45 -23.94
C ALA A 132 -27.07 15.99 -24.04
N ILE A 133 -26.53 15.40 -22.97
CA ILE A 133 -25.15 14.94 -22.97
C ILE A 133 -24.92 13.82 -23.99
N ARG A 134 -25.96 13.03 -24.30
CA ARG A 134 -25.80 11.90 -25.20
C ARG A 134 -25.28 12.34 -26.57
N ASP A 135 -25.99 13.24 -27.23
CA ASP A 135 -25.63 13.60 -28.60
C ASP A 135 -24.54 14.66 -28.68
N THR A 136 -24.17 15.27 -27.57
CA THR A 136 -23.26 16.40 -27.59
C THR A 136 -21.82 15.94 -27.70
N ASN A 137 -21.02 16.70 -28.46
CA ASN A 137 -19.62 16.42 -28.67
C ASN A 137 -18.71 17.13 -27.66
N LYS A 138 -19.27 17.88 -26.73
CA LYS A 138 -18.47 18.64 -25.79
C LYS A 138 -17.87 17.75 -24.72
N ALA A 139 -16.63 18.05 -24.34
CA ALA A 139 -15.95 17.27 -23.32
C ALA A 139 -16.39 17.65 -21.92
N VAL A 140 -16.55 18.94 -21.64
CA VAL A 140 -17.02 19.43 -20.35
C VAL A 140 -18.18 20.38 -20.59
N GLN A 141 -19.27 20.17 -19.87
CA GLN A 141 -20.49 20.93 -20.04
C GLN A 141 -21.15 21.13 -18.67
N SER A 142 -21.82 22.27 -18.52
CA SER A 142 -22.46 22.63 -17.26
C SER A 142 -23.87 23.12 -17.51
N VAL A 143 -24.82 22.61 -16.73
CA VAL A 143 -26.22 23.00 -16.85
C VAL A 143 -26.86 23.18 -15.49
N LEU A 150 -24.58 24.23 -10.07
CA LEU A 150 -24.75 23.64 -11.38
C LEU A 150 -24.24 22.20 -11.41
N ILE A 151 -24.67 21.46 -12.42
CA ILE A 151 -24.26 20.08 -12.63
C ILE A 151 -23.26 20.03 -13.77
N VAL A 152 -22.11 19.42 -13.51
CA VAL A 152 -21.03 19.31 -14.49
C VAL A 152 -21.04 17.92 -15.11
N ALA A 153 -20.84 17.85 -16.43
CA ALA A 153 -20.78 16.59 -17.16
C ALA A 153 -19.49 16.53 -17.95
N ILE A 154 -18.84 15.37 -17.92
CA ILE A 154 -17.57 15.14 -18.60
C ILE A 154 -17.68 13.88 -19.45
N LYS A 155 -17.20 13.95 -20.69
CA LYS A 155 -17.10 12.80 -21.58
C LYS A 155 -15.64 12.38 -21.67
N SER A 156 -15.40 11.08 -21.44
CA SER A 156 -14.09 10.55 -21.07
C SER A 156 -12.93 10.99 -21.95
N VAL A 157 -12.94 10.65 -23.24
CA VAL A 157 -11.82 10.96 -24.12
C VAL A 157 -12.18 12.05 -25.13
N GLN A 158 -13.24 12.80 -24.88
CA GLN A 158 -13.88 13.53 -25.97
C GLN A 158 -12.99 14.64 -26.51
N ASP A 159 -12.17 15.27 -25.66
CA ASP A 159 -11.24 16.29 -26.13
C ASP A 159 -10.22 15.71 -27.10
N TYR A 160 -9.65 14.55 -26.74
CA TYR A 160 -8.72 13.87 -27.62
C TYR A 160 -9.39 13.44 -28.93
N VAL A 161 -10.63 12.95 -28.86
CA VAL A 161 -11.34 12.56 -30.07
C VAL A 161 -11.54 13.75 -30.99
N ASN A 162 -11.95 14.90 -30.44
CA ASN A 162 -12.20 16.07 -31.27
C ASN A 162 -10.92 16.59 -31.91
N LYS A 163 -9.82 16.60 -31.17
CA LYS A 163 -8.60 17.24 -31.63
C LYS A 163 -7.58 16.27 -32.22
N GLU A 164 -7.81 14.96 -32.14
CA GLU A 164 -6.92 13.99 -32.77
C GLU A 164 -7.63 13.05 -33.73
N ILE A 165 -8.66 12.34 -33.30
CA ILE A 165 -9.22 11.25 -34.10
C ILE A 165 -10.02 11.78 -35.28
N VAL A 166 -10.88 12.78 -35.06
CA VAL A 166 -11.68 13.33 -36.16
C VAL A 166 -10.82 13.96 -37.24
N PRO A 167 -9.77 14.74 -36.93
CA PRO A 167 -8.82 15.13 -37.98
C PRO A 167 -8.23 13.96 -38.76
N CYS A 168 -7.84 12.90 -38.06
CA CYS A 168 -7.20 11.75 -38.69
C CYS A 168 -8.06 11.12 -39.78
N ILE A 169 -9.37 11.02 -39.57
CA ILE A 169 -10.21 10.25 -40.49
C ILE A 169 -10.18 10.84 -41.89
N ALA A 170 -10.04 12.16 -42.01
CA ALA A 170 -9.73 12.74 -43.31
C ALA A 170 -8.27 12.51 -43.67
N ARG A 171 -7.37 12.81 -42.73
CA ARG A 171 -5.94 12.82 -43.02
C ARG A 171 -5.44 11.43 -43.39
N LEU A 172 -5.91 10.39 -42.70
CA LEU A 172 -5.34 9.05 -42.83
C LEU A 172 -6.33 7.94 -43.15
N GLY A 173 -7.62 8.21 -43.17
CA GLY A 173 -8.59 7.18 -43.48
C GLY A 173 -9.02 6.37 -42.26
N CYS A 174 -10.19 5.73 -42.41
CA CYS A 174 -10.93 5.20 -41.27
C CYS A 174 -10.17 4.11 -40.52
N GLU A 175 -9.54 3.18 -41.25
CA GLU A 175 -8.94 2.02 -40.59
C GLU A 175 -7.70 2.38 -39.78
N ALA A 176 -6.91 3.35 -40.24
CA ALA A 176 -5.73 3.76 -39.48
C ALA A 176 -6.09 4.51 -38.21
N CYS A 177 -7.18 5.29 -38.23
CA CYS A 177 -7.52 6.11 -37.09
C CYS A 177 -8.24 5.34 -35.99
N GLY A 178 -8.93 4.25 -36.35
CA GLY A 178 -9.55 3.42 -35.34
C GLY A 178 -8.55 2.88 -34.33
N LEU A 179 -7.38 2.47 -34.81
CA LEU A 179 -6.35 1.95 -33.91
C LEU A 179 -5.85 3.02 -32.95
N LEU A 180 -5.90 4.29 -33.33
CA LEU A 180 -5.47 5.35 -32.42
C LEU A 180 -6.47 5.54 -31.29
N LEU A 181 -7.76 5.38 -31.59
CA LEU A 181 -8.80 5.47 -30.57
C LEU A 181 -8.69 4.32 -29.58
N GLY A 182 -8.47 3.11 -30.08
CA GLY A 182 -8.36 1.96 -29.21
C GLY A 182 -7.29 2.12 -28.14
N LEU A 183 -6.13 2.65 -28.51
CA LEU A 183 -5.09 2.89 -27.51
C LEU A 183 -5.52 3.93 -26.49
N ALA A 184 -6.21 4.98 -26.94
CA ALA A 184 -6.65 6.01 -26.00
C ALA A 184 -7.67 5.47 -25.03
N LEU A 185 -8.63 4.69 -25.52
CA LEU A 185 -9.65 4.11 -24.67
C LEU A 185 -9.06 3.14 -23.65
N ASP A 186 -8.09 2.33 -24.07
CA ASP A 186 -7.47 1.39 -23.13
C ASP A 186 -6.67 2.10 -22.06
N GLN A 187 -6.04 3.23 -22.38
CA GLN A 187 -5.37 4.01 -21.35
C GLN A 187 -6.37 4.56 -20.35
N HIS A 188 -7.51 5.05 -20.84
CA HIS A 188 -8.54 5.58 -19.95
C HIS A 188 -9.11 4.49 -19.05
N TYR A 189 -9.25 3.27 -19.56
CA TYR A 189 -9.70 2.17 -18.72
C TYR A 189 -8.72 1.87 -17.60
N SER A 190 -7.43 1.98 -17.88
CA SER A 190 -6.43 1.69 -16.85
C SER A 190 -6.51 2.69 -15.72
N GLU A 191 -6.75 3.96 -16.05
CA GLU A 191 -6.85 5.00 -15.03
C GLU A 191 -8.21 4.99 -14.33
N LEU A 192 -9.26 4.54 -15.02
CA LEU A 192 -10.54 4.31 -14.35
C LEU A 192 -10.46 3.20 -13.30
N THR A 193 -9.71 2.14 -13.61
CA THR A 193 -9.61 1.02 -12.68
C THR A 193 -8.94 1.43 -11.38
N ASN A 194 -7.96 2.34 -11.44
CA ASN A 194 -7.29 2.78 -10.23
C ASN A 194 -8.24 3.47 -9.27
N ILE A 195 -9.24 4.19 -9.78
CA ILE A 195 -10.18 4.91 -8.93
C ILE A 195 -11.33 4.02 -8.49
N PHE A 196 -11.99 3.35 -9.42
CA PHE A 196 -13.21 2.62 -9.15
C PHE A 196 -13.02 1.14 -8.89
N GLY A 197 -11.86 0.58 -9.22
CA GLY A 197 -11.61 -0.83 -9.00
C GLY A 197 -11.21 -1.14 -7.57
N GLY A 207 -13.29 4.21 0.31
CA GLY A 207 -14.14 4.88 -0.65
C GLY A 207 -13.35 5.60 -1.72
N ILE A 208 -14.03 6.46 -2.48
CA ILE A 208 -13.44 7.17 -3.61
C ILE A 208 -13.25 8.62 -3.20
N LYS A 209 -12.02 9.10 -3.33
CA LYS A 209 -11.67 10.47 -2.99
C LYS A 209 -11.69 11.37 -4.23
N LEU A 210 -12.03 12.64 -4.00
CA LEU A 210 -12.07 13.63 -5.08
C LEU A 210 -10.71 13.78 -5.76
N GLN A 211 -9.63 13.51 -5.04
CA GLN A 211 -8.30 13.58 -5.62
C GLN A 211 -8.17 12.72 -6.87
N GLY A 212 -8.78 11.53 -6.85
CA GLY A 212 -8.68 10.67 -8.02
C GLY A 212 -9.46 11.19 -9.20
N ILE A 213 -10.70 11.63 -8.97
CA ILE A 213 -11.52 12.17 -10.06
C ILE A 213 -10.87 13.41 -10.64
N ALA A 214 -10.38 14.30 -9.79
CA ALA A 214 -9.71 15.50 -10.26
C ALA A 214 -8.44 15.19 -11.05
N SER A 215 -7.76 14.09 -10.71
CA SER A 215 -6.56 13.70 -11.44
C SER A 215 -6.86 13.34 -12.89
N LEU A 216 -7.95 12.62 -13.14
CA LEU A 216 -8.26 12.22 -14.51
C LEU A 216 -8.56 13.41 -15.40
N TYR A 217 -9.49 14.26 -14.97
CA TYR A 217 -10.06 15.30 -15.82
C TYR A 217 -9.43 16.67 -15.60
N ARG A 218 -8.27 16.73 -14.95
CA ARG A 218 -7.50 17.96 -14.81
C ARG A 218 -8.33 19.15 -14.33
N LYS A 232 -10.54 31.26 -1.02
CA LYS A 232 -9.56 30.80 -0.05
C LYS A 232 -8.22 30.52 -0.73
N TYR A 233 -7.14 30.83 -0.01
CA TYR A 233 -5.78 30.72 -0.55
C TYR A 233 -4.92 29.73 0.21
N ASP A 234 -5.46 29.05 1.20
CA ASP A 234 -4.68 28.11 2.00
C ASP A 234 -4.55 26.78 1.26
N ILE A 235 -3.32 26.46 0.85
CA ILE A 235 -3.05 25.21 0.14
C ILE A 235 -3.55 24.01 0.91
N TYR A 236 -3.50 24.07 2.24
CA TYR A 236 -3.89 22.91 3.03
C TYR A 236 -5.40 22.72 3.04
N ASP A 237 -6.16 23.79 2.83
CA ASP A 237 -7.61 23.63 2.67
C ASP A 237 -7.93 23.00 1.33
N LEU A 238 -7.15 23.30 0.29
CA LEU A 238 -7.33 22.65 -0.99
C LEU A 238 -6.98 21.17 -0.90
N LEU A 239 -5.86 20.86 -0.24
CA LEU A 239 -5.45 19.47 -0.06
C LEU A 239 -6.49 18.68 0.72
N PHE A 240 -7.08 19.29 1.75
CA PHE A 240 -8.11 18.63 2.53
C PHE A 240 -9.38 18.40 1.72
N THR A 241 -9.74 19.33 0.84
CA THR A 241 -10.93 19.17 0.03
C THR A 241 -10.85 17.93 -0.85
N GLU A 242 -9.69 17.68 -1.45
CA GLU A 242 -9.49 16.49 -2.24
C GLU A 242 -9.52 15.22 -1.41
N SER A 243 -9.31 15.32 -0.10
CA SER A 243 -9.32 14.15 0.76
C SER A 243 -10.72 13.62 1.00
N ILE A 244 -11.75 14.46 0.82
CA ILE A 244 -13.12 14.05 1.11
C ILE A 244 -13.58 13.00 0.10
N LYS A 245 -14.32 12.02 0.59
CA LYS A 245 -14.86 10.95 -0.23
C LYS A 245 -16.06 11.43 -1.04
N VAL A 246 -16.09 11.10 -2.33
CA VAL A 246 -17.26 11.33 -3.16
C VAL A 246 -18.30 10.24 -2.90
N ARG A 247 -19.55 10.59 -3.17
CA ARG A 247 -20.69 9.69 -3.00
C ARG A 247 -21.30 9.39 -4.36
N VAL A 248 -21.36 8.11 -4.72
CA VAL A 248 -22.02 7.68 -5.95
C VAL A 248 -23.53 7.78 -5.81
N ILE A 249 -24.17 8.40 -6.81
CA ILE A 249 -25.60 8.64 -6.77
C ILE A 249 -26.35 7.81 -7.82
N ASP A 250 -25.74 7.50 -8.95
CA ASP A 250 -26.35 6.66 -9.96
C ASP A 250 -25.27 6.00 -10.79
N VAL A 251 -25.56 4.80 -11.28
CA VAL A 251 -24.70 4.08 -12.21
C VAL A 251 -25.62 3.57 -13.32
N ASP A 252 -25.58 4.24 -14.47
CA ASP A 252 -26.47 3.93 -15.58
C ASP A 252 -25.78 2.93 -16.48
N LEU A 253 -26.26 1.69 -16.48
CA LEU A 253 -25.67 0.62 -17.27
C LEU A 253 -26.08 0.67 -18.73
N ASN A 254 -27.04 1.52 -19.09
CA ASN A 254 -27.43 1.66 -20.48
C ASN A 254 -26.52 2.65 -21.20
N ASP A 255 -26.28 3.80 -20.58
CA ASP A 255 -25.50 4.88 -21.18
C ASP A 255 -24.10 4.95 -20.62
N TYR A 256 -23.69 4.00 -19.78
CA TYR A 256 -22.36 3.96 -19.19
C TYR A 256 -22.00 5.28 -18.52
N SER A 257 -22.79 5.65 -17.52
CA SER A 257 -22.61 6.90 -16.79
C SER A 257 -22.62 6.67 -15.28
N ILE A 258 -21.74 7.38 -14.58
CA ILE A 258 -21.67 7.41 -13.14
C ILE A 258 -21.98 8.82 -12.67
N THR A 259 -22.95 8.96 -11.77
CA THR A 259 -23.26 10.27 -11.19
C THR A 259 -22.68 10.31 -9.79
N LEU A 260 -21.90 11.34 -9.50
CA LEU A 260 -21.23 11.50 -8.22
C LEU A 260 -21.69 12.77 -7.53
N GLN A 261 -21.78 12.70 -6.21
CA GLN A 261 -22.01 13.88 -5.38
C GLN A 261 -20.68 14.27 -4.77
N VAL A 262 -20.21 15.47 -5.08
CA VAL A 262 -18.96 16.00 -4.55
C VAL A 262 -19.29 16.84 -3.33
N ARG A 263 -18.53 16.64 -2.26
CA ARG A 263 -18.76 17.31 -0.99
C ARG A 263 -17.62 18.26 -0.68
N LEU A 264 -17.94 19.53 -0.48
CA LEU A 264 -16.97 20.58 -0.21
C LEU A 264 -17.02 20.96 1.26
N PRO A 265 -15.94 20.79 2.01
CA PRO A 265 -15.97 21.07 3.44
C PRO A 265 -16.17 22.53 3.80
N LEU A 266 -16.93 22.75 4.87
CA LEU A 266 -17.02 24.03 5.55
C LEU A 266 -16.23 23.82 6.83
N LEU A 267 -15.10 24.51 6.97
CA LEU A 267 -14.17 24.28 8.07
C LEU A 267 -14.40 25.26 9.20
N THR A 268 -14.48 24.73 10.42
CA THR A 268 -14.70 25.52 11.62
C THR A 268 -13.62 25.17 12.65
N ARG A 269 -13.00 26.20 13.20
CA ARG A 269 -11.94 26.02 14.18
C ARG A 269 -12.54 25.77 15.55
N LEU A 270 -12.25 24.61 16.13
CA LEU A 270 -12.76 24.30 17.45
C LEU A 270 -11.96 25.08 18.50
N LEU A 271 -12.67 25.75 19.39
CA LEU A 271 -12.06 26.44 20.51
C LEU A 271 -11.58 25.46 21.58
N ASN A 272 -10.62 25.92 22.37
CA ASN A 272 -10.09 25.18 23.52
C ASN A 272 -9.59 23.79 23.15
N THR A 273 -9.19 23.60 21.92
CA THR A 273 -8.70 22.31 21.43
C THR A 273 -7.26 22.45 20.98
N GLN A 274 -6.39 21.61 21.53
CA GLN A 274 -4.97 21.60 21.19
C GLN A 274 -4.53 20.16 20.97
N ILE A 275 -3.78 19.93 19.90
CA ILE A 275 -3.19 18.63 19.60
C ILE A 275 -1.68 18.74 19.74
N TYR A 276 -1.11 17.86 20.56
CA TYR A 276 0.32 17.83 20.81
C TYR A 276 0.92 16.54 20.27
N LYS A 277 2.09 16.65 19.66
CA LYS A 277 2.91 15.47 19.40
C LYS A 277 3.73 15.17 20.64
N VAL A 278 3.93 13.90 20.94
CA VAL A 278 4.74 13.51 22.10
C VAL A 278 5.79 12.49 21.67
N ASP A 279 7.03 12.73 22.08
CA ASP A 279 8.14 11.82 21.84
C ASP A 279 8.76 11.36 23.16
N SER A 280 9.10 10.07 23.22
CA SER A 280 9.73 9.47 24.40
C SER A 280 11.17 9.08 24.09
N ILE A 281 12.09 9.54 24.93
CA ILE A 281 13.48 9.15 24.84
C ILE A 281 13.78 8.02 25.81
N SER A 282 14.91 7.36 25.63
CA SER A 282 15.32 6.26 26.50
C SER A 282 15.52 6.72 27.94
N TYR A 283 15.16 5.85 28.87
CA TYR A 283 15.21 6.13 30.30
C TYR A 283 16.04 5.04 30.97
N ASN A 284 17.06 5.44 31.72
CA ASN A 284 17.98 4.52 32.36
C ASN A 284 17.42 3.94 33.66
N ILE A 285 17.38 2.62 33.75
CA ILE A 285 17.06 1.91 34.99
C ILE A 285 18.11 0.83 35.16
N GLN A 286 19.02 1.03 36.12
CA GLN A 286 20.10 0.10 36.42
C GLN A 286 20.84 -0.37 35.18
N ASN A 287 21.29 0.60 34.37
CA ASN A 287 22.03 0.37 33.13
C ASN A 287 21.26 -0.39 32.07
N ARG A 288 19.93 -0.35 32.10
CA ARG A 288 19.12 -0.95 31.05
C ARG A 288 18.17 0.13 30.54
N GLU A 289 17.94 0.16 29.23
CA GLU A 289 17.21 1.23 28.58
C GLU A 289 15.72 0.92 28.51
N TRP A 290 14.91 1.75 29.15
CA TRP A 290 13.46 1.66 29.15
C TRP A 290 12.90 2.91 28.49
N TYR A 291 11.60 2.90 28.16
CA TYR A 291 10.95 4.13 27.75
C TYR A 291 9.45 4.04 28.01
N ILE A 292 8.80 5.19 28.01
CA ILE A 292 7.35 5.29 28.22
C ILE A 292 6.66 5.18 26.86
N PRO A 293 5.95 4.09 26.57
CA PRO A 293 5.30 3.88 25.27
C PRO A 293 3.97 4.61 25.08
N LEU A 294 4.03 5.94 25.09
CA LEU A 294 2.84 6.76 24.89
C LEU A 294 2.41 6.84 23.42
N PRO A 295 1.14 7.16 23.15
CA PRO A 295 0.69 7.34 21.76
C PRO A 295 1.32 8.57 21.12
N SER A 296 1.39 8.56 19.78
CA SER A 296 2.14 9.59 19.06
C SER A 296 1.53 10.98 19.20
N HIS A 297 0.22 11.11 19.34
CA HIS A 297 -0.40 12.41 19.52
C HIS A 297 -1.41 12.37 20.64
N ILE A 298 -1.49 13.47 21.38
CA ILE A 298 -2.45 13.63 22.47
C ILE A 298 -3.22 14.93 22.23
N MET A 299 -4.41 14.99 22.82
CA MET A 299 -5.35 16.07 22.59
C MET A 299 -5.98 16.54 23.89
N THR A 300 -6.18 17.86 24.01
CA THR A 300 -6.93 18.43 25.11
C THR A 300 -8.13 19.22 24.57
N LYS A 301 -9.26 19.10 25.29
CA LYS A 301 -10.49 19.85 24.99
C LYS A 301 -11.00 20.35 26.34
N GLY A 302 -10.42 21.43 26.83
CA GLY A 302 -10.65 21.83 28.19
C GLY A 302 -10.06 20.83 29.17
N ALA A 303 -10.90 20.27 30.03
CA ALA A 303 -10.42 19.30 31.02
C ALA A 303 -10.16 17.93 30.42
N PHE A 304 -10.85 17.58 29.34
CA PHE A 304 -10.62 16.31 28.68
C PHE A 304 -9.21 16.21 28.13
N LEU A 305 -8.57 15.06 28.35
CA LEU A 305 -7.25 14.76 27.84
C LEU A 305 -7.27 13.36 27.25
N GLY A 306 -6.86 13.24 25.99
CA GLY A 306 -6.89 11.97 25.29
C GLY A 306 -5.93 11.96 24.14
N GLY A 307 -5.92 10.85 23.43
CA GLY A 307 -5.10 10.69 22.25
C GLY A 307 -5.75 11.27 21.02
N ALA A 308 -4.97 11.39 19.95
CA ALA A 308 -5.49 11.85 18.66
C ALA A 308 -5.03 10.92 17.54
N ASP A 309 -5.98 10.42 16.76
CA ASP A 309 -5.70 9.55 15.62
C ASP A 309 -5.77 10.39 14.35
N VAL A 310 -4.71 11.16 14.12
CA VAL A 310 -4.61 12.12 13.03
C VAL A 310 -4.28 11.52 11.67
N LYS A 311 -4.41 10.20 11.53
CA LYS A 311 -4.03 9.56 10.26
C LYS A 311 -4.88 10.05 9.08
N GLU A 312 -6.10 10.51 9.32
CA GLU A 312 -6.95 11.03 8.27
C GLU A 312 -6.89 12.54 8.13
N CYS A 313 -6.19 13.23 9.02
CA CYS A 313 -6.12 14.68 9.01
C CYS A 313 -4.99 15.18 8.12
N ILE A 314 -5.13 16.43 7.68
CA ILE A 314 -4.07 17.16 6.99
C ILE A 314 -3.39 18.05 8.02
N GLU A 315 -2.09 17.90 8.17
CA GLU A 315 -1.30 18.69 9.10
C GLU A 315 -0.75 19.94 8.42
N ALA A 316 -1.37 21.08 8.71
CA ALA A 316 -0.84 22.35 8.24
C ALA A 316 0.27 22.81 9.18
N PHE A 317 0.85 23.98 8.90
CA PHE A 317 1.94 24.47 9.73
C PHE A 317 1.48 24.84 11.13
N SER A 318 0.20 25.15 11.32
CA SER A 318 -0.30 25.60 12.60
C SER A 318 -1.59 24.93 13.05
N SER A 319 -2.20 24.08 12.23
CA SER A 319 -3.42 23.41 12.65
C SER A 319 -3.59 22.11 11.89
N TYR A 320 -4.41 21.24 12.45
CA TYR A 320 -4.81 20.00 11.81
C TYR A 320 -6.22 20.16 11.27
N ILE A 321 -6.45 19.72 10.05
CA ILE A 321 -7.78 19.76 9.44
C ILE A 321 -8.26 18.32 9.42
N CYS A 322 -9.35 18.05 10.13
CA CYS A 322 -9.80 16.68 10.27
C CYS A 322 -11.26 16.52 9.85
N PRO A 323 -11.60 15.38 9.26
CA PRO A 323 -13.00 15.17 8.86
C PRO A 323 -13.92 15.01 10.05
N SER A 324 -13.41 14.52 11.17
CA SER A 324 -14.17 14.30 12.38
C SER A 324 -13.18 14.34 13.54
N ASP A 325 -13.72 14.41 14.75
CA ASP A 325 -12.89 14.47 15.94
C ASP A 325 -12.01 13.24 16.06
N PRO A 326 -10.68 13.39 16.05
CA PRO A 326 -9.78 12.23 16.14
C PRO A 326 -9.56 11.71 17.56
N GLY A 327 -10.16 12.31 18.57
CA GLY A 327 -9.88 11.93 19.94
C GLY A 327 -10.32 10.51 20.28
N PHE A 328 -9.56 9.89 21.16
CA PHE A 328 -9.90 8.59 21.74
C PHE A 328 -9.45 8.57 23.20
N VAL A 329 -10.15 7.78 24.01
CA VAL A 329 -9.89 7.69 25.44
C VAL A 329 -8.65 6.85 25.73
N LEU A 330 -7.77 7.39 26.56
CA LEU A 330 -6.53 6.74 26.96
C LEU A 330 -6.71 5.80 28.13
N ASN A 331 -5.76 4.90 28.29
CA ASN A 331 -5.68 4.07 29.48
C ASN A 331 -5.53 4.95 30.71
N HIS A 332 -6.15 4.53 31.81
CA HIS A 332 -6.14 5.35 33.03
C HIS A 332 -4.72 5.69 33.48
N GLU A 333 -3.80 4.73 33.39
CA GLU A 333 -2.41 4.99 33.75
C GLU A 333 -1.71 5.96 32.81
N MET A 334 -2.05 5.94 31.52
CA MET A 334 -1.45 6.91 30.61
C MET A 334 -2.00 8.32 30.84
N GLU A 335 -3.31 8.44 31.07
CA GLU A 335 -3.88 9.74 31.37
C GLU A 335 -3.33 10.30 32.67
N SER A 336 -3.17 9.45 33.69
CA SER A 336 -2.61 9.91 34.96
C SER A 336 -1.15 10.33 34.80
N CYS A 337 -0.38 9.57 34.03
CA CYS A 337 1.00 9.92 33.74
C CYS A 337 1.09 11.31 33.11
N LEU A 338 0.29 11.56 32.07
CA LEU A 338 0.32 12.84 31.37
C LEU A 338 -0.15 14.00 32.24
N SER A 339 -1.03 13.74 33.21
CA SER A 339 -1.46 14.76 34.16
C SER A 339 -0.42 15.08 35.24
N GLY A 340 0.77 14.51 35.17
CA GLY A 340 1.85 14.86 36.07
C GLY A 340 2.10 13.89 37.20
N ASN A 341 1.33 12.80 37.29
CA ASN A 341 1.61 11.75 38.27
C ASN A 341 2.52 10.72 37.58
N ILE A 342 3.78 11.12 37.41
CA ILE A 342 4.73 10.37 36.61
C ILE A 342 5.10 9.02 37.20
N SER A 343 4.85 8.78 38.49
CA SER A 343 5.02 7.44 39.04
C SER A 343 4.16 6.40 38.32
N GLN A 344 3.05 6.82 37.72
CA GLN A 344 2.11 5.92 37.08
C GLN A 344 2.48 5.58 35.64
N CYS A 345 3.49 6.22 35.08
CA CYS A 345 3.81 6.05 33.68
C CYS A 345 4.22 4.61 33.37
N PRO A 346 3.60 3.97 32.39
CA PRO A 346 4.03 2.63 32.00
C PRO A 346 5.37 2.67 31.28
N ARG A 347 6.19 1.66 31.52
CA ARG A 347 7.51 1.58 30.90
C ARG A 347 7.75 0.23 30.27
N THR A 348 8.50 0.24 29.15
CA THR A 348 8.84 -0.95 28.40
C THR A 348 10.28 -0.84 27.92
N THR A 349 10.87 -2.00 27.63
CA THR A 349 12.27 -2.06 27.21
C THR A 349 12.47 -1.57 25.80
N VAL A 350 13.61 -0.93 25.57
CA VAL A 350 14.02 -0.46 24.25
C VAL A 350 14.57 -1.62 23.44
N THR A 351 13.89 -1.96 22.35
CA THR A 351 14.30 -3.06 21.49
C THR A 351 15.10 -2.63 20.27
N SER A 352 15.09 -1.34 19.89
CA SER A 352 15.76 -0.92 18.68
C SER A 352 16.17 0.55 18.78
N ASP A 353 16.95 0.98 17.80
CA ASP A 353 17.49 2.33 17.67
C ASP A 353 16.46 3.37 17.26
N ILE A 354 15.20 2.99 17.09
CA ILE A 354 14.18 3.98 16.71
C ILE A 354 13.95 4.96 17.86
N VAL A 355 14.03 4.47 19.10
CA VAL A 355 13.88 5.32 20.27
C VAL A 355 15.08 6.25 20.38
N PRO A 356 14.88 7.56 20.36
CA PRO A 356 16.00 8.48 20.53
C PRO A 356 16.60 8.42 21.92
N ARG A 357 17.92 8.60 21.99
CA ARG A 357 18.65 8.67 23.23
C ARG A 357 18.83 10.08 23.77
N TYR A 358 18.59 11.10 22.95
CA TYR A 358 18.77 12.49 23.36
C TYR A 358 17.82 13.36 22.57
N ALA A 359 17.53 14.55 23.11
CA ALA A 359 16.74 15.53 22.38
C ALA A 359 17.08 16.94 22.84
N PHE A 360 16.82 17.90 21.96
CA PHE A 360 16.77 19.31 22.35
C PHE A 360 15.45 19.63 23.00
N VAL A 361 15.48 20.35 24.12
CA VAL A 361 14.26 20.74 24.82
C VAL A 361 14.49 22.12 25.41
N ASN A 362 13.74 23.10 24.94
CA ASN A 362 13.68 24.45 25.51
C ASN A 362 15.07 25.05 25.70
N GLY A 363 15.90 24.94 24.68
CA GLY A 363 17.20 25.58 24.70
C GLY A 363 18.30 24.75 25.29
N GLY A 364 17.99 23.59 25.84
CA GLY A 364 18.98 22.71 26.41
C GLY A 364 18.84 21.30 25.88
N VAL A 365 19.35 20.32 26.62
CA VAL A 365 19.32 18.94 26.18
C VAL A 365 18.79 18.05 27.30
N VAL A 366 17.95 17.10 26.92
CA VAL A 366 17.43 16.04 27.79
C VAL A 366 17.93 14.74 27.19
N ALA A 367 18.74 14.00 27.94
CA ALA A 367 19.34 12.82 27.34
C ALA A 367 19.65 11.76 28.37
N ASN A 368 19.79 10.53 27.88
CA ASN A 368 20.25 9.39 28.66
C ASN A 368 21.77 9.37 28.56
N CYS A 369 22.43 9.99 29.52
CA CYS A 369 23.88 10.14 29.47
C CYS A 369 24.65 8.89 29.85
N ILE A 370 23.97 7.76 30.11
CA ILE A 370 24.68 6.51 30.29
C ILE A 370 25.07 5.95 28.94
N THR A 371 24.12 5.87 28.00
CA THR A 371 24.38 5.37 26.67
C THR A 371 24.82 6.46 25.70
N THR A 372 24.61 7.72 26.03
CA THR A 372 25.03 8.86 25.23
C THR A 372 26.18 9.57 25.94
N THR A 373 27.23 9.90 25.20
CA THR A 373 28.37 10.61 25.76
C THR A 373 28.06 12.11 25.86
N CYS A 374 27.38 12.48 26.95
CA CYS A 374 27.06 13.87 27.21
C CYS A 374 28.31 14.58 27.70
N THR A 375 28.55 15.78 27.18
CA THR A 375 29.76 16.51 27.51
C THR A 375 29.45 17.97 27.80
N CYS A 376 30.16 18.56 28.77
CA CYS A 376 29.92 19.92 29.22
C CYS A 376 31.13 20.84 29.07
N ASN A 377 30.92 21.98 28.42
CA ASN A 377 31.91 23.04 28.24
C ASN A 377 33.23 22.57 27.62
N GLY A 378 33.18 21.62 26.72
CA GLY A 378 34.37 21.17 26.03
C GLY A 378 34.30 19.67 25.93
N ILE A 379 34.80 19.14 24.81
CA ILE A 379 34.66 17.72 24.48
C ILE A 379 35.31 16.78 25.49
N GLY A 380 36.13 17.30 26.40
CA GLY A 380 36.75 16.45 27.40
C GLY A 380 36.02 16.26 28.71
N ASN A 381 35.09 17.15 29.05
CA ASN A 381 34.40 17.09 30.35
C ASN A 381 33.09 16.32 30.22
N ARG A 382 33.15 15.03 30.48
CA ARG A 382 31.97 14.18 30.40
C ARG A 382 31.03 14.39 31.57
N ILE A 383 29.74 14.52 31.28
CA ILE A 383 28.70 14.59 32.30
C ILE A 383 28.35 13.17 32.70
N ASN A 384 28.48 12.87 33.99
CA ASN A 384 28.16 11.55 34.52
C ASN A 384 26.84 11.59 35.26
N GLN A 385 25.88 10.78 34.81
CA GLN A 385 24.67 10.70 35.62
C GLN A 385 24.71 9.45 36.49
N PRO A 386 24.27 9.54 37.74
CA PRO A 386 24.29 8.37 38.62
C PRO A 386 23.38 7.27 38.11
N PRO A 387 23.66 6.01 38.48
CA PRO A 387 22.87 4.89 37.97
C PRO A 387 21.40 4.92 38.35
N ASP A 388 21.02 5.65 39.37
CA ASP A 388 19.63 5.71 39.81
C ASP A 388 18.83 6.84 39.17
N GLN A 389 19.44 7.62 38.29
CA GLN A 389 18.75 8.69 37.58
C GLN A 389 18.48 8.24 36.15
N GLY A 390 17.28 8.52 35.67
CA GLY A 390 16.86 8.04 34.36
C GLY A 390 17.29 8.87 33.17
N VAL A 391 17.13 10.19 33.24
CA VAL A 391 17.53 11.10 32.18
C VAL A 391 18.18 12.31 32.81
N LYS A 392 19.08 12.95 32.08
CA LYS A 392 19.77 14.16 32.51
C LYS A 392 19.22 15.35 31.74
N ILE A 393 18.84 16.39 32.47
CA ILE A 393 18.34 17.63 31.90
C ILE A 393 19.44 18.67 32.06
N ILE A 394 20.00 19.13 30.94
CA ILE A 394 21.13 20.03 30.92
C ILE A 394 20.66 21.38 30.38
N THR A 395 20.87 22.43 31.18
CA THR A 395 20.39 23.77 30.90
C THR A 395 21.57 24.73 30.76
N HIS A 396 21.27 25.93 30.27
CA HIS A 396 22.31 26.95 30.11
C HIS A 396 22.91 27.39 31.43
N LYS A 397 22.26 27.11 32.55
CA LYS A 397 22.81 27.42 33.86
C LYS A 397 23.95 26.50 34.24
N GLU A 398 24.14 25.40 33.52
CA GLU A 398 25.18 24.44 33.83
C GLU A 398 26.22 24.26 32.73
N CYS A 399 25.84 24.37 31.47
CA CYS A 399 26.79 24.21 30.37
C CYS A 399 26.56 25.28 29.33
N ASN A 400 27.64 25.94 28.89
CA ASN A 400 27.54 26.89 27.79
C ASN A 400 27.54 26.17 26.45
N THR A 401 28.41 25.18 26.30
CA THR A 401 28.46 24.32 25.12
C THR A 401 28.20 22.90 25.56
N ILE A 402 27.27 22.23 24.89
CA ILE A 402 26.96 20.83 25.18
C ILE A 402 27.31 19.98 23.97
N GLY A 403 28.08 18.93 24.21
CA GLY A 403 28.47 18.00 23.17
C GLY A 403 27.74 16.68 23.28
N ILE A 404 27.00 16.32 22.24
CA ILE A 404 26.35 15.01 22.15
C ILE A 404 27.13 14.17 21.15
N ASN A 405 27.77 13.12 21.65
CA ASN A 405 28.56 12.21 20.83
C ASN A 405 29.56 12.96 19.96
N GLY A 406 30.09 14.07 20.45
CA GLY A 406 31.04 14.89 19.73
C GLY A 406 30.46 16.11 19.05
N MET A 407 29.14 16.14 18.83
CA MET A 407 28.49 17.28 18.19
C MET A 407 28.34 18.41 19.20
N LEU A 408 29.08 19.50 19.01
CA LEU A 408 29.04 20.64 19.92
C LEU A 408 27.98 21.65 19.49
N PHE A 409 27.15 22.05 20.45
CA PHE A 409 26.11 23.04 20.25
C PHE A 409 26.13 24.02 21.41
N ASN A 410 25.80 25.28 21.13
CA ASN A 410 25.65 26.26 22.18
C ASN A 410 24.28 26.17 22.81
N THR A 411 24.21 26.30 24.12
CA THR A 411 22.92 26.37 24.76
C THR A 411 22.32 27.74 24.53
N ASN A 412 21.00 27.82 24.60
CA ASN A 412 20.30 29.06 24.30
C ASN A 412 20.06 29.84 25.58
N LYS A 413 20.53 31.09 25.61
CA LYS A 413 20.40 31.93 26.80
C LYS A 413 18.95 32.24 27.12
N GLU A 414 18.07 32.31 26.12
CA GLU A 414 16.68 32.58 26.36
C GLU A 414 15.86 31.30 26.53
N GLY A 415 16.51 30.17 26.73
CA GLY A 415 15.81 28.93 26.96
C GLY A 415 15.09 28.96 28.30
N THR A 416 13.88 28.41 28.32
CA THR A 416 13.08 28.34 29.53
C THR A 416 13.17 26.99 30.23
N LEU A 417 14.02 26.09 29.75
CA LEU A 417 14.14 24.77 30.36
C LEU A 417 14.57 24.88 31.82
N ALA A 418 13.90 24.12 32.68
CA ALA A 418 14.16 24.16 34.11
C ALA A 418 15.57 23.70 34.45
N ASP A 423 14.41 14.28 42.31
CA ASP A 423 13.64 13.45 43.22
C ASP A 423 13.70 11.99 42.79
N ASP A 424 13.42 11.08 43.71
CA ASP A 424 13.40 9.65 43.43
C ASP A 424 12.12 9.28 42.70
N ILE A 425 12.26 8.75 41.49
CA ILE A 425 11.13 8.30 40.68
C ILE A 425 11.20 6.78 40.57
N THR A 426 10.12 6.10 40.95
CA THR A 426 10.01 4.66 40.81
C THR A 426 8.85 4.35 39.88
N LEU A 427 9.15 3.68 38.77
CA LEU A 427 8.14 3.33 37.77
C LEU A 427 7.84 1.84 37.92
N ASN A 428 6.77 1.53 38.66
CA ASN A 428 6.43 0.14 38.92
C ASN A 428 5.68 -0.54 37.79
N ASN A 429 5.07 0.23 36.88
CA ASN A 429 4.25 -0.32 35.81
C ASN A 429 5.11 -0.82 34.65
N SER A 430 5.81 -1.91 34.90
CA SER A 430 6.53 -2.60 33.83
C SER A 430 5.52 -3.21 32.87
N VAL A 431 5.74 -3.03 31.57
CA VAL A 431 4.78 -3.41 30.54
C VAL A 431 5.51 -4.09 29.39
N ALA A 432 4.89 -5.12 28.83
CA ALA A 432 5.35 -5.76 27.61
C ALA A 432 4.39 -5.47 26.46
N LEU A 433 4.94 -5.18 25.29
CA LEU A 433 4.16 -4.91 24.09
C LEU A 433 3.87 -6.15 23.24
N ASN A 434 4.62 -7.21 23.40
CA ASN A 434 4.54 -8.35 22.49
C ASN A 434 3.74 -9.48 23.12
N PRO A 435 2.72 -10.00 22.42
CA PRO A 435 1.89 -11.08 22.99
C PRO A 435 2.67 -12.29 23.49
N ILE A 436 3.79 -12.65 22.86
CA ILE A 436 4.58 -13.77 23.38
C ILE A 436 5.05 -13.47 24.78
N ASP A 437 5.58 -12.26 24.98
CA ASP A 437 6.13 -11.87 26.29
C ASP A 437 5.05 -11.86 27.37
N ILE A 438 3.88 -11.29 27.07
CA ILE A 438 2.79 -11.32 28.03
C ILE A 438 2.38 -12.75 28.35
N SER A 439 2.30 -13.61 27.33
CA SER A 439 1.93 -15.00 27.56
C SER A 439 2.95 -15.73 28.42
N ILE A 440 4.24 -15.48 28.19
CA ILE A 440 5.27 -16.13 29.01
C ILE A 440 5.15 -15.73 30.47
N GLU A 441 4.98 -14.43 30.74
CA GLU A 441 4.85 -14.01 32.13
C GLU A 441 3.53 -14.41 32.76
N LEU A 442 2.49 -14.63 31.96
CA LEU A 442 1.25 -15.17 32.51
C LEU A 442 1.40 -16.62 32.93
N ASN A 443 2.22 -17.40 32.21
CA ASN A 443 2.47 -18.78 32.59
C ASN A 443 3.19 -18.87 33.92
N LYS A 444 4.13 -17.96 34.17
CA LYS A 444 4.82 -17.94 35.46
C LYS A 444 3.85 -17.66 36.60
N ALA A 445 2.95 -16.70 36.42
CA ALA A 445 1.95 -16.42 37.44
C ALA A 445 1.07 -17.64 37.70
N LYS A 446 0.56 -18.27 36.63
CA LYS A 446 -0.26 -19.47 36.82
C LYS A 446 0.51 -20.56 37.55
N SER A 447 1.81 -20.70 37.24
CA SER A 447 2.61 -21.70 37.94
C SER A 447 2.73 -21.36 39.41
N ASP A 448 2.91 -20.10 39.74
CA ASP A 448 2.96 -19.67 41.14
C ASP A 448 1.60 -19.79 41.81
N LEU A 449 0.51 -19.64 41.05
CA LEU A 449 -0.81 -19.75 41.64
C LEU A 449 -1.14 -21.19 42.00
N GLU A 450 -0.74 -22.15 41.17
CA GLU A 450 -0.94 -23.56 41.52
C GLU A 450 -0.16 -23.93 42.76
N GLU A 451 1.06 -23.40 42.90
CA GLU A 451 1.85 -23.65 44.10
C GLU A 451 1.15 -23.06 45.33
N SER A 452 0.58 -21.88 45.20
CA SER A 452 -0.16 -21.27 46.31
C SER A 452 -1.35 -22.12 46.73
N LYS A 453 -2.09 -22.65 45.76
CA LYS A 453 -3.23 -23.52 46.08
C LYS A 453 -2.80 -24.77 46.84
N GLU A 454 -1.65 -25.33 46.50
CA GLU A 454 -1.17 -26.53 47.19
C GLU A 454 -0.91 -26.25 48.66
N TRP A 455 -0.29 -25.12 48.98
CA TRP A 455 -0.06 -24.79 50.39
C TRP A 455 -1.36 -24.72 51.15
N ILE A 456 -2.44 -24.27 50.50
CA ILE A 456 -3.75 -24.25 51.14
C ILE A 456 -4.23 -25.67 51.44
N ARG A 457 -4.09 -26.58 50.47
CA ARG A 457 -4.54 -27.96 50.68
C ARG A 457 -3.81 -28.63 51.84
N ARG A 458 -2.48 -28.55 51.87
CA ARG A 458 -1.76 -29.15 52.99
C ARG A 458 -2.04 -28.43 54.30
N SER A 459 -2.09 -27.09 54.28
CA SER A 459 -2.40 -26.37 55.51
C SER A 459 -3.81 -26.68 56.01
N ASN A 460 -4.76 -26.89 55.10
CA ASN A 460 -6.10 -27.26 55.54
C ASN A 460 -6.09 -28.63 56.20
N GLN A 461 -5.19 -29.52 55.76
CA GLN A 461 -5.08 -30.85 56.36
C GLN A 461 -4.65 -30.78 57.82
N LYS A 462 -3.61 -30.00 58.12
CA LYS A 462 -3.17 -29.87 59.50
C LYS A 462 -4.17 -29.07 60.34
N LEU A 463 -4.92 -28.16 59.73
CA LEU A 463 -5.94 -27.41 60.46
C LEU A 463 -7.08 -28.32 60.86
N GLU B 1 -31.36 -19.29 -2.97
CA GLU B 1 -31.39 -20.04 -4.21
C GLU B 1 -32.49 -19.55 -5.13
N VAL B 2 -32.12 -18.82 -6.18
CA VAL B 2 -33.03 -18.41 -7.23
C VAL B 2 -32.93 -19.40 -8.37
N GLN B 3 -34.06 -20.00 -8.74
CA GLN B 3 -34.11 -20.94 -9.85
C GLN B 3 -35.13 -20.48 -10.88
N LEU B 4 -34.76 -20.60 -12.15
CA LEU B 4 -35.62 -20.27 -13.28
C LEU B 4 -35.83 -21.53 -14.12
N VAL B 5 -37.06 -21.78 -14.52
CA VAL B 5 -37.41 -22.97 -15.29
C VAL B 5 -38.23 -22.55 -16.50
N GLU B 6 -37.67 -22.72 -17.69
CA GLU B 6 -38.37 -22.46 -18.93
C GLU B 6 -39.22 -23.65 -19.35
N SER B 7 -40.23 -23.37 -20.18
CA SER B 7 -41.03 -24.42 -20.79
C SER B 7 -41.65 -23.88 -22.08
N GLY B 8 -42.15 -24.79 -22.90
CA GLY B 8 -42.90 -24.44 -24.09
C GLY B 8 -42.15 -24.57 -25.40
N GLY B 9 -40.84 -24.81 -25.37
CA GLY B 9 -40.09 -24.96 -26.60
C GLY B 9 -40.40 -26.25 -27.32
N GLY B 10 -40.07 -26.27 -28.61
CA GLY B 10 -40.28 -27.46 -29.41
C GLY B 10 -40.08 -27.16 -30.88
N LEU B 11 -40.58 -28.08 -31.72
CA LEU B 11 -40.56 -27.91 -33.16
C LEU B 11 -41.81 -27.16 -33.60
N VAL B 12 -41.64 -26.27 -34.58
CA VAL B 12 -42.75 -25.42 -35.02
C VAL B 12 -42.56 -25.11 -36.50
N ARG B 13 -43.69 -24.99 -37.20
CA ARG B 13 -43.69 -24.67 -38.62
C ARG B 13 -43.47 -23.18 -38.82
N ALA B 14 -42.78 -22.84 -39.90
CA ALA B 14 -42.55 -21.45 -40.24
C ALA B 14 -43.88 -20.72 -40.39
N GLY B 15 -43.90 -19.45 -39.99
CA GLY B 15 -45.13 -18.69 -39.89
C GLY B 15 -46.00 -19.03 -38.71
N GLY B 16 -45.72 -20.10 -37.99
CA GLY B 16 -46.50 -20.47 -36.82
C GLY B 16 -46.18 -19.61 -35.62
N SER B 17 -46.68 -20.05 -34.47
CA SER B 17 -46.55 -19.29 -33.23
C SER B 17 -46.19 -20.22 -32.08
N LEU B 18 -45.52 -19.65 -31.08
CA LEU B 18 -45.15 -20.40 -29.89
C LEU B 18 -45.13 -19.45 -28.70
N ARG B 19 -45.46 -19.97 -27.52
CA ARG B 19 -45.51 -19.18 -26.30
C ARG B 19 -44.64 -19.85 -25.24
N LEU B 20 -43.53 -19.20 -24.90
CA LEU B 20 -42.63 -19.67 -23.86
C LEU B 20 -43.04 -19.12 -22.50
N SER B 21 -42.76 -19.89 -21.46
CA SER B 21 -43.03 -19.48 -20.09
C SER B 21 -41.80 -19.76 -19.22
N CYS B 22 -41.65 -18.96 -18.17
CA CYS B 22 -40.54 -19.08 -17.24
C CYS B 22 -41.07 -18.86 -15.83
N ALA B 23 -40.84 -19.82 -14.94
CA ALA B 23 -41.27 -19.75 -13.55
C ALA B 23 -40.07 -19.46 -12.67
N ALA B 24 -40.22 -18.51 -11.76
CA ALA B 24 -39.09 -17.92 -11.07
C ALA B 24 -39.30 -17.92 -9.56
N SER B 25 -38.33 -18.48 -8.83
CA SER B 25 -38.33 -18.51 -7.38
C SER B 25 -37.60 -17.30 -6.80
N LEU B 26 -38.10 -16.12 -7.13
CA LEU B 26 -37.43 -14.85 -6.86
C LEU B 26 -37.41 -14.46 -5.38
N ARG B 27 -38.02 -15.25 -4.49
CA ARG B 27 -38.07 -14.84 -3.08
C ARG B 27 -36.68 -14.76 -2.46
N ASP B 28 -35.72 -15.55 -2.95
CA ASP B 28 -34.37 -15.52 -2.42
C ASP B 28 -33.52 -14.41 -3.01
N LEU B 29 -34.01 -13.71 -4.02
CA LEU B 29 -33.21 -12.69 -4.71
C LEU B 29 -32.94 -11.51 -3.79
N HIS B 30 -31.71 -10.98 -3.85
CA HIS B 30 -31.24 -9.96 -2.92
C HIS B 30 -31.84 -8.58 -3.16
N THR B 31 -32.53 -8.35 -4.27
CA THR B 31 -33.14 -7.05 -4.56
C THR B 31 -34.59 -7.25 -4.94
N ARG B 32 -35.36 -6.17 -4.83
CA ARG B 32 -36.70 -6.13 -5.37
C ARG B 32 -36.82 -5.32 -6.66
N THR B 33 -35.77 -4.60 -7.04
CA THR B 33 -35.72 -3.91 -8.31
C THR B 33 -34.86 -4.71 -9.28
N PHE B 34 -35.48 -5.20 -10.35
CA PHE B 34 -34.77 -6.00 -11.34
C PHE B 34 -35.61 -6.09 -12.59
N TYR B 35 -34.96 -6.44 -13.69
CA TYR B 35 -35.61 -6.80 -14.93
C TYR B 35 -35.63 -8.33 -15.08
N MET B 36 -36.58 -8.82 -15.86
CA MET B 36 -36.50 -10.18 -16.38
C MET B 36 -36.54 -10.14 -17.90
N GLY B 37 -35.90 -11.11 -18.53
CA GLY B 37 -35.80 -11.06 -19.98
C GLY B 37 -35.46 -12.39 -20.59
N TRP B 38 -35.36 -12.38 -21.92
CA TRP B 38 -35.14 -13.57 -22.72
C TRP B 38 -33.93 -13.38 -23.62
N PHE B 39 -33.12 -14.42 -23.73
CA PHE B 39 -31.94 -14.43 -24.57
C PHE B 39 -31.99 -15.67 -25.46
N ARG B 40 -31.30 -15.61 -26.60
CA ARG B 40 -31.18 -16.78 -27.45
C ARG B 40 -29.73 -16.98 -27.86
N GLN B 41 -29.36 -18.24 -28.05
CA GLN B 41 -28.01 -18.61 -28.44
C GLN B 41 -28.05 -19.59 -29.61
N ASP B 42 -27.38 -19.24 -30.68
CA ASP B 42 -26.98 -20.19 -31.70
C ASP B 42 -25.72 -20.92 -31.24
N PRO B 43 -25.51 -22.17 -31.68
CA PRO B 43 -24.46 -22.99 -31.06
C PRO B 43 -23.06 -22.44 -31.21
N GLY B 44 -22.81 -21.59 -32.22
CA GLY B 44 -21.51 -20.99 -32.40
C GLY B 44 -21.38 -19.53 -32.03
N LYS B 45 -22.37 -18.95 -31.36
CA LYS B 45 -22.46 -17.50 -31.22
C LYS B 45 -22.76 -17.12 -29.78
N GLU B 46 -22.55 -15.84 -29.48
CA GLU B 46 -22.88 -15.31 -28.16
C GLU B 46 -24.39 -15.18 -27.99
N ARG B 47 -24.82 -15.16 -26.72
CA ARG B 47 -26.23 -15.02 -26.40
C ARG B 47 -26.73 -13.64 -26.84
N GLU B 48 -27.66 -13.62 -27.78
CA GLU B 48 -28.35 -12.40 -28.17
C GLU B 48 -29.46 -12.03 -27.21
N PHE B 49 -29.63 -10.73 -26.99
CA PHE B 49 -30.82 -10.19 -26.36
C PHE B 49 -32.04 -10.45 -27.23
N VAL B 50 -33.17 -10.77 -26.59
CA VAL B 50 -34.43 -11.00 -27.29
C VAL B 50 -35.56 -10.11 -26.78
N ALA B 51 -35.74 -10.05 -25.46
CA ALA B 51 -36.73 -9.18 -24.86
C ALA B 51 -36.38 -8.97 -23.39
N ALA B 52 -36.87 -7.87 -22.83
CA ALA B 52 -36.78 -7.63 -21.39
C ALA B 52 -38.00 -6.86 -20.91
N ILE B 53 -38.36 -7.08 -19.66
CA ILE B 53 -39.50 -6.44 -19.02
C ILE B 53 -39.08 -5.94 -17.64
N ASP B 54 -39.50 -4.73 -17.29
CA ASP B 54 -39.34 -4.22 -15.95
C ASP B 54 -40.36 -4.88 -15.04
N TRP B 55 -39.89 -5.57 -14.00
CA TRP B 55 -40.77 -6.36 -13.16
C TRP B 55 -41.76 -5.49 -12.39
N ASN B 56 -41.42 -4.24 -12.12
CA ASN B 56 -42.31 -3.35 -11.39
C ASN B 56 -43.19 -2.51 -12.32
N THR B 57 -42.58 -1.90 -13.34
CA THR B 57 -43.27 -0.97 -14.20
C THR B 57 -43.97 -1.64 -15.37
N GLY B 58 -43.51 -2.81 -15.80
CA GLY B 58 -44.09 -3.48 -16.94
C GLY B 58 -43.63 -2.98 -18.29
N ALA B 59 -42.67 -2.05 -18.33
CA ALA B 59 -42.11 -1.60 -19.59
C ALA B 59 -41.38 -2.73 -20.30
N ALA B 60 -41.70 -2.91 -21.58
CA ALA B 60 -41.09 -3.94 -22.40
C ALA B 60 -40.05 -3.33 -23.33
N SER B 61 -39.00 -4.09 -23.60
CA SER B 61 -37.91 -3.64 -24.45
C SER B 61 -37.55 -4.75 -25.43
N TYR B 62 -37.20 -4.38 -26.66
CA TYR B 62 -36.89 -5.33 -27.71
C TYR B 62 -35.76 -4.79 -28.56
N PRO B 63 -34.92 -5.68 -29.10
CA PRO B 63 -34.00 -5.27 -30.16
C PRO B 63 -34.73 -5.10 -31.48
N ASP B 64 -34.13 -4.31 -32.37
CA ASP B 64 -34.75 -4.03 -33.65
C ASP B 64 -34.90 -5.27 -34.52
N SER B 65 -34.12 -6.32 -34.26
CA SER B 65 -34.23 -7.53 -35.08
C SER B 65 -35.58 -8.22 -34.96
N VAL B 66 -36.32 -7.96 -33.88
CA VAL B 66 -37.54 -8.72 -33.61
C VAL B 66 -38.72 -7.83 -33.25
N LYS B 67 -38.57 -6.51 -33.32
CA LYS B 67 -39.63 -5.59 -32.92
C LYS B 67 -40.93 -5.89 -33.65
N GLY B 68 -42.00 -6.05 -32.87
CA GLY B 68 -43.31 -6.36 -33.39
C GLY B 68 -43.58 -7.83 -33.68
N ARG B 69 -42.54 -8.66 -33.76
CA ARG B 69 -42.75 -10.09 -33.88
C ARG B 69 -43.05 -10.74 -32.53
N PHE B 70 -42.20 -10.48 -31.53
CA PHE B 70 -42.32 -11.13 -30.23
C PHE B 70 -42.79 -10.11 -29.19
N THR B 71 -43.53 -10.61 -28.19
CA THR B 71 -44.00 -9.79 -27.09
C THR B 71 -43.70 -10.48 -25.77
N ILE B 72 -43.21 -9.72 -24.80
CA ILE B 72 -42.93 -10.21 -23.45
C ILE B 72 -44.00 -9.71 -22.51
N SER B 73 -44.40 -10.56 -21.56
CA SER B 73 -45.37 -10.16 -20.55
C SER B 73 -45.00 -10.85 -19.25
N LYS B 74 -45.64 -10.40 -18.16
CA LYS B 74 -45.36 -10.91 -16.84
C LYS B 74 -46.67 -11.11 -16.09
N ASP B 75 -46.60 -11.92 -15.04
CA ASP B 75 -47.65 -12.00 -14.03
C ASP B 75 -46.97 -12.10 -12.69
N ASN B 76 -46.98 -11.00 -11.93
CA ASN B 76 -46.28 -10.95 -10.65
C ASN B 76 -46.85 -11.92 -9.64
N ALA B 77 -48.15 -12.22 -9.71
CA ALA B 77 -48.73 -13.14 -8.73
C ALA B 77 -48.35 -14.58 -8.99
N ARG B 78 -48.09 -14.94 -10.24
CA ARG B 78 -47.60 -16.26 -10.60
C ARG B 78 -46.09 -16.39 -10.49
N ASN B 79 -45.36 -15.28 -10.41
CA ASN B 79 -43.92 -15.25 -10.62
C ASN B 79 -43.54 -15.90 -11.95
N ALA B 80 -44.19 -15.42 -13.01
CA ALA B 80 -44.00 -15.97 -14.35
C ALA B 80 -43.70 -14.87 -15.34
N VAL B 81 -42.94 -15.22 -16.37
CA VAL B 81 -42.63 -14.33 -17.49
C VAL B 81 -42.93 -15.09 -18.77
N TYR B 82 -43.49 -14.39 -19.77
CA TYR B 82 -43.92 -15.03 -20.99
C TYR B 82 -43.33 -14.33 -22.20
N LEU B 83 -43.05 -15.11 -23.24
CA LEU B 83 -42.62 -14.61 -24.53
C LEU B 83 -43.44 -15.30 -25.60
N GLN B 84 -44.37 -14.58 -26.21
CA GLN B 84 -45.15 -15.13 -27.31
C GLN B 84 -44.48 -14.76 -28.62
N MET B 85 -44.15 -15.77 -29.42
CA MET B 85 -43.47 -15.58 -30.69
C MET B 85 -44.45 -15.83 -31.83
N ASN B 86 -44.58 -14.85 -32.72
CA ASN B 86 -45.48 -14.93 -33.86
C ASN B 86 -44.70 -14.67 -35.13
N ASN B 87 -45.22 -15.19 -36.24
CA ASN B 87 -44.58 -15.09 -37.55
C ASN B 87 -43.15 -15.61 -37.49
N LEU B 88 -43.01 -16.81 -36.97
CA LEU B 88 -41.69 -17.42 -36.81
C LEU B 88 -41.00 -17.61 -38.16
N LYS B 89 -39.68 -17.53 -38.12
CA LYS B 89 -38.79 -17.59 -39.27
C LYS B 89 -37.67 -18.59 -38.99
N PRO B 90 -37.08 -19.17 -40.03
CA PRO B 90 -35.99 -20.13 -39.82
C PRO B 90 -34.85 -19.60 -38.96
N GLU B 91 -34.52 -18.32 -39.07
CA GLU B 91 -33.44 -17.74 -38.28
C GLU B 91 -33.70 -17.75 -36.79
N ASP B 92 -34.95 -17.98 -36.37
CA ASP B 92 -35.31 -17.97 -34.95
C ASP B 92 -34.88 -19.22 -34.19
N THR B 93 -34.33 -20.23 -34.85
CA THR B 93 -33.92 -21.44 -34.13
C THR B 93 -32.72 -21.15 -33.24
N ALA B 94 -32.89 -21.41 -31.95
CA ALA B 94 -31.89 -21.12 -30.93
C ALA B 94 -32.37 -21.74 -29.62
N VAL B 95 -31.44 -21.86 -28.68
CA VAL B 95 -31.82 -22.11 -27.29
C VAL B 95 -32.21 -20.77 -26.66
N TYR B 96 -33.41 -20.73 -26.08
CA TYR B 96 -33.93 -19.52 -25.45
C TYR B 96 -33.84 -19.64 -23.94
N TYR B 97 -33.25 -18.64 -23.30
CA TYR B 97 -33.04 -18.60 -21.86
C TYR B 97 -33.81 -17.44 -21.26
N CYS B 98 -34.52 -17.67 -20.16
CA CYS B 98 -35.00 -16.57 -19.34
C CYS B 98 -33.93 -16.21 -18.32
N ALA B 99 -33.89 -14.92 -17.96
CA ALA B 99 -32.93 -14.43 -17.00
C ALA B 99 -33.59 -13.40 -16.09
N VAL B 100 -33.09 -13.31 -14.87
CA VAL B 100 -33.36 -12.20 -13.97
C VAL B 100 -32.07 -11.42 -13.80
N GLY B 101 -32.15 -10.10 -13.91
CA GLY B 101 -30.92 -9.35 -13.96
C GLY B 101 -31.11 -7.87 -13.76
N ARG B 102 -30.04 -7.14 -13.97
CA ARG B 102 -29.89 -5.71 -13.76
C ARG B 102 -30.48 -4.95 -14.94
N PRO B 103 -31.16 -3.83 -14.69
CA PRO B 103 -31.64 -3.00 -15.78
C PRO B 103 -30.50 -2.48 -16.63
N PRO B 104 -30.66 -2.42 -17.95
CA PRO B 104 -31.84 -2.82 -18.73
C PRO B 104 -31.92 -4.28 -19.23
N LEU B 105 -31.03 -5.17 -18.77
CA LEU B 105 -30.92 -6.53 -19.32
C LEU B 105 -30.76 -6.54 -20.84
N ASN B 106 -30.13 -5.50 -21.38
CA ASN B 106 -29.89 -5.43 -22.81
C ASN B 106 -28.77 -6.36 -23.25
N ARG B 107 -28.00 -6.93 -22.33
CA ARG B 107 -26.85 -7.75 -22.66
C ARG B 107 -26.63 -8.79 -21.59
N PRO B 108 -26.07 -9.95 -21.94
CA PRO B 108 -26.04 -11.07 -20.99
C PRO B 108 -25.18 -10.85 -19.76
N THR B 109 -24.22 -9.93 -19.83
CA THR B 109 -23.40 -9.60 -18.68
C THR B 109 -24.22 -9.06 -17.50
N LEU B 110 -25.42 -8.56 -17.74
CA LEU B 110 -26.25 -7.95 -16.71
C LEU B 110 -27.07 -8.95 -15.89
N ALA B 111 -27.21 -10.19 -16.35
CA ALA B 111 -28.03 -11.16 -15.63
C ALA B 111 -27.42 -11.55 -14.29
N TYR B 112 -28.30 -11.73 -13.29
CA TYR B 112 -27.92 -12.37 -12.05
C TYR B 112 -27.94 -13.89 -12.19
N TYR B 113 -29.01 -14.44 -12.74
CA TYR B 113 -29.21 -15.87 -12.81
C TYR B 113 -29.80 -16.24 -14.16
N TRP B 114 -29.53 -17.47 -14.58
CA TRP B 114 -29.90 -17.99 -15.88
C TRP B 114 -30.72 -19.26 -15.73
N GLY B 115 -31.72 -19.41 -16.59
CA GLY B 115 -32.40 -20.67 -16.75
C GLY B 115 -31.57 -21.67 -17.54
N GLN B 116 -32.11 -22.88 -17.66
CA GLN B 116 -31.44 -23.95 -18.37
C GLN B 116 -31.60 -23.85 -19.89
N GLY B 117 -32.52 -23.03 -20.37
CA GLY B 117 -32.76 -22.91 -21.80
C GLY B 117 -33.70 -23.95 -22.37
N THR B 118 -34.44 -23.55 -23.41
CA THR B 118 -35.33 -24.44 -24.12
C THR B 118 -35.06 -24.34 -25.62
N GLN B 119 -34.96 -25.49 -26.28
CA GLN B 119 -34.69 -25.51 -27.71
C GLN B 119 -35.96 -25.17 -28.49
N VAL B 120 -35.83 -24.22 -29.41
CA VAL B 120 -36.89 -23.91 -30.37
C VAL B 120 -36.33 -24.17 -31.77
N THR B 121 -36.97 -25.07 -32.49
CA THR B 121 -36.59 -25.40 -33.86
C THR B 121 -37.69 -24.96 -34.82
N VAL B 122 -37.35 -24.08 -35.75
CA VAL B 122 -38.28 -23.55 -36.73
C VAL B 122 -37.92 -24.15 -38.08
N SER B 123 -38.91 -24.79 -38.72
CA SER B 123 -38.67 -25.60 -39.90
C SER B 123 -39.63 -25.19 -41.01
N SER B 124 -39.13 -25.13 -42.23
CA SER B 124 -39.96 -24.87 -43.39
C SER B 124 -40.81 -26.09 -43.75
N GLU C 1 -31.57 17.69 -3.29
CA GLU C 1 -31.26 19.00 -2.75
C GLU C 1 -32.48 19.62 -2.07
N VAL C 2 -32.26 20.76 -1.42
CA VAL C 2 -33.34 21.59 -0.90
C VAL C 2 -33.19 22.99 -1.49
N GLN C 3 -34.30 23.55 -1.95
CA GLN C 3 -34.34 24.91 -2.46
C GLN C 3 -34.91 25.84 -1.41
N LEU C 4 -34.22 26.94 -1.15
CA LEU C 4 -34.62 27.91 -0.14
C LEU C 4 -34.86 29.25 -0.83
N VAL C 5 -35.95 29.93 -0.45
CA VAL C 5 -36.30 31.22 -1.05
C VAL C 5 -36.73 32.18 0.06
N GLU C 6 -35.93 33.22 0.30
CA GLU C 6 -36.23 34.19 1.33
C GLU C 6 -37.25 35.21 0.86
N SER C 7 -37.87 35.88 1.83
CA SER C 7 -38.65 37.07 1.59
C SER C 7 -38.65 37.91 2.85
N GLY C 8 -39.02 39.18 2.71
CA GLY C 8 -39.20 40.07 3.84
C GLY C 8 -38.05 41.00 4.14
N GLY C 9 -36.98 40.99 3.36
CA GLY C 9 -35.94 41.99 3.48
C GLY C 9 -36.40 43.36 3.04
N GLY C 10 -35.58 44.36 3.37
CA GLY C 10 -35.85 45.73 2.98
C GLY C 10 -35.21 46.69 3.95
N LEU C 11 -35.56 47.97 3.77
CA LEU C 11 -35.15 49.02 4.70
C LEU C 11 -36.08 49.09 5.90
N VAL C 12 -35.51 49.42 7.05
CA VAL C 12 -36.27 49.54 8.29
C VAL C 12 -35.60 50.58 9.18
N GLN C 13 -36.42 51.27 9.98
CA GLN C 13 -35.93 52.28 10.90
C GLN C 13 -35.39 51.60 12.16
N PRO C 14 -34.28 52.09 12.72
CA PRO C 14 -33.75 51.50 13.95
C PRO C 14 -34.74 51.54 15.10
N GLY C 15 -34.60 50.56 15.99
CA GLY C 15 -35.57 50.30 17.03
C GLY C 15 -36.83 49.60 16.58
N GLY C 16 -37.06 49.45 15.28
CA GLY C 16 -38.25 48.80 14.78
C GLY C 16 -38.11 47.29 14.71
N SER C 17 -38.96 46.69 13.88
CA SER C 17 -39.07 45.24 13.80
C SER C 17 -39.30 44.81 12.36
N LEU C 18 -38.89 43.58 12.05
CA LEU C 18 -39.06 43.02 10.71
C LEU C 18 -39.20 41.51 10.83
N ARG C 19 -39.92 40.92 9.87
CA ARG C 19 -40.28 39.49 9.94
C ARG C 19 -39.84 38.81 8.64
N LEU C 20 -38.67 38.19 8.68
CA LEU C 20 -38.15 37.43 7.55
C LEU C 20 -38.88 36.09 7.41
N SER C 21 -39.03 35.65 6.16
CA SER C 21 -39.67 34.38 5.88
C SER C 21 -38.89 33.65 4.79
N CYS C 22 -38.82 32.33 4.90
CA CYS C 22 -38.11 31.50 3.95
C CYS C 22 -38.90 30.23 3.70
N SER C 23 -39.11 29.91 2.43
CA SER C 23 -39.82 28.71 2.03
C SER C 23 -38.85 27.63 1.56
N ALA C 24 -39.09 26.39 1.98
CA ALA C 24 -38.23 25.28 1.64
C ALA C 24 -39.00 24.24 0.84
N SER C 25 -38.33 23.63 -0.12
CA SER C 25 -38.89 22.51 -0.87
C SER C 25 -37.78 21.52 -1.19
N GLY C 26 -38.13 20.25 -1.18
CA GLY C 26 -37.17 19.18 -1.34
C GLY C 26 -37.44 18.06 -0.36
N SER C 27 -36.43 17.22 -0.16
CA SER C 27 -36.53 16.07 0.75
C SER C 27 -36.42 16.52 2.21
N LEU C 28 -37.36 17.37 2.61
CA LEU C 28 -37.29 18.02 3.91
C LEU C 28 -37.38 17.04 5.08
N SER C 29 -37.80 15.80 4.83
CA SER C 29 -37.75 14.77 5.86
C SER C 29 -36.33 14.38 6.22
N THR C 30 -35.34 14.80 5.46
CA THR C 30 -33.95 14.55 5.74
C THR C 30 -33.27 15.75 6.39
N ILE C 31 -33.99 16.83 6.64
CA ILE C 31 -33.39 18.07 7.13
C ILE C 31 -33.44 18.09 8.65
N LYS C 32 -32.28 18.27 9.27
CA LYS C 32 -32.15 18.24 10.72
C LYS C 32 -32.51 19.58 11.34
N ALA C 33 -31.98 20.67 10.81
CA ALA C 33 -32.23 22.00 11.36
C ALA C 33 -32.44 23.01 10.24
N LEU C 34 -33.34 23.95 10.47
CA LEU C 34 -33.54 25.12 9.65
C LEU C 34 -33.21 26.35 10.49
N GLY C 35 -32.75 27.41 9.85
CA GLY C 35 -32.40 28.61 10.59
C GLY C 35 -31.86 29.71 9.71
N TRP C 36 -31.15 30.65 10.33
CA TRP C 36 -30.71 31.87 9.67
C TRP C 36 -29.24 32.15 9.96
N TYR C 37 -28.54 32.63 8.95
CA TYR C 37 -27.15 33.05 9.03
C TYR C 37 -26.99 34.51 8.64
N ARG C 38 -25.93 35.12 9.13
CA ARG C 38 -25.64 36.53 8.96
C ARG C 38 -24.24 36.71 8.42
N ARG C 39 -24.06 37.58 7.44
CA ARG C 39 -22.77 38.21 7.19
C ARG C 39 -22.91 39.71 7.25
N ALA C 40 -22.09 40.34 8.07
CA ALA C 40 -21.85 41.77 7.99
C ALA C 40 -20.89 42.05 6.85
N PRO C 41 -20.83 43.28 6.36
CA PRO C 41 -19.91 43.57 5.25
C PRO C 41 -18.48 43.24 5.63
N GLY C 42 -17.79 42.53 4.73
CA GLY C 42 -16.38 42.25 4.90
C GLY C 42 -16.01 41.19 5.91
N ARG C 43 -16.97 40.41 6.40
CA ARG C 43 -16.65 39.37 7.38
C ARG C 43 -17.44 38.10 7.09
N GLU C 44 -17.03 37.02 7.76
CA GLU C 44 -17.56 35.69 7.58
C GLU C 44 -19.01 35.56 8.04
N ARG C 45 -19.67 34.50 7.56
CA ARG C 45 -21.03 34.18 7.95
C ARG C 45 -21.10 33.86 9.45
N GLU C 46 -22.17 34.29 10.09
CA GLU C 46 -22.38 34.00 11.50
C GLU C 46 -23.78 33.43 11.70
N LEU C 47 -23.91 32.49 12.63
CA LEU C 47 -25.22 31.97 12.99
C LEU C 47 -26.05 33.03 13.69
N VAL C 48 -27.34 33.04 13.40
CA VAL C 48 -28.32 33.86 14.12
C VAL C 48 -29.26 32.99 14.96
N ALA C 49 -29.96 32.07 14.32
CA ALA C 49 -30.93 31.22 14.99
C ALA C 49 -31.07 29.92 14.21
N SER C 50 -31.44 28.85 14.91
CA SER C 50 -31.77 27.60 14.26
C SER C 50 -32.82 26.86 15.07
N ILE C 51 -33.61 26.04 14.38
CA ILE C 51 -34.68 25.27 15.01
C ILE C 51 -34.64 23.86 14.44
N THR C 52 -34.70 22.87 15.33
CA THR C 52 -34.75 21.47 14.93
C THR C 52 -36.16 21.05 14.53
N SER C 53 -36.24 19.86 13.93
CA SER C 53 -37.54 19.29 13.60
C SER C 53 -38.41 19.07 14.82
N ALA C 54 -37.79 18.87 15.98
CA ALA C 54 -38.50 18.74 17.25
C ALA C 54 -38.88 20.08 17.86
N GLY C 55 -38.43 21.18 17.29
CA GLY C 55 -38.68 22.50 17.84
C GLY C 55 -37.63 22.99 18.82
N GLU C 56 -36.70 22.13 19.22
CA GLU C 56 -35.56 22.59 20.00
C GLU C 56 -34.81 23.68 19.24
N THR C 57 -34.52 24.78 19.92
CA THR C 57 -34.08 26.00 19.26
C THR C 57 -32.85 26.55 19.97
N ASN C 58 -31.96 27.16 19.20
CA ASN C 58 -30.79 27.80 19.76
C ASN C 58 -30.54 29.12 19.06
N TYR C 59 -29.72 29.96 19.71
CA TYR C 59 -29.50 31.33 19.30
C TYR C 59 -28.05 31.70 19.50
N ALA C 60 -27.57 32.64 18.69
CA ALA C 60 -26.29 33.25 18.96
C ALA C 60 -26.40 34.17 20.17
N ASP C 61 -25.23 34.48 20.77
CA ASP C 61 -25.23 35.29 21.98
C ASP C 61 -25.90 36.64 21.75
N SER C 62 -25.76 37.20 20.55
CA SER C 62 -26.42 38.47 20.25
C SER C 62 -27.93 38.31 20.14
N ALA C 63 -28.41 37.13 19.77
CA ALA C 63 -29.83 36.89 19.57
C ALA C 63 -30.57 36.52 20.85
N LYS C 64 -29.86 36.03 21.87
CA LYS C 64 -30.47 35.43 23.04
C LYS C 64 -31.52 36.35 23.66
N GLY C 65 -32.77 35.88 23.68
CA GLY C 65 -33.90 36.65 24.15
C GLY C 65 -34.32 37.80 23.26
N ARG C 66 -33.51 38.19 22.29
CA ARG C 66 -33.84 39.31 21.42
C ARG C 66 -34.65 38.90 20.19
N PHE C 67 -34.38 37.73 19.62
CA PHE C 67 -35.06 37.25 18.42
C PHE C 67 -35.84 35.97 18.71
N THR C 68 -36.75 35.63 17.80
CA THR C 68 -37.50 34.38 17.88
C THR C 68 -37.62 33.73 16.51
N VAL C 69 -37.47 32.41 16.47
CA VAL C 69 -37.54 31.62 15.24
C VAL C 69 -38.71 30.65 15.34
N SER C 70 -39.37 30.40 14.22
CA SER C 70 -40.53 29.52 14.20
C SER C 70 -40.66 28.87 12.83
N THR C 71 -41.51 27.84 12.76
CA THR C 71 -41.76 27.11 11.53
C THR C 71 -43.24 26.77 11.41
N ASP C 72 -43.66 26.50 10.18
CA ASP C 72 -44.92 25.81 9.90
C ASP C 72 -44.62 24.63 8.98
N ASN C 73 -44.77 23.41 9.51
CA ASN C 73 -44.25 22.24 8.80
C ASN C 73 -45.16 21.83 7.64
N ALA C 74 -46.47 21.99 7.79
CA ALA C 74 -47.39 21.60 6.73
C ALA C 74 -47.23 22.42 5.46
N LYS C 75 -46.57 23.58 5.54
CA LYS C 75 -46.31 24.40 4.36
C LYS C 75 -44.83 24.68 4.16
N ASN C 76 -43.97 24.07 4.96
CA ASN C 76 -42.51 24.16 4.82
C ASN C 76 -42.03 25.61 4.77
N THR C 77 -42.35 26.37 5.82
CA THR C 77 -41.91 27.75 5.94
C THR C 77 -41.07 27.93 7.20
N VAL C 78 -40.13 28.87 7.14
CA VAL C 78 -39.29 29.23 8.27
C VAL C 78 -39.37 30.74 8.46
N ASP C 79 -39.57 31.18 9.70
CA ASP C 79 -39.74 32.59 9.98
C ASP C 79 -38.80 33.03 11.08
N LEU C 80 -38.26 34.25 10.94
CA LEU C 80 -37.46 34.89 11.97
C LEU C 80 -38.06 36.27 12.22
N ARG C 81 -38.51 36.51 13.43
CA ARG C 81 -38.99 37.83 13.82
C ARG C 81 -37.84 38.65 14.39
N MET C 82 -37.49 39.73 13.70
CA MET C 82 -36.51 40.69 14.17
C MET C 82 -37.23 41.74 15.01
N ASN C 83 -36.72 42.02 16.19
CA ASN C 83 -37.26 43.07 17.03
C ASN C 83 -36.14 43.75 17.80
N SER C 84 -36.38 45.01 18.18
CA SER C 84 -35.36 45.89 18.76
C SER C 84 -34.14 45.95 17.85
N LEU C 85 -34.38 46.26 16.58
CA LEU C 85 -33.32 46.33 15.59
C LEU C 85 -32.29 47.39 15.95
N LYS C 86 -31.07 46.94 16.23
CA LYS C 86 -29.93 47.79 16.54
C LYS C 86 -29.19 48.19 15.27
N PRO C 87 -28.42 49.28 15.32
CA PRO C 87 -27.68 49.70 14.12
C PRO C 87 -26.71 48.66 13.57
N GLU C 88 -26.14 47.80 14.42
CA GLU C 88 -25.21 46.79 13.95
C GLU C 88 -25.88 45.65 13.19
N ASP C 89 -27.20 45.52 13.28
CA ASP C 89 -27.90 44.37 12.73
C ASP C 89 -28.04 44.40 11.21
N THR C 90 -27.68 45.49 10.54
CA THR C 90 -27.76 45.53 9.08
C THR C 90 -26.77 44.56 8.46
N ALA C 91 -27.29 43.66 7.61
CA ALA C 91 -26.51 42.54 7.08
C ALA C 91 -27.32 41.86 6.00
N VAL C 92 -26.67 40.96 5.27
CA VAL C 92 -27.37 40.00 4.43
C VAL C 92 -27.70 38.77 5.26
N TYR C 93 -28.97 38.40 5.26
CA TYR C 93 -29.46 37.25 6.03
C TYR C 93 -29.80 36.10 5.09
N TYR C 94 -29.23 34.93 5.37
CA TYR C 94 -29.47 33.71 4.61
C TYR C 94 -30.23 32.72 5.46
N CYS C 95 -31.30 32.14 4.91
CA CYS C 95 -31.84 30.94 5.51
C CYS C 95 -31.05 29.73 5.07
N TYR C 96 -31.02 28.70 5.92
CA TYR C 96 -30.23 27.51 5.62
C TYR C 96 -31.00 26.27 6.06
N ALA C 97 -30.64 25.15 5.42
CA ALA C 97 -31.09 23.82 5.82
C ALA C 97 -29.89 22.93 6.02
N GLU C 98 -29.86 22.19 7.12
CA GLU C 98 -28.81 21.23 7.42
C GLU C 98 -29.39 19.83 7.48
N SER C 99 -28.83 18.94 6.67
CA SER C 99 -29.24 17.54 6.60
C SER C 99 -28.67 16.73 7.76
N PHE C 100 -29.33 15.61 8.05
CA PHE C 100 -28.78 14.64 8.99
C PHE C 100 -27.39 14.14 8.58
N VAL C 101 -27.07 14.19 7.30
CA VAL C 101 -25.78 13.71 6.81
C VAL C 101 -24.79 14.86 6.69
N LEU C 102 -25.06 15.98 7.37
CA LEU C 102 -24.27 17.19 7.47
C LEU C 102 -24.19 18.05 6.21
N ASN C 103 -25.04 17.84 5.21
CA ASN C 103 -25.05 18.74 4.07
C ASN C 103 -25.73 20.04 4.47
N ILE C 104 -25.27 21.15 3.90
CA ILE C 104 -25.83 22.45 4.19
C ILE C 104 -26.27 23.12 2.89
N TYR C 105 -27.45 23.71 2.92
CA TYR C 105 -28.08 24.37 1.79
C TYR C 105 -28.37 25.82 2.14
N TRP C 106 -28.16 26.73 1.19
CA TRP C 106 -28.27 28.16 1.43
C TRP C 106 -29.28 28.81 0.51
N GLY C 107 -29.98 29.80 1.04
CA GLY C 107 -30.80 30.67 0.24
C GLY C 107 -29.96 31.69 -0.50
N GLN C 108 -30.65 32.55 -1.26
CA GLN C 108 -29.97 33.55 -2.06
C GLN C 108 -29.47 34.72 -1.22
N GLY C 109 -29.96 34.86 0.00
CA GLY C 109 -29.67 36.02 0.81
C GLY C 109 -30.59 37.18 0.55
N THR C 110 -31.10 37.78 1.63
CA THR C 110 -31.93 38.97 1.56
C THR C 110 -31.34 39.99 2.53
N GLN C 111 -31.34 41.26 2.12
CA GLN C 111 -30.62 42.29 2.84
C GLN C 111 -31.54 43.07 3.77
N VAL C 112 -31.10 43.22 5.01
CA VAL C 112 -31.73 44.13 5.97
C VAL C 112 -30.78 45.30 6.15
N THR C 113 -31.26 46.51 5.88
CA THR C 113 -30.51 47.72 6.14
C THR C 113 -31.25 48.56 7.16
N VAL C 114 -30.53 49.00 8.19
CA VAL C 114 -31.09 49.78 9.28
C VAL C 114 -30.62 51.22 9.14
N SER C 115 -31.55 52.16 9.23
CA SER C 115 -31.20 53.57 9.08
C SER C 115 -30.25 54.01 10.18
N SER C 116 -29.52 55.10 9.90
CA SER C 116 -28.58 55.63 10.88
C SER C 116 -29.27 56.22 12.10
N GLY C 117 -30.54 56.60 11.97
CA GLY C 117 -31.30 57.12 13.08
C GLY C 117 -30.82 58.48 13.56
N GLN D 1 25.64 -20.29 20.20
CA GLN D 1 25.23 -20.17 18.81
C GLN D 1 24.12 -21.15 18.47
N ILE D 2 23.66 -21.10 17.22
CA ILE D 2 22.48 -21.86 16.80
C ILE D 2 22.82 -23.34 16.80
N ASP D 3 21.95 -24.15 17.42
CA ASP D 3 22.09 -25.60 17.37
C ASP D 3 21.06 -26.15 16.39
N ILE D 4 21.44 -26.14 15.10
CA ILE D 4 20.51 -26.47 14.03
C ILE D 4 20.02 -27.91 14.15
N THR D 5 20.89 -28.82 14.56
CA THR D 5 20.52 -30.24 14.58
C THR D 5 19.41 -30.52 15.59
N LYS D 6 19.54 -30.02 16.82
CA LYS D 6 18.50 -30.27 17.81
C LYS D 6 17.19 -29.57 17.45
N LEU D 7 17.27 -28.36 16.92
CA LEU D 7 16.06 -27.62 16.58
C LEU D 7 15.20 -28.34 15.56
N GLN D 8 15.76 -29.23 14.75
CA GLN D 8 14.94 -30.03 13.84
C GLN D 8 13.92 -30.88 14.59
N HIS D 9 14.25 -31.31 15.81
CA HIS D 9 13.35 -32.15 16.58
C HIS D 9 12.13 -31.42 17.11
N VAL D 10 12.10 -30.10 17.07
CA VAL D 10 10.90 -29.35 17.40
C VAL D 10 10.29 -28.71 16.16
N GLY D 11 10.69 -29.16 14.97
CA GLY D 11 10.18 -28.60 13.74
C GLY D 11 10.70 -27.24 13.36
N VAL D 12 11.80 -26.80 13.96
CA VAL D 12 12.41 -25.51 13.64
C VAL D 12 13.57 -25.75 12.70
N LEU D 13 13.49 -25.19 11.51
CA LEU D 13 14.44 -25.46 10.42
C LEU D 13 15.20 -24.18 10.12
N VAL D 14 16.50 -24.19 10.41
CA VAL D 14 17.36 -23.02 10.20
C VAL D 14 18.19 -23.27 8.96
N ASN D 15 18.15 -22.32 8.02
CA ASN D 15 18.73 -22.57 6.71
C ASN D 15 19.23 -21.27 6.11
N SER D 16 19.96 -21.40 5.01
CA SER D 16 20.44 -20.32 4.15
C SER D 16 21.25 -19.28 4.90
N PRO D 17 22.44 -19.62 5.39
CA PRO D 17 23.31 -18.61 5.98
C PRO D 17 23.79 -17.62 4.93
N LYS D 18 23.41 -16.36 5.08
CA LYS D 18 23.83 -15.30 4.17
C LYS D 18 24.55 -14.20 4.95
N GLY D 19 25.59 -13.64 4.34
CA GLY D 19 26.34 -12.55 4.93
C GLY D 19 25.58 -11.24 4.88
N MET D 20 26.18 -10.20 5.45
CA MET D 20 25.52 -8.89 5.44
C MET D 20 26.49 -7.78 5.08
N LYS D 21 26.04 -6.88 4.21
CA LYS D 21 26.75 -5.67 3.84
C LYS D 21 25.98 -4.46 4.33
N ILE D 22 26.67 -3.53 5.01
CA ILE D 22 26.05 -2.31 5.51
C ILE D 22 26.68 -1.10 4.84
N SER D 23 25.84 -0.13 4.48
CA SER D 23 26.26 1.16 3.95
C SER D 23 26.68 2.07 5.11
N GLN D 24 27.90 1.87 5.59
CA GLN D 24 28.40 2.64 6.73
C GLN D 24 28.76 4.07 6.36
N ASN D 25 28.95 4.39 5.08
CA ASN D 25 29.26 5.74 4.65
C ASN D 25 28.56 6.02 3.34
N PHE D 26 28.40 7.31 3.03
CA PHE D 26 27.73 7.76 1.83
C PHE D 26 28.51 8.88 1.16
N GLU D 27 28.53 8.85 -0.17
CA GLU D 27 29.11 9.91 -0.99
C GLU D 27 27.95 10.76 -1.52
N THR D 28 28.06 12.07 -1.36
CA THR D 28 26.96 12.99 -1.68
C THR D 28 27.14 13.69 -3.01
N ARG D 29 26.04 13.78 -3.76
CA ARG D 29 25.96 14.47 -5.04
C ARG D 29 24.71 15.35 -4.99
N TYR D 30 24.71 16.43 -5.76
CA TYR D 30 23.60 17.37 -5.72
C TYR D 30 22.84 17.42 -7.04
N LEU D 31 21.52 17.43 -6.94
CA LEU D 31 20.62 17.46 -8.10
C LEU D 31 19.62 18.60 -7.96
N ILE D 32 19.58 19.50 -8.94
CA ILE D 32 18.65 20.62 -8.96
C ILE D 32 17.54 20.29 -9.94
N LEU D 33 16.30 20.23 -9.45
CA LEU D 33 15.14 20.02 -10.29
C LEU D 33 14.46 21.36 -10.55
N SER D 34 14.51 21.84 -11.79
CA SER D 34 13.92 23.12 -12.18
C SER D 34 12.61 22.81 -12.88
N LEU D 35 11.50 23.04 -12.20
CA LEU D 35 10.19 22.53 -12.58
C LEU D 35 9.50 23.28 -13.71
N ILE D 36 9.93 24.49 -14.07
CA ILE D 36 9.27 25.26 -15.12
C ILE D 36 10.09 25.17 -16.40
N PRO D 37 9.53 24.67 -17.50
CA PRO D 37 10.26 24.64 -18.76
C PRO D 37 10.27 26.01 -19.42
N LYS D 38 11.23 26.20 -20.32
CA LYS D 38 11.37 27.47 -21.04
C LYS D 38 10.86 27.36 -22.47
N ILE D 39 10.01 28.31 -22.86
CA ILE D 39 9.48 28.41 -24.20
C ILE D 39 10.15 29.62 -24.86
N GLU D 40 10.37 29.54 -26.17
CA GLU D 40 11.04 30.62 -26.87
C GLU D 40 10.30 31.94 -26.70
N ASP D 41 11.00 32.94 -26.17
CA ASP D 41 10.42 34.24 -25.88
C ASP D 41 9.93 34.96 -27.13
N SER D 42 10.38 34.56 -28.31
CA SER D 42 9.94 35.19 -29.55
C SER D 42 8.45 35.00 -29.83
N ASN D 43 7.79 34.02 -29.21
CA ASN D 43 6.40 33.75 -29.53
C ASN D 43 5.44 33.89 -28.35
N SER D 44 5.92 33.82 -27.12
CA SER D 44 5.10 33.96 -25.91
C SER D 44 4.00 32.91 -25.80
N CYS D 45 4.12 31.80 -26.54
CA CYS D 45 3.12 30.75 -26.47
C CYS D 45 3.29 29.95 -25.19
N GLY D 46 2.18 29.41 -24.69
CA GLY D 46 2.21 28.58 -23.51
C GLY D 46 2.23 29.30 -22.19
N ASP D 47 2.20 30.64 -22.20
CA ASP D 47 2.23 31.39 -20.95
C ASP D 47 1.04 31.06 -20.05
N GLN D 48 -0.15 30.94 -20.63
CA GLN D 48 -1.34 30.66 -19.83
C GLN D 48 -1.28 29.26 -19.24
N GLN D 49 -0.76 28.30 -20.00
CA GLN D 49 -0.61 26.94 -19.51
C GLN D 49 0.42 26.84 -18.39
N ILE D 50 1.51 27.59 -18.50
CA ILE D 50 2.50 27.62 -17.42
C ILE D 50 1.91 28.25 -16.17
N LYS D 51 1.09 29.29 -16.31
CA LYS D 51 0.44 29.87 -15.13
C LYS D 51 -0.41 28.83 -14.40
N GLN D 52 -1.19 28.04 -15.14
CA GLN D 52 -2.02 27.03 -14.50
C GLN D 52 -1.17 25.95 -13.86
N TYR D 53 -0.10 25.54 -14.53
CA TYR D 53 0.81 24.53 -14.01
C TYR D 53 1.48 25.01 -12.72
N LYS D 54 1.87 26.28 -12.69
CA LYS D 54 2.46 26.86 -11.48
C LYS D 54 1.49 26.80 -10.30
N ARG D 55 0.20 27.06 -10.53
CA ARG D 55 -0.79 26.96 -9.47
C ARG D 55 -0.89 25.54 -8.94
N LEU D 56 -0.67 24.55 -9.78
CA LEU D 56 -0.65 23.17 -9.31
C LEU D 56 0.60 22.88 -8.49
N LEU D 57 1.75 23.43 -8.91
CA LEU D 57 3.00 23.18 -8.21
C LEU D 57 2.95 23.63 -6.76
N ASP D 58 2.27 24.73 -6.48
CA ASP D 58 2.14 25.20 -5.10
C ASP D 58 1.58 24.13 -4.18
N ARG D 59 0.69 23.28 -4.67
CA ARG D 59 0.15 22.23 -3.83
C ARG D 59 1.18 21.16 -3.45
N LEU D 60 2.38 21.18 -4.03
CA LEU D 60 3.41 20.26 -3.60
C LEU D 60 4.71 20.91 -3.16
N ILE D 61 5.08 22.07 -3.72
CA ILE D 61 6.33 22.69 -3.27
C ILE D 61 6.17 23.46 -1.96
N ILE D 62 4.99 24.01 -1.65
CA ILE D 62 4.82 24.71 -0.38
C ILE D 62 4.84 23.74 0.80
N PRO D 63 4.15 22.59 0.75
CA PRO D 63 4.36 21.60 1.81
C PRO D 63 5.81 21.14 1.95
N LEU D 64 6.55 21.01 0.85
CA LEU D 64 7.97 20.68 0.96
C LEU D 64 8.75 21.79 1.66
N TYR D 65 8.44 23.04 1.34
CA TYR D 65 9.12 24.16 1.98
C TYR D 65 8.89 24.16 3.48
N ASP D 66 7.65 23.94 3.90
CA ASP D 66 7.33 23.95 5.32
C ASP D 66 8.11 22.89 6.09
N GLY D 67 8.25 21.71 5.50
CA GLY D 67 9.02 20.66 6.16
C GLY D 67 10.50 20.99 6.24
N LEU D 68 11.07 21.51 5.15
CA LEU D 68 12.47 21.91 5.15
C LEU D 68 12.70 23.07 6.12
N ARG D 69 11.78 24.04 6.14
CA ARG D 69 11.88 25.14 7.09
C ARG D 69 11.88 24.65 8.53
N LEU D 70 11.03 23.67 8.82
CA LEU D 70 11.00 23.10 10.17
C LEU D 70 12.34 22.45 10.54
N GLN D 71 13.01 21.82 9.59
CA GLN D 71 14.32 21.22 9.86
C GLN D 71 15.39 22.29 10.06
N LYS D 72 15.38 23.34 9.24
CA LYS D 72 16.35 24.40 9.40
C LYS D 72 16.20 25.18 10.70
N ASP D 73 15.05 25.12 11.33
CA ASP D 73 14.82 25.86 12.57
C ASP D 73 15.32 25.15 13.82
N VAL D 74 15.87 23.93 13.72
CA VAL D 74 16.35 23.25 14.91
C VAL D 74 17.61 23.91 15.45
N ILE D 75 18.49 24.34 14.56
CA ILE D 75 19.75 24.99 14.92
C ILE D 75 19.74 26.41 14.39
N VAL D 76 20.00 27.38 15.26
CA VAL D 76 20.04 28.78 14.88
C VAL D 76 21.32 29.07 14.11
N THR D 89 34.54 28.12 16.55
CA THR D 89 33.28 28.33 15.87
C THR D 89 33.10 27.32 14.75
N GLU D 90 31.96 27.41 14.05
CA GLU D 90 31.75 26.68 12.81
C GLU D 90 32.87 26.94 11.81
N ARG D 91 33.04 26.03 10.85
CA ARG D 91 34.12 26.05 9.87
C ARG D 91 35.48 25.76 10.50
N PHE D 92 35.51 25.29 11.73
CA PHE D 92 36.72 24.77 12.35
C PHE D 92 36.46 23.37 12.89
N PHE D 93 37.43 22.49 12.70
CA PHE D 93 37.30 21.10 13.11
C PHE D 93 37.19 21.02 14.62
N GLY D 94 36.13 20.38 15.11
CA GLY D 94 35.86 20.36 16.53
C GLY D 94 35.22 21.61 17.06
N GLY D 95 34.78 22.52 16.20
CA GLY D 95 34.06 23.70 16.61
C GLY D 95 32.59 23.44 16.87
N VAL D 96 31.92 24.50 17.29
CA VAL D 96 30.50 24.45 17.62
C VAL D 96 29.68 24.51 16.34
N ILE D 97 28.61 23.73 16.28
CA ILE D 97 27.77 23.70 15.10
C ILE D 97 26.77 24.85 15.10
N GLY D 98 26.12 25.11 16.22
CA GLY D 98 25.23 26.24 16.32
C GLY D 98 24.59 26.29 17.68
N THR D 99 23.54 27.11 17.79
CA THR D 99 22.80 27.28 19.02
C THR D 99 21.50 26.49 18.97
N ILE D 100 21.19 25.82 20.08
CA ILE D 100 19.93 25.09 20.19
C ILE D 100 18.77 26.07 20.15
N ALA D 101 17.82 25.82 19.26
CA ALA D 101 16.63 26.63 19.13
C ALA D 101 15.62 26.32 20.24
N LEU D 102 14.76 27.29 20.50
CA LEU D 102 13.62 27.10 21.40
C LEU D 102 12.60 26.18 20.75
N GLY D 103 12.47 24.98 21.29
CA GLY D 103 11.56 23.99 20.75
C GLY D 103 11.91 22.61 21.27
N VAL D 104 11.42 21.61 20.57
CA VAL D 104 11.78 20.22 20.83
C VAL D 104 12.25 19.61 19.52
N ALA D 105 13.37 18.88 19.57
CA ALA D 105 13.89 18.19 18.41
C ALA D 105 14.46 16.85 18.86
N THR D 106 13.95 15.77 18.29
CA THR D 106 14.47 14.44 18.56
C THR D 106 15.77 14.22 17.81
N SER D 107 16.49 13.16 18.22
CA SER D 107 17.78 12.86 17.62
C SER D 107 17.72 12.76 16.10
N ALA D 108 16.62 12.24 15.56
CA ALA D 108 16.45 12.22 14.12
C ALA D 108 16.39 13.61 13.54
N GLN D 109 15.67 14.52 14.18
CA GLN D 109 15.58 15.90 13.71
C GLN D 109 16.91 16.63 13.85
N ILE D 110 17.68 16.34 14.90
CA ILE D 110 18.99 16.94 15.04
C ILE D 110 19.94 16.49 13.95
N THR D 111 19.90 15.20 13.60
CA THR D 111 20.74 14.71 12.50
C THR D 111 20.38 15.39 11.19
N ALA D 112 19.09 15.54 10.90
CA ALA D 112 18.67 16.26 9.71
C ALA D 112 19.15 17.71 9.73
N ALA D 113 19.04 18.37 10.88
CA ALA D 113 19.49 19.75 10.99
C ALA D 113 20.99 19.86 10.79
N VAL D 114 21.76 18.95 11.38
CA VAL D 114 23.21 18.96 11.21
C VAL D 114 23.59 18.71 9.76
N ALA D 115 22.87 17.83 9.08
CA ALA D 115 23.13 17.58 7.67
C ALA D 115 22.93 18.83 6.82
N LEU D 116 21.99 19.68 7.19
CA LEU D 116 21.78 20.92 6.45
C LEU D 116 22.90 21.92 6.69
N VAL D 117 23.49 21.92 7.89
CA VAL D 117 24.63 22.79 8.14
C VAL D 117 25.84 22.35 7.32
N GLU D 118 25.98 21.05 7.08
CA GLU D 118 27.09 20.57 6.26
C GLU D 118 26.90 20.97 4.79
N ALA D 119 25.67 20.96 4.30
CA ALA D 119 25.34 21.30 2.92
C ALA D 119 25.37 22.80 2.66
N LYS D 120 25.48 23.62 3.69
CA LYS D 120 25.50 25.07 3.53
C LYS D 120 26.59 25.53 2.57
N GLN D 121 27.77 24.91 2.66
CA GLN D 121 28.88 25.31 1.81
C GLN D 121 28.62 25.01 0.34
N ALA D 122 27.74 24.06 0.04
CA ALA D 122 27.37 23.78 -1.34
C ALA D 122 26.33 24.76 -1.86
N ARG D 123 25.43 25.21 -0.99
CA ARG D 123 24.36 26.10 -1.41
C ARG D 123 24.89 27.40 -2.01
N SER D 124 26.02 27.89 -1.50
CA SER D 124 26.59 29.11 -2.05
C SER D 124 27.16 28.93 -3.45
N ASP D 125 27.44 27.69 -3.87
CA ASP D 125 27.78 27.44 -5.26
C ASP D 125 26.56 27.14 -6.13
N ILE D 126 25.60 26.40 -5.58
CA ILE D 126 24.37 26.09 -6.31
C ILE D 126 23.59 27.36 -6.67
N GLU D 127 23.64 28.37 -5.81
CA GLU D 127 22.97 29.63 -6.11
C GLU D 127 23.59 30.39 -7.28
N LYS D 128 24.82 30.09 -7.65
CA LYS D 128 25.38 30.68 -8.86
C LYS D 128 24.88 29.97 -10.11
N LEU D 129 24.87 28.64 -10.10
CA LEU D 129 24.38 27.88 -11.26
C LEU D 129 22.92 28.18 -11.56
N LYS D 130 22.11 28.43 -10.53
CA LYS D 130 20.70 28.76 -10.73
C LYS D 130 20.50 29.94 -11.67
N GLU D 131 21.43 30.89 -11.68
CA GLU D 131 21.30 32.02 -12.60
C GLU D 131 21.50 31.59 -14.05
N ALA D 132 22.39 30.62 -14.29
CA ALA D 132 22.59 30.11 -15.64
C ALA D 132 21.44 29.19 -16.07
N ILE D 133 20.92 28.39 -15.14
CA ILE D 133 19.84 27.45 -15.46
C ILE D 133 18.57 28.18 -15.90
N ARG D 134 18.35 29.39 -15.40
CA ARG D 134 17.10 30.10 -15.69
C ARG D 134 16.87 30.28 -17.18
N ASP D 135 17.82 30.92 -17.86
CA ASP D 135 17.62 31.26 -19.27
C ASP D 135 17.95 30.13 -20.22
N THR D 136 18.55 29.05 -19.75
CA THR D 136 19.05 28.00 -20.63
C THR D 136 17.91 27.08 -21.06
N ASN D 137 17.96 26.64 -22.31
CA ASN D 137 16.98 25.73 -22.89
C ASN D 137 17.37 24.27 -22.74
N LYS D 138 18.49 23.96 -22.11
CA LYS D 138 18.96 22.59 -22.03
C LYS D 138 18.16 21.81 -20.99
N ALA D 139 17.88 20.54 -21.30
CA ALA D 139 17.11 19.70 -20.40
C ALA D 139 17.96 19.16 -19.26
N VAL D 140 19.18 18.74 -19.55
CA VAL D 140 20.11 18.24 -18.53
C VAL D 140 21.42 18.99 -18.71
N GLN D 141 21.94 19.50 -17.60
CA GLN D 141 23.14 20.33 -17.61
C GLN D 141 23.95 20.02 -16.36
N SER D 142 25.28 20.08 -16.49
CA SER D 142 26.18 19.75 -15.39
C SER D 142 27.25 20.83 -15.27
N VAL D 143 27.48 21.28 -14.04
CA VAL D 143 28.50 22.29 -13.77
C VAL D 143 29.28 21.96 -12.51
N LEU D 150 30.29 17.06 -9.55
CA LEU D 150 29.55 18.10 -10.26
C LEU D 150 28.09 18.13 -9.83
N ILE D 151 27.42 19.24 -10.12
CA ILE D 151 26.00 19.43 -9.82
C ILE D 151 25.21 19.28 -11.11
N VAL D 152 24.19 18.43 -11.07
CA VAL D 152 23.36 18.16 -12.23
C VAL D 152 22.05 18.93 -12.09
N ALA D 153 21.59 19.52 -13.20
CA ALA D 153 20.34 20.25 -13.23
C ALA D 153 19.46 19.71 -14.35
N ILE D 154 18.17 19.54 -14.05
CA ILE D 154 17.20 19.00 -14.99
C ILE D 154 16.00 19.95 -15.08
N LYS D 155 15.57 20.26 -16.29
CA LYS D 155 14.36 21.05 -16.52
C LYS D 155 13.24 20.11 -16.96
N SER D 156 12.10 20.22 -16.28
CA SER D 156 11.07 19.19 -16.25
C SER D 156 10.65 18.62 -17.60
N VAL D 157 10.10 19.44 -18.48
CA VAL D 157 9.58 18.93 -19.75
C VAL D 157 10.44 19.41 -20.93
N GLN D 158 11.66 19.85 -20.67
CA GLN D 158 12.33 20.71 -21.64
C GLN D 158 12.68 19.94 -22.92
N ASP D 159 12.99 18.65 -22.81
CA ASP D 159 13.26 17.85 -24.01
C ASP D 159 12.03 17.75 -24.90
N TYR D 160 10.87 17.47 -24.31
CA TYR D 160 9.63 17.45 -25.08
C TYR D 160 9.31 18.80 -25.68
N VAL D 161 9.53 19.88 -24.90
CA VAL D 161 9.26 21.22 -25.41
C VAL D 161 10.15 21.55 -26.60
N ASN D 162 11.43 21.21 -26.52
CA ASN D 162 12.35 21.53 -27.61
C ASN D 162 12.02 20.77 -28.88
N LYS D 163 11.66 19.49 -28.76
CA LYS D 163 11.50 18.64 -29.93
C LYS D 163 10.07 18.47 -30.38
N GLU D 164 9.09 19.00 -29.65
CA GLU D 164 7.70 18.95 -30.08
C GLU D 164 7.04 20.31 -30.16
N ILE D 165 7.02 21.07 -29.07
CA ILE D 165 6.23 22.30 -29.02
C ILE D 165 6.83 23.38 -29.92
N VAL D 166 8.15 23.57 -29.86
CA VAL D 166 8.77 24.60 -30.70
C VAL D 166 8.65 24.30 -32.19
N PRO D 167 8.86 23.07 -32.67
CA PRO D 167 8.50 22.77 -34.07
C PRO D 167 7.04 23.10 -34.39
N CYS D 168 6.13 22.74 -33.49
CA CYS D 168 4.71 22.94 -33.71
C CYS D 168 4.35 24.41 -33.97
N ILE D 169 4.95 25.33 -33.21
CA ILE D 169 4.54 26.73 -33.28
C ILE D 169 4.67 27.30 -34.68
N ALA D 170 5.63 26.82 -35.46
CA ALA D 170 5.63 27.13 -36.89
C ALA D 170 4.60 26.26 -37.62
N ARG D 171 4.65 24.95 -37.37
CA ARG D 171 3.85 24.01 -38.15
C ARG D 171 2.36 24.23 -38.00
N LEU D 172 1.88 24.49 -36.78
CA LEU D 172 0.45 24.56 -36.51
C LEU D 172 -0.04 25.86 -35.89
N GLY D 173 0.85 26.80 -35.59
CA GLY D 173 0.44 28.04 -34.98
C GLY D 173 0.39 28.00 -33.46
N CYS D 174 0.48 29.20 -32.87
CA CYS D 174 0.61 29.35 -31.42
C CYS D 174 -0.56 28.77 -30.64
N GLU D 175 -1.79 28.97 -31.09
CA GLU D 175 -2.95 28.51 -30.32
C GLU D 175 -3.10 26.99 -30.33
N ALA D 176 -2.75 26.33 -31.43
CA ALA D 176 -2.88 24.88 -31.46
C ALA D 176 -1.83 24.17 -30.62
N CYS D 177 -0.63 24.75 -30.49
CA CYS D 177 0.43 24.10 -29.75
C CYS D 177 0.34 24.31 -28.25
N GLY D 178 -0.33 25.37 -27.81
CA GLY D 178 -0.52 25.57 -26.37
C GLY D 178 -1.23 24.40 -25.71
N LEU D 179 -2.24 23.84 -26.38
CA LEU D 179 -2.96 22.71 -25.82
C LEU D 179 -2.07 21.48 -25.69
N LEU D 180 -1.05 21.35 -26.53
CA LEU D 180 -0.16 20.20 -26.42
C LEU D 180 0.76 20.35 -25.21
N LEU D 181 1.18 21.58 -24.92
CA LEU D 181 2.01 21.83 -23.74
C LEU D 181 1.23 21.56 -22.46
N GLY D 182 -0.03 22.03 -22.40
CA GLY D 182 -0.84 21.81 -21.23
C GLY D 182 -0.98 20.35 -20.84
N LEU D 183 -1.20 19.49 -21.83
CA LEU D 183 -1.31 18.06 -21.55
C LEU D 183 0.00 17.50 -21.02
N ALA D 184 1.13 17.93 -21.60
CA ALA D 184 2.43 17.42 -21.16
C ALA D 184 2.72 17.85 -19.72
N LEU D 185 2.45 19.11 -19.40
CA LEU D 185 2.70 19.60 -18.05
C LEU D 185 1.86 18.88 -17.02
N ASP D 186 0.59 18.61 -17.35
CA ASP D 186 -0.29 17.91 -16.42
C ASP D 186 0.14 16.47 -16.19
N GLN D 187 0.69 15.81 -17.21
CA GLN D 187 1.24 14.48 -16.99
C GLN D 187 2.42 14.54 -16.04
N HIS D 188 3.31 15.53 -16.22
CA HIS D 188 4.45 15.69 -15.34
C HIS D 188 4.04 15.99 -13.91
N TYR D 189 2.97 16.77 -13.73
CA TYR D 189 2.48 17.03 -12.38
C TYR D 189 1.99 15.76 -11.70
N SER D 190 1.35 14.87 -12.45
CA SER D 190 0.84 13.64 -11.86
C SER D 190 1.98 12.78 -11.34
N GLU D 191 3.08 12.72 -12.08
CA GLU D 191 4.23 11.94 -11.66
C GLU D 191 5.05 12.64 -10.59
N LEU D 192 5.02 13.97 -10.54
CA LEU D 192 5.60 14.71 -9.43
C LEU D 192 4.86 14.44 -8.12
N THR D 193 3.54 14.35 -8.18
CA THR D 193 2.75 14.11 -6.97
C THR D 193 3.04 12.75 -6.35
N ASN D 194 3.27 11.73 -7.17
CA ASN D 194 3.56 10.41 -6.64
C ASN D 194 4.84 10.41 -5.80
N ILE D 195 5.82 11.21 -6.18
CA ILE D 195 7.08 11.27 -5.46
C ILE D 195 7.03 12.22 -4.27
N PHE D 196 6.59 13.46 -4.51
CA PHE D 196 6.68 14.51 -3.50
C PHE D 196 5.41 14.70 -2.68
N GLY D 197 4.28 14.17 -3.12
CA GLY D 197 3.04 14.31 -2.39
C GLY D 197 2.90 13.33 -1.25
N GLY D 207 9.87 8.81 3.38
CA GLY D 207 10.66 9.80 2.67
C GLY D 207 10.68 9.57 1.18
N ILE D 208 11.58 10.26 0.49
CA ILE D 208 11.68 10.22 -0.97
C ILE D 208 12.91 9.41 -1.34
N LYS D 209 12.70 8.37 -2.15
CA LYS D 209 13.77 7.49 -2.61
C LYS D 209 14.28 7.91 -3.98
N LEU D 210 15.57 7.63 -4.21
CA LEU D 210 16.20 7.93 -5.50
C LEU D 210 15.52 7.19 -6.64
N GLN D 211 14.92 6.04 -6.37
CA GLN D 211 14.19 5.29 -7.38
C GLN D 211 13.13 6.14 -8.05
N GLY D 212 12.43 6.97 -7.29
CA GLY D 212 11.38 7.80 -7.88
C GLY D 212 11.94 8.88 -8.78
N ILE D 213 12.97 9.60 -8.32
CA ILE D 213 13.58 10.65 -9.13
C ILE D 213 14.18 10.08 -10.40
N ALA D 214 14.88 8.94 -10.29
CA ALA D 214 15.43 8.30 -11.48
C ALA D 214 14.35 7.84 -12.44
N SER D 215 13.17 7.48 -11.93
CA SER D 215 12.08 7.07 -12.80
C SER D 215 11.58 8.20 -13.69
N LEU D 216 11.47 9.41 -13.14
CA LEU D 216 10.98 10.54 -13.93
C LEU D 216 11.92 10.88 -15.08
N TYR D 217 13.19 11.08 -14.76
CA TYR D 217 14.15 11.67 -15.69
C TYR D 217 15.04 10.62 -16.35
N ARG D 218 14.64 9.35 -16.31
CA ARG D 218 15.27 8.29 -17.10
C ARG D 218 16.79 8.27 -17.00
N LYS D 232 31.11 -0.93 -10.76
CA LYS D 232 30.48 -2.08 -10.14
C LYS D 232 29.43 -2.68 -11.05
N TYR D 233 29.32 -4.01 -11.00
CA TYR D 233 28.46 -4.77 -11.92
C TYR D 233 27.38 -5.56 -11.21
N ASP D 234 27.30 -5.48 -9.88
CA ASP D 234 26.33 -6.25 -9.12
C ASP D 234 24.98 -5.55 -9.17
N ILE D 235 24.01 -6.17 -9.84
CA ILE D 235 22.67 -5.62 -9.96
C ILE D 235 22.07 -5.29 -8.61
N TYR D 236 22.39 -6.08 -7.59
CA TYR D 236 21.78 -5.86 -6.29
C TYR D 236 22.36 -4.64 -5.60
N ASP D 237 23.61 -4.28 -5.94
CA ASP D 237 24.16 -3.03 -5.43
C ASP D 237 23.50 -1.82 -6.09
N LEU D 238 23.14 -1.94 -7.37
CA LEU D 238 22.39 -0.87 -8.03
C LEU D 238 21.00 -0.73 -7.43
N LEU D 239 20.30 -1.84 -7.22
CA LEU D 239 18.98 -1.79 -6.61
C LEU D 239 19.02 -1.16 -5.22
N PHE D 240 20.06 -1.46 -4.45
CA PHE D 240 20.20 -0.88 -3.12
C PHE D 240 20.44 0.61 -3.17
N THR D 241 21.21 1.08 -4.15
CA THR D 241 21.47 2.50 -4.28
C THR D 241 20.18 3.29 -4.50
N GLU D 242 19.29 2.78 -5.33
CA GLU D 242 18.00 3.43 -5.54
C GLU D 242 17.11 3.40 -4.31
N SER D 243 17.36 2.50 -3.37
CA SER D 243 16.57 2.42 -2.15
C SER D 243 16.86 3.56 -1.19
N ILE D 244 18.04 4.18 -1.29
CA ILE D 244 18.44 5.20 -0.34
C ILE D 244 17.58 6.45 -0.51
N LYS D 245 17.23 7.06 0.61
CA LYS D 245 16.43 8.28 0.63
C LYS D 245 17.26 9.49 0.23
N VAL D 246 16.72 10.31 -0.66
CA VAL D 246 17.33 11.60 -0.98
C VAL D 246 16.98 12.62 0.10
N ARG D 247 17.84 13.62 0.24
CA ARG D 247 17.68 14.69 1.22
C ARG D 247 17.42 16.01 0.50
N VAL D 248 16.28 16.64 0.80
CA VAL D 248 15.95 17.95 0.26
C VAL D 248 16.82 19.02 0.91
N ILE D 249 17.42 19.87 0.08
CA ILE D 249 18.34 20.90 0.55
C ILE D 249 17.78 22.30 0.37
N ASP D 250 16.95 22.54 -0.64
CA ASP D 250 16.34 23.84 -0.84
C ASP D 250 15.05 23.66 -1.64
N VAL D 251 14.09 24.54 -1.39
CA VAL D 251 12.85 24.63 -2.15
C VAL D 251 12.64 26.11 -2.45
N ASP D 252 12.94 26.51 -3.68
CA ASP D 252 12.87 27.91 -4.09
C ASP D 252 11.48 28.18 -4.65
N LEU D 253 10.69 28.92 -3.90
CA LEU D 253 9.32 29.22 -4.30
C LEU D 253 9.23 30.31 -5.34
N ASN D 254 10.33 30.99 -5.65
CA ASN D 254 10.33 32.00 -6.69
C ASN D 254 10.55 31.36 -8.05
N ASP D 255 11.55 30.49 -8.17
CA ASP D 255 11.91 29.88 -9.43
C ASP D 255 11.41 28.45 -9.56
N TYR D 256 10.60 28.00 -8.62
CA TYR D 256 10.02 26.65 -8.64
C TYR D 256 11.10 25.58 -8.81
N SER D 257 12.01 25.51 -7.85
CA SER D 257 13.11 24.56 -7.89
C SER D 257 13.28 23.83 -6.57
N ILE D 258 13.57 22.54 -6.65
CA ILE D 258 13.89 21.68 -5.51
C ILE D 258 15.35 21.25 -5.66
N THR D 259 16.15 21.45 -4.62
CA THR D 259 17.53 20.98 -4.61
C THR D 259 17.61 19.74 -3.73
N LEU D 260 18.13 18.65 -4.28
CA LEU D 260 18.21 17.39 -3.59
C LEU D 260 19.65 16.93 -3.46
N GLN D 261 19.95 16.30 -2.33
CA GLN D 261 21.23 15.67 -2.08
C GLN D 261 21.08 14.18 -2.28
N VAL D 262 21.80 13.62 -3.23
CA VAL D 262 21.77 12.19 -3.53
C VAL D 262 22.91 11.52 -2.77
N ARG D 263 22.61 10.42 -2.10
CA ARG D 263 23.56 9.71 -1.27
C ARG D 263 23.88 8.36 -1.89
N LEU D 264 25.16 8.13 -2.17
CA LEU D 264 25.61 6.90 -2.80
C LEU D 264 26.26 6.01 -1.76
N PRO D 265 25.73 4.82 -1.50
CA PRO D 265 26.29 3.95 -0.46
C PRO D 265 27.70 3.47 -0.73
N LEU D 266 28.49 3.40 0.33
CA LEU D 266 29.76 2.69 0.35
C LEU D 266 29.48 1.44 1.17
N LEU D 267 29.53 0.28 0.53
CA LEU D 267 29.14 -0.98 1.16
C LEU D 267 30.34 -1.72 1.73
N THR D 268 30.22 -2.15 2.98
CA THR D 268 31.26 -2.91 3.65
C THR D 268 30.67 -4.19 4.22
N ARG D 269 31.34 -5.32 3.94
CA ARG D 269 30.86 -6.62 4.39
C ARG D 269 31.28 -6.85 5.84
N LEU D 270 30.30 -7.02 6.72
CA LEU D 270 30.61 -7.24 8.13
C LEU D 270 31.11 -8.67 8.33
N LEU D 271 32.23 -8.79 9.03
CA LEU D 271 32.78 -10.07 9.40
C LEU D 271 31.96 -10.71 10.53
N ASN D 272 32.06 -12.03 10.61
CA ASN D 272 31.45 -12.83 11.69
C ASN D 272 29.95 -12.56 11.83
N THR D 273 29.31 -12.14 10.74
CA THR D 273 27.88 -11.84 10.74
C THR D 273 27.19 -12.76 9.75
N GLN D 274 26.19 -13.49 10.24
CA GLN D 274 25.40 -14.40 9.41
C GLN D 274 23.93 -14.20 9.71
N ILE D 275 23.12 -14.13 8.66
CA ILE D 275 21.68 -14.04 8.76
C ILE D 275 21.08 -15.34 8.25
N TYR D 276 20.23 -15.95 9.06
CA TYR D 276 19.56 -17.20 8.72
C TYR D 276 18.07 -16.99 8.61
N LYS D 277 17.45 -17.61 7.62
CA LYS D 277 16.00 -17.73 7.61
C LYS D 277 15.63 -18.97 8.42
N VAL D 278 14.52 -18.90 9.16
CA VAL D 278 14.04 -20.03 9.94
C VAL D 278 12.56 -20.25 9.65
N ASP D 279 12.19 -21.50 9.40
CA ASP D 279 10.81 -21.92 9.18
C ASP D 279 10.40 -22.97 10.22
N SER D 280 9.17 -22.86 10.72
CA SER D 280 8.62 -23.79 11.69
C SER D 280 7.52 -24.63 11.07
N ILE D 281 7.63 -25.94 11.18
CA ILE D 281 6.60 -26.86 10.73
C ILE D 281 5.73 -27.27 11.92
N SER D 282 4.58 -27.87 11.63
CA SER D 282 3.68 -28.34 12.66
C SER D 282 4.32 -29.41 13.53
N TYR D 283 3.99 -29.37 14.81
CA TYR D 283 4.52 -30.27 15.82
C TYR D 283 3.36 -30.94 16.54
N ASN D 284 3.38 -32.27 16.61
CA ASN D 284 2.28 -33.02 17.23
C ASN D 284 2.39 -33.08 18.74
N ILE D 285 1.32 -32.67 19.42
CA ILE D 285 1.15 -32.87 20.86
C ILE D 285 -0.23 -33.44 21.08
N GLN D 286 -0.29 -34.73 21.42
CA GLN D 286 -1.53 -35.46 21.67
C GLN D 286 -2.58 -35.23 20.58
N ASN D 287 -2.16 -35.44 19.33
CA ASN D 287 -2.99 -35.29 18.14
C ASN D 287 -3.52 -33.89 17.91
N ARG D 288 -2.85 -32.87 18.44
CA ARG D 288 -3.20 -31.49 18.17
C ARG D 288 -1.96 -30.81 17.60
N GLU D 289 -2.14 -29.92 16.63
CA GLU D 289 -1.03 -29.32 15.91
C GLU D 289 -0.55 -28.02 16.56
N TRP D 290 0.70 -28.01 16.99
CA TRP D 290 1.37 -26.85 17.59
C TRP D 290 2.54 -26.45 16.71
N TYR D 291 3.10 -25.26 16.97
CA TYR D 291 4.36 -24.90 16.35
C TYR D 291 5.09 -23.86 17.18
N ILE D 292 6.38 -23.71 16.91
CA ILE D 292 7.24 -22.74 17.60
C ILE D 292 7.20 -21.44 16.81
N PRO D 293 6.58 -20.38 17.34
CA PRO D 293 6.46 -19.08 16.63
C PRO D 293 7.71 -18.21 16.67
N LEU D 294 8.79 -18.68 16.07
CA LEU D 294 10.04 -17.91 16.00
C LEU D 294 9.98 -16.80 14.95
N PRO D 295 10.83 -15.78 15.07
CA PRO D 295 10.90 -14.72 14.05
C PRO D 295 11.39 -15.24 12.71
N SER D 296 11.05 -14.50 11.65
CA SER D 296 11.37 -14.93 10.30
C SER D 296 12.87 -15.01 10.02
N HIS D 297 13.68 -14.15 10.64
CA HIS D 297 15.13 -14.19 10.44
C HIS D 297 15.85 -14.04 11.77
N ILE D 298 16.97 -14.73 11.90
CA ILE D 298 17.84 -14.64 13.06
C ILE D 298 19.25 -14.30 12.59
N MET D 299 20.01 -13.70 13.48
CA MET D 299 21.34 -13.18 13.17
C MET D 299 22.34 -13.53 14.26
N THR D 300 23.55 -13.86 13.84
CA THR D 300 24.67 -14.08 14.76
C THR D 300 25.80 -13.10 14.45
N LYS D 301 26.44 -12.59 15.52
CA LYS D 301 27.61 -11.72 15.42
C LYS D 301 28.59 -12.23 16.48
N GLY D 302 29.31 -13.30 16.16
CA GLY D 302 30.04 -14.00 17.18
C GLY D 302 29.13 -14.67 18.20
N ALA D 303 29.26 -14.29 19.47
CA ALA D 303 28.43 -14.87 20.52
C ALA D 303 27.01 -14.31 20.54
N PHE D 304 26.84 -13.08 20.06
CA PHE D 304 25.50 -12.48 19.99
C PHE D 304 24.58 -13.25 19.04
N LEU D 305 23.36 -13.49 19.50
CA LEU D 305 22.32 -14.14 18.71
C LEU D 305 21.02 -13.35 18.88
N GLY D 306 20.44 -12.93 17.76
CA GLY D 306 19.23 -12.14 17.80
C GLY D 306 18.49 -12.22 16.48
N GLY D 307 17.38 -11.48 16.41
CA GLY D 307 16.59 -11.43 15.21
C GLY D 307 17.11 -10.43 14.20
N ALA D 308 16.60 -10.53 12.99
CA ALA D 308 16.94 -9.62 11.91
C ALA D 308 15.68 -9.11 11.23
N ASP D 309 15.53 -7.79 11.15
CA ASP D 309 14.38 -7.15 10.50
C ASP D 309 14.83 -6.66 9.13
N VAL D 310 14.91 -7.59 8.19
CA VAL D 310 15.42 -7.36 6.86
C VAL D 310 14.43 -6.69 5.90
N LYS D 311 13.35 -6.12 6.43
CA LYS D 311 12.33 -5.55 5.55
C LYS D 311 12.86 -4.39 4.70
N GLU D 312 13.88 -3.69 5.17
CA GLU D 312 14.47 -2.59 4.40
C GLU D 312 15.67 -3.00 3.59
N CYS D 313 16.15 -4.23 3.75
CA CYS D 313 17.33 -4.72 3.06
C CYS D 313 16.99 -5.31 1.70
N ILE D 314 18.00 -5.36 0.83
CA ILE D 314 17.92 -6.05 -0.46
C ILE D 314 18.53 -7.43 -0.27
N GLU D 315 17.77 -8.48 -0.58
CA GLU D 315 18.27 -9.84 -0.46
C GLU D 315 18.91 -10.26 -1.78
N ALA D 316 20.23 -10.27 -1.81
CA ALA D 316 20.95 -10.80 -2.95
C ALA D 316 21.03 -12.32 -2.84
N PHE D 317 21.70 -12.96 -3.81
CA PHE D 317 21.78 -14.41 -3.81
C PHE D 317 22.65 -14.94 -2.67
N SER D 318 23.58 -14.14 -2.15
CA SER D 318 24.50 -14.61 -1.14
C SER D 318 24.67 -13.67 0.04
N SER D 319 24.08 -12.48 0.01
CA SER D 319 24.20 -11.56 1.12
C SER D 319 23.01 -10.62 1.15
N TYR D 320 22.80 -10.02 2.32
CA TYR D 320 21.80 -8.98 2.50
C TYR D 320 22.51 -7.63 2.54
N ILE D 321 21.96 -6.65 1.82
CA ILE D 321 22.51 -5.30 1.82
C ILE D 321 21.56 -4.44 2.63
N CYS D 322 22.04 -3.88 3.73
CA CYS D 322 21.19 -3.15 4.65
C CYS D 322 21.67 -1.74 4.93
N PRO D 323 20.76 -0.79 5.10
CA PRO D 323 21.17 0.59 5.40
C PRO D 323 21.78 0.72 6.79
N SER D 324 21.40 -0.13 7.71
CA SER D 324 21.87 -0.11 9.09
C SER D 324 21.69 -1.53 9.65
N ASP D 325 22.29 -1.77 10.80
CA ASP D 325 22.21 -3.09 11.42
C ASP D 325 20.77 -3.47 11.74
N PRO D 326 20.25 -4.55 11.15
CA PRO D 326 18.86 -4.97 11.39
C PRO D 326 18.62 -5.76 12.67
N GLY D 327 19.65 -6.03 13.46
CA GLY D 327 19.48 -6.89 14.62
C GLY D 327 18.58 -6.31 15.69
N PHE D 328 17.87 -7.21 16.38
CA PHE D 328 17.07 -6.86 17.55
C PHE D 328 17.15 -7.99 18.57
N VAL D 329 16.99 -7.63 19.84
CA VAL D 329 17.11 -8.57 20.95
C VAL D 329 15.85 -9.43 21.07
N LEU D 330 16.06 -10.73 21.17
CA LEU D 330 15.00 -11.73 21.30
C LEU D 330 14.59 -11.93 22.75
N ASN D 331 13.40 -12.50 22.93
CA ASN D 331 12.97 -12.95 24.24
C ASN D 331 13.93 -14.01 24.76
N HIS D 332 14.17 -14.00 26.07
CA HIS D 332 15.13 -14.93 26.66
C HIS D 332 14.81 -16.38 26.33
N GLU D 333 13.52 -16.74 26.33
CA GLU D 333 13.12 -18.09 25.96
C GLU D 333 13.38 -18.39 24.49
N MET D 334 13.24 -17.42 23.61
CA MET D 334 13.56 -17.65 22.20
C MET D 334 15.06 -17.77 21.99
N GLU D 335 15.84 -16.92 22.65
CA GLU D 335 17.30 -17.02 22.55
C GLU D 335 17.81 -18.33 23.13
N SER D 336 17.24 -18.76 24.25
CA SER D 336 17.65 -20.03 24.86
C SER D 336 17.24 -21.22 23.99
N CYS D 337 16.04 -21.16 23.42
CA CYS D 337 15.58 -22.18 22.49
C CYS D 337 16.54 -22.36 21.33
N LEU D 338 16.90 -21.26 20.67
CA LEU D 338 17.80 -21.33 19.54
C LEU D 338 19.19 -21.82 19.90
N SER D 339 19.63 -21.58 21.14
CA SER D 339 20.90 -22.10 21.62
C SER D 339 20.89 -23.59 21.94
N GLY D 340 19.79 -24.30 21.68
CA GLY D 340 19.76 -25.74 21.85
C GLY D 340 19.08 -26.23 23.10
N ASN D 341 18.57 -25.34 23.94
CA ASN D 341 17.77 -25.75 25.09
C ASN D 341 16.31 -25.78 24.63
N ILE D 342 16.01 -26.80 23.84
CA ILE D 342 14.73 -26.88 23.15
C ILE D 342 13.55 -27.07 24.09
N SER D 343 13.78 -27.51 25.33
CA SER D 343 12.70 -27.53 26.31
C SER D 343 12.09 -26.15 26.52
N GLN D 344 12.86 -25.08 26.31
CA GLN D 344 12.40 -23.72 26.55
C GLN D 344 11.62 -23.13 25.39
N CYS D 345 11.55 -23.80 24.26
CA CYS D 345 10.94 -23.20 23.08
C CYS D 345 9.46 -22.90 23.29
N PRO D 346 9.01 -21.68 23.04
CA PRO D 346 7.58 -21.37 23.13
C PRO D 346 6.80 -22.04 22.00
N ARG D 347 5.60 -22.51 22.32
CA ARG D 347 4.76 -23.19 21.34
C ARG D 347 3.36 -22.60 21.33
N THR D 348 2.76 -22.59 20.14
CA THR D 348 1.43 -22.04 19.92
C THR D 348 0.68 -22.94 18.94
N THR D 349 -0.65 -22.86 19.00
CA THR D 349 -1.51 -23.72 18.18
C THR D 349 -1.53 -23.27 16.72
N VAL D 350 -1.60 -24.24 15.82
CA VAL D 350 -1.73 -24.00 14.39
C VAL D 350 -3.16 -23.61 14.07
N THR D 351 -3.35 -22.38 13.61
CA THR D 351 -4.68 -21.87 13.28
C THR D 351 -5.03 -21.95 11.80
N SER D 352 -4.06 -22.15 10.91
CA SER D 352 -4.34 -22.15 9.48
C SER D 352 -3.32 -22.99 8.74
N ASP D 353 -3.60 -23.22 7.46
CA ASP D 353 -2.76 -23.99 6.54
C ASP D 353 -1.50 -23.26 6.12
N ILE D 354 -1.24 -22.06 6.62
CA ILE D 354 -0.02 -21.34 6.26
C ILE D 354 1.20 -22.05 6.82
N VAL D 355 1.05 -22.64 8.00
CA VAL D 355 2.13 -23.40 8.64
C VAL D 355 2.37 -24.68 7.85
N PRO D 356 3.58 -24.90 7.33
CA PRO D 356 3.85 -26.15 6.61
C PRO D 356 3.82 -27.34 7.54
N ARG D 357 3.35 -28.47 7.01
CA ARG D 357 3.34 -29.72 7.75
C ARG D 357 4.57 -30.57 7.51
N TYR D 358 5.36 -30.29 6.49
CA TYR D 358 6.53 -31.09 6.17
C TYR D 358 7.56 -30.21 5.46
N ALA D 359 8.82 -30.65 5.49
CA ALA D 359 9.86 -29.98 4.74
C ALA D 359 10.97 -30.96 4.37
N PHE D 360 11.69 -30.62 3.31
CA PHE D 360 12.97 -31.27 3.02
C PHE D 360 14.08 -30.68 3.87
N VAL D 361 14.92 -31.54 4.44
CA VAL D 361 16.03 -31.11 5.29
C VAL D 361 17.20 -32.06 5.05
N ASN D 362 18.29 -31.53 4.49
CA ASN D 362 19.56 -32.23 4.37
C ASN D 362 19.42 -33.62 3.75
N GLY D 363 18.67 -33.69 2.66
CA GLY D 363 18.51 -34.92 1.92
C GLY D 363 17.36 -35.78 2.36
N GLY D 364 16.69 -35.42 3.45
CA GLY D 364 15.56 -36.18 3.92
C GLY D 364 14.35 -35.32 4.18
N VAL D 365 13.42 -35.81 5.00
CA VAL D 365 12.18 -35.11 5.29
C VAL D 365 11.97 -35.03 6.80
N VAL D 366 11.49 -33.88 7.25
CA VAL D 366 11.06 -33.64 8.62
C VAL D 366 9.58 -33.32 8.52
N ALA D 367 8.73 -34.15 9.12
CA ALA D 367 7.30 -33.95 8.93
C ALA D 367 6.49 -34.43 10.11
N ASN D 368 5.27 -33.88 10.20
CA ASN D 368 4.27 -34.32 11.16
C ASN D 368 3.50 -35.45 10.49
N CYS D 369 3.91 -36.68 10.76
CA CYS D 369 3.31 -37.84 10.10
C CYS D 369 1.96 -38.22 10.68
N ILE D 370 1.41 -37.46 11.62
CA ILE D 370 0.04 -37.70 12.05
C ILE D 370 -0.92 -37.11 11.02
N THR D 371 -0.71 -35.85 10.65
CA THR D 371 -1.54 -35.18 9.67
C THR D 371 -1.03 -35.35 8.24
N THR D 372 0.21 -35.79 8.07
CA THR D 372 0.79 -36.05 6.75
C THR D 372 0.97 -37.55 6.57
N THR D 373 0.57 -38.05 5.40
CA THR D 373 0.71 -39.47 5.09
C THR D 373 2.15 -39.74 4.64
N CYS D 374 3.03 -39.94 5.63
CA CYS D 374 4.42 -40.28 5.36
C CYS D 374 4.51 -41.73 4.95
N THR D 375 5.30 -42.01 3.93
CA THR D 375 5.42 -43.36 3.40
C THR D 375 6.87 -43.73 3.10
N CYS D 376 7.23 -44.99 3.37
CA CYS D 376 8.59 -45.48 3.23
C CYS D 376 8.72 -46.63 2.24
N ASN D 377 9.61 -46.47 1.26
CA ASN D 377 9.94 -47.49 0.26
C ASN D 377 8.74 -48.03 -0.51
N GLY D 378 7.76 -47.19 -0.78
CA GLY D 378 6.62 -47.59 -1.57
C GLY D 378 5.36 -47.02 -0.99
N ILE D 379 4.43 -46.59 -1.84
CA ILE D 379 3.23 -45.87 -1.42
C ILE D 379 2.34 -46.67 -0.48
N GLY D 380 2.57 -47.96 -0.32
CA GLY D 380 1.76 -48.75 0.58
C GLY D 380 2.23 -48.83 2.01
N ASN D 381 3.52 -48.57 2.27
CA ASN D 381 4.11 -48.70 3.60
C ASN D 381 4.08 -47.37 4.35
N ARG D 382 3.01 -47.15 5.11
CA ARG D 382 2.89 -45.92 5.87
C ARG D 382 3.79 -45.91 7.10
N ILE D 383 4.49 -44.79 7.30
CA ILE D 383 5.32 -44.57 8.48
C ILE D 383 4.43 -44.09 9.62
N ASN D 384 4.47 -44.78 10.75
CA ASN D 384 3.68 -44.40 11.92
C ASN D 384 4.55 -43.73 12.95
N GLN D 385 4.19 -42.50 13.34
CA GLN D 385 4.92 -41.95 14.47
C GLN D 385 4.08 -42.10 15.74
N PRO D 386 4.69 -42.44 16.88
CA PRO D 386 3.91 -42.60 18.10
C PRO D 386 3.28 -41.30 18.52
N PRO D 387 2.16 -41.36 19.25
CA PRO D 387 1.44 -40.13 19.62
C PRO D 387 2.22 -39.17 20.48
N ASP D 388 3.27 -39.62 21.15
CA ASP D 388 4.07 -38.77 22.02
C ASP D 388 5.27 -38.15 21.33
N GLN D 389 5.45 -38.38 20.04
CA GLN D 389 6.54 -37.80 19.27
C GLN D 389 6.01 -36.68 18.41
N GLY D 390 6.74 -35.57 18.37
CA GLY D 390 6.27 -34.39 17.66
C GLY D 390 6.49 -34.37 16.16
N VAL D 391 7.68 -34.77 15.70
CA VAL D 391 8.00 -34.79 14.29
C VAL D 391 8.79 -36.04 13.99
N LYS D 392 8.68 -36.52 12.75
CA LYS D 392 9.42 -37.68 12.28
C LYS D 392 10.52 -37.21 11.35
N ILE D 393 11.74 -37.62 11.62
CA ILE D 393 12.90 -37.31 10.79
C ILE D 393 13.26 -38.57 10.02
N ILE D 394 13.13 -38.50 8.70
CA ILE D 394 13.35 -39.64 7.82
C ILE D 394 14.59 -39.37 6.98
N THR D 395 15.56 -40.26 7.08
CA THR D 395 16.86 -40.13 6.45
C THR D 395 17.07 -41.26 5.45
N HIS D 396 18.12 -41.13 4.65
CA HIS D 396 18.47 -42.16 3.69
C HIS D 396 18.86 -43.47 4.36
N LYS D 397 19.17 -43.45 5.65
CA LYS D 397 19.49 -44.66 6.38
C LYS D 397 18.26 -45.49 6.68
N GLU D 398 17.07 -44.94 6.52
CA GLU D 398 15.84 -45.66 6.82
C GLU D 398 14.93 -45.84 5.61
N CYS D 399 14.91 -44.90 4.67
CA CYS D 399 14.07 -45.01 3.50
C CYS D 399 14.83 -44.59 2.26
N ASN D 400 14.74 -45.39 1.20
CA ASN D 400 15.33 -45.03 -0.09
C ASN D 400 14.42 -44.07 -0.85
N THR D 401 13.13 -44.35 -0.88
CA THR D 401 12.14 -43.49 -1.50
C THR D 401 11.15 -43.07 -0.44
N ILE D 402 10.89 -41.78 -0.33
CA ILE D 402 9.96 -41.24 0.65
C ILE D 402 8.80 -40.59 -0.08
N GLY D 403 7.58 -40.97 0.30
CA GLY D 403 6.38 -40.43 -0.28
C GLY D 403 5.64 -39.50 0.66
N ILE D 404 5.45 -38.26 0.26
CA ILE D 404 4.67 -37.30 1.02
C ILE D 404 3.35 -37.09 0.31
N ASN D 405 2.26 -37.55 0.94
CA ASN D 405 0.91 -37.43 0.38
C ASN D 405 0.84 -37.98 -1.04
N GLY D 406 1.64 -38.99 -1.35
CA GLY D 406 1.68 -39.59 -2.66
C GLY D 406 2.82 -39.13 -3.55
N MET D 407 3.43 -38.00 -3.24
CA MET D 407 4.55 -37.49 -4.02
C MET D 407 5.81 -38.29 -3.65
N LEU D 408 6.30 -39.11 -4.58
CA LEU D 408 7.47 -39.93 -4.31
C LEU D 408 8.76 -39.20 -4.70
N PHE D 409 9.72 -39.21 -3.78
CA PHE D 409 11.03 -38.63 -3.98
C PHE D 409 12.10 -39.59 -3.50
N ASN D 410 13.25 -39.58 -4.15
CA ASN D 410 14.40 -40.33 -3.67
C ASN D 410 15.13 -39.51 -2.63
N THR D 411 15.57 -40.17 -1.56
CA THR D 411 16.40 -39.48 -0.59
C THR D 411 17.81 -39.35 -1.14
N ASN D 412 18.55 -38.38 -0.62
CA ASN D 412 19.87 -38.08 -1.14
C ASN D 412 20.92 -38.85 -0.34
N LYS D 413 21.74 -39.63 -1.05
CA LYS D 413 22.77 -40.43 -0.39
C LYS D 413 23.84 -39.57 0.28
N GLU D 414 24.11 -38.38 -0.25
CA GLU D 414 25.12 -37.51 0.34
C GLU D 414 24.51 -36.55 1.37
N GLY D 415 23.29 -36.81 1.80
CA GLY D 415 22.66 -35.98 2.80
C GLY D 415 23.32 -36.15 4.16
N THR D 416 23.44 -35.05 4.88
CA THR D 416 24.04 -35.05 6.20
C THR D 416 23.01 -35.10 7.32
N LEU D 417 21.72 -35.25 6.99
CA LEU D 417 20.68 -35.29 8.00
C LEU D 417 20.91 -36.45 8.97
N ALA D 418 20.79 -36.17 10.26
CA ALA D 418 21.03 -37.17 11.30
C ALA D 418 20.02 -38.32 11.22
N ASP D 423 14.34 -38.72 22.20
CA ASP D 423 14.29 -38.33 23.60
C ASP D 423 12.95 -37.68 23.93
N ASP D 424 12.59 -37.67 25.21
CA ASP D 424 11.35 -37.05 25.66
C ASP D 424 11.50 -35.54 25.70
N ILE D 425 10.68 -34.84 24.92
CA ILE D 425 10.66 -33.38 24.88
C ILE D 425 9.34 -32.90 25.48
N THR D 426 9.44 -32.05 26.48
CA THR D 426 8.26 -31.42 27.08
C THR D 426 8.36 -29.91 26.88
N LEU D 427 7.40 -29.34 26.17
CA LEU D 427 7.37 -27.91 25.90
C LEU D 427 6.31 -27.28 26.79
N ASN D 428 6.75 -26.75 27.93
CA ASN D 428 5.84 -26.18 28.90
C ASN D 428 5.40 -24.75 28.58
N ASN D 429 6.15 -24.03 27.76
CA ASN D 429 5.86 -22.62 27.49
C ASN D 429 4.76 -22.47 26.43
N SER D 430 3.55 -22.79 26.82
CA SER D 430 2.39 -22.52 25.97
C SER D 430 2.17 -21.01 25.87
N VAL D 431 1.91 -20.55 24.65
CA VAL D 431 1.81 -19.12 24.36
C VAL D 431 0.61 -18.89 23.46
N ALA D 432 -0.09 -17.78 23.69
CA ALA D 432 -1.15 -17.30 22.82
C ALA D 432 -0.71 -16.03 22.10
N LEU D 433 -1.02 -15.95 20.82
CA LEU D 433 -0.69 -14.78 20.01
C LEU D 433 -1.77 -13.71 19.99
N ASN D 434 -3.00 -14.06 20.33
CA ASN D 434 -4.11 -13.14 20.16
C ASN D 434 -4.51 -12.54 21.50
N PRO D 435 -4.61 -11.21 21.58
CA PRO D 435 -4.96 -10.57 22.86
C PRO D 435 -6.23 -11.09 23.50
N ILE D 436 -7.22 -11.51 22.72
CA ILE D 436 -8.42 -12.10 23.30
C ILE D 436 -8.06 -13.35 24.09
N ASP D 437 -7.24 -14.22 23.50
CA ASP D 437 -6.86 -15.46 24.16
C ASP D 437 -6.09 -15.21 25.45
N ILE D 438 -5.14 -14.27 25.42
CA ILE D 438 -4.42 -13.91 26.64
C ILE D 438 -5.36 -13.35 27.69
N SER D 439 -6.28 -12.49 27.27
CA SER D 439 -7.23 -11.89 28.21
C SER D 439 -8.16 -12.93 28.83
N ILE D 440 -8.63 -13.88 28.02
CA ILE D 440 -9.50 -14.93 28.55
C ILE D 440 -8.80 -15.78 29.59
N GLU D 441 -7.57 -16.21 29.29
CA GLU D 441 -6.84 -17.01 30.27
C GLU D 441 -6.39 -16.19 31.47
N LEU D 442 -6.22 -14.88 31.33
CA LEU D 442 -5.90 -14.06 32.49
C LEU D 442 -7.09 -13.95 33.45
N ASN D 443 -8.31 -13.91 32.91
CA ASN D 443 -9.49 -13.85 33.78
C ASN D 443 -9.63 -15.09 34.63
N LYS D 444 -9.36 -16.26 34.06
CA LYS D 444 -9.43 -17.49 34.84
C LYS D 444 -8.44 -17.48 35.99
N ALA D 445 -7.22 -16.98 35.74
CA ALA D 445 -6.25 -16.84 36.82
C ALA D 445 -6.75 -15.90 37.91
N LYS D 446 -7.26 -14.73 37.53
CA LYS D 446 -7.79 -13.81 38.53
C LYS D 446 -8.94 -14.43 39.31
N SER D 447 -9.80 -15.22 38.64
CA SER D 447 -10.87 -15.87 39.36
C SER D 447 -10.32 -16.90 40.34
N ASP D 448 -9.30 -17.65 39.93
CA ASP D 448 -8.66 -18.59 40.83
C ASP D 448 -7.94 -17.89 41.97
N LEU D 449 -7.43 -16.69 41.73
CA LEU D 449 -6.75 -15.94 42.76
C LEU D 449 -7.71 -15.43 43.82
N GLU D 450 -8.90 -14.97 43.41
CA GLU D 450 -9.90 -14.55 44.39
C GLU D 450 -10.34 -15.72 45.26
N GLU D 451 -10.46 -16.90 44.66
CA GLU D 451 -10.82 -18.08 45.45
C GLU D 451 -9.74 -18.38 46.48
N SER D 452 -8.48 -18.25 46.09
CA SER D 452 -7.37 -18.47 47.03
C SER D 452 -7.41 -17.49 48.19
N LYS D 453 -7.74 -16.24 47.92
CA LYS D 453 -7.86 -15.24 48.97
C LYS D 453 -8.95 -15.59 49.99
N GLU D 454 -10.06 -16.17 49.51
CA GLU D 454 -11.12 -16.56 50.43
C GLU D 454 -10.65 -17.63 51.40
N TRP D 455 -9.92 -18.63 50.91
CA TRP D 455 -9.40 -19.66 51.80
C TRP D 455 -8.51 -19.07 52.87
N ILE D 456 -7.76 -18.02 52.54
CA ILE D 456 -6.94 -17.33 53.53
C ILE D 456 -7.81 -16.67 54.59
N ARG D 457 -8.87 -15.98 54.17
CA ARG D 457 -9.75 -15.32 55.12
C ARG D 457 -10.38 -16.31 56.11
N ARG D 458 -10.96 -17.39 55.61
CA ARG D 458 -11.56 -18.36 56.53
C ARG D 458 -10.50 -19.05 57.39
N SER D 459 -9.37 -19.43 56.80
CA SER D 459 -8.33 -20.07 57.60
C SER D 459 -7.77 -19.11 58.65
N ASN D 460 -7.68 -17.82 58.34
CA ASN D 460 -7.23 -16.87 59.34
C ASN D 460 -8.25 -16.73 60.47
N GLN D 461 -9.54 -16.90 60.16
CA GLN D 461 -10.57 -16.82 61.19
C GLN D 461 -10.44 -17.95 62.21
N LYS D 462 -10.29 -19.19 61.73
CA LYS D 462 -10.14 -20.30 62.67
C LYS D 462 -8.81 -20.26 63.41
N LEU D 463 -7.78 -19.67 62.82
CA LEU D 463 -6.50 -19.52 63.50
C LEU D 463 -6.59 -18.45 64.59
N GLN E 1 -25.01 -24.57 15.45
CA GLN E 1 -25.00 -23.53 14.43
C GLN E 1 -25.36 -22.18 15.03
N ILE E 2 -25.37 -21.15 14.19
CA ILE E 2 -25.54 -19.78 14.66
C ILE E 2 -26.96 -19.59 15.17
N ASP E 3 -27.08 -19.00 16.36
CA ASP E 3 -28.39 -18.66 16.90
C ASP E 3 -28.58 -17.15 16.75
N ILE E 4 -29.01 -16.74 15.56
CA ILE E 4 -29.07 -15.33 15.21
C ILE E 4 -30.00 -14.56 16.13
N THR E 5 -31.12 -15.17 16.52
CA THR E 5 -32.11 -14.46 17.32
C THR E 5 -31.57 -14.04 18.69
N LYS E 6 -30.95 -14.98 19.41
CA LYS E 6 -30.42 -14.63 20.73
C LYS E 6 -29.27 -13.65 20.65
N LEU E 7 -28.40 -13.79 19.65
CA LEU E 7 -27.25 -12.90 19.54
C LEU E 7 -27.66 -11.45 19.37
N GLN E 8 -28.87 -11.18 18.89
CA GLN E 8 -29.35 -9.80 18.83
C GLN E 8 -29.41 -9.16 20.21
N HIS E 9 -29.66 -9.95 21.24
CA HIS E 9 -29.77 -9.42 22.59
C HIS E 9 -28.46 -8.97 23.18
N VAL E 10 -27.33 -9.33 22.58
CA VAL E 10 -26.04 -8.80 22.98
C VAL E 10 -25.49 -7.83 21.93
N GLY E 11 -26.35 -7.36 21.05
CA GLY E 11 -25.94 -6.44 19.99
C GLY E 11 -25.14 -7.05 18.87
N VAL E 12 -25.16 -8.37 18.73
CA VAL E 12 -24.45 -9.07 17.67
C VAL E 12 -25.45 -9.40 16.57
N LEU E 13 -25.21 -8.85 15.38
CA LEU E 13 -26.15 -8.94 14.27
C LEU E 13 -25.53 -9.74 13.14
N VAL E 14 -26.07 -10.91 12.87
CA VAL E 14 -25.57 -11.82 11.85
C VAL E 14 -26.46 -11.72 10.63
N ASN E 15 -25.86 -11.47 9.47
CA ASN E 15 -26.63 -11.13 8.29
C ASN E 15 -25.92 -11.60 7.03
N SER E 16 -26.65 -11.53 5.92
CA SER E 16 -26.18 -11.79 4.57
C SER E 16 -25.54 -13.16 4.38
N PRO E 17 -26.30 -14.24 4.49
CA PRO E 17 -25.75 -15.57 4.17
C PRO E 17 -25.41 -15.68 2.69
N LYS E 18 -24.13 -15.87 2.39
CA LYS E 18 -23.66 -16.03 1.03
C LYS E 18 -22.93 -17.36 0.87
N GLY E 19 -23.11 -18.00 -0.28
CA GLY E 19 -22.43 -19.24 -0.58
C GLY E 19 -20.97 -19.02 -0.89
N MET E 20 -20.26 -20.12 -1.15
CA MET E 20 -18.85 -20.04 -1.47
C MET E 20 -18.48 -20.95 -2.65
N LYS E 21 -17.70 -20.40 -3.58
CA LYS E 21 -17.13 -21.14 -4.69
C LYS E 21 -15.62 -21.17 -4.53
N ILE E 22 -15.02 -22.36 -4.65
CA ILE E 22 -13.58 -22.53 -4.54
C ILE E 22 -13.04 -23.07 -5.86
N SER E 23 -11.88 -22.54 -6.27
CA SER E 23 -11.13 -23.02 -7.42
C SER E 23 -10.31 -24.24 -7.03
N GLN E 24 -10.97 -25.39 -7.04
CA GLN E 24 -10.30 -26.64 -6.68
C GLN E 24 -9.38 -27.17 -7.76
N ASN E 25 -9.51 -26.70 -9.00
CA ASN E 25 -8.66 -27.14 -10.10
C ASN E 25 -8.35 -25.95 -10.99
N PHE E 26 -7.27 -26.08 -11.75
CA PHE E 26 -6.82 -25.04 -12.67
C PHE E 26 -6.42 -25.63 -14.01
N GLU E 27 -6.73 -24.91 -15.08
CA GLU E 27 -6.30 -25.26 -16.42
C GLU E 27 -5.13 -24.34 -16.79
N THR E 28 -4.03 -24.94 -17.26
CA THR E 28 -2.82 -24.17 -17.51
C THR E 28 -2.61 -23.85 -18.98
N ARG E 29 -2.22 -22.61 -19.24
CA ARG E 29 -1.87 -22.11 -20.57
C ARG E 29 -0.58 -21.32 -20.45
N TYR E 30 0.21 -21.28 -21.52
CA TYR E 30 1.55 -20.73 -21.46
C TYR E 30 1.69 -19.45 -22.28
N LEU E 31 2.38 -18.47 -21.70
CA LEU E 31 2.58 -17.16 -22.31
C LEU E 31 4.07 -16.80 -22.31
N ILE E 32 4.61 -16.52 -23.49
CA ILE E 32 6.01 -16.13 -23.66
C ILE E 32 6.06 -14.63 -23.88
N LEU E 33 6.73 -13.91 -22.99
CA LEU E 33 6.96 -12.47 -23.14
C LEU E 33 8.36 -12.25 -23.69
N SER E 34 8.44 -11.75 -24.92
CA SER E 34 9.73 -11.48 -25.57
C SER E 34 9.95 -9.96 -25.51
N LEU E 35 10.85 -9.55 -24.62
CA LEU E 35 11.00 -8.15 -24.20
C LEU E 35 11.73 -7.25 -25.19
N ILE E 36 12.43 -7.78 -26.18
CA ILE E 36 13.18 -6.95 -27.13
C ILE E 36 12.40 -6.85 -28.43
N PRO E 37 12.01 -5.65 -28.86
CA PRO E 37 11.34 -5.50 -30.15
C PRO E 37 12.35 -5.55 -31.29
N LYS E 38 11.84 -5.87 -32.48
CA LYS E 38 12.68 -5.96 -33.67
C LYS E 38 12.53 -4.73 -34.55
N ILE E 39 13.66 -4.11 -34.88
CA ILE E 39 13.72 -2.95 -35.78
C ILE E 39 14.29 -3.45 -37.10
N GLU E 40 13.77 -2.92 -38.20
CA GLU E 40 14.09 -3.48 -39.52
C GLU E 40 15.59 -3.42 -39.77
N ASP E 41 16.17 -4.58 -40.08
CA ASP E 41 17.62 -4.70 -40.26
C ASP E 41 18.14 -3.87 -41.42
N SER E 42 17.26 -3.41 -42.32
CA SER E 42 17.71 -2.60 -43.44
C SER E 42 18.32 -1.27 -43.01
N ASN E 43 18.01 -0.78 -41.81
CA ASN E 43 18.43 0.55 -41.41
C ASN E 43 19.31 0.60 -40.18
N SER E 44 19.29 -0.43 -39.33
CA SER E 44 20.10 -0.51 -38.10
C SER E 44 19.81 0.62 -37.13
N CYS E 45 18.67 1.29 -37.28
CA CYS E 45 18.29 2.35 -36.35
C CYS E 45 17.83 1.77 -35.03
N GLY E 46 18.05 2.52 -33.95
CA GLY E 46 17.62 2.09 -32.65
C GLY E 46 18.53 1.13 -31.91
N ASP E 47 19.67 0.76 -32.51
CA ASP E 47 20.57 -0.18 -31.85
C ASP E 47 21.08 0.36 -30.52
N GLN E 48 21.44 1.65 -30.46
CA GLN E 48 21.95 2.20 -29.22
C GLN E 48 20.87 2.30 -28.15
N GLN E 49 19.65 2.64 -28.55
CA GLN E 49 18.54 2.72 -27.60
C GLN E 49 18.19 1.35 -27.03
N ILE E 50 18.22 0.31 -27.86
CA ILE E 50 17.98 -1.04 -27.38
C ILE E 50 19.07 -1.48 -26.40
N LYS E 51 20.32 -1.09 -26.65
CA LYS E 51 21.38 -1.42 -25.70
C LYS E 51 21.10 -0.83 -24.32
N GLN E 52 20.67 0.42 -24.27
CA GLN E 52 20.35 1.02 -22.97
C GLN E 52 19.14 0.33 -22.33
N TYR E 53 18.14 0.01 -23.13
CA TYR E 53 16.96 -0.67 -22.62
C TYR E 53 17.32 -2.04 -22.06
N LYS E 54 18.22 -2.75 -22.74
CA LYS E 54 18.69 -4.04 -22.24
C LYS E 54 19.36 -3.92 -20.88
N ARG E 55 20.17 -2.88 -20.69
CA ARG E 55 20.82 -2.66 -19.40
C ARG E 55 19.81 -2.41 -18.29
N LEU E 56 18.67 -1.81 -18.62
CA LEU E 56 17.62 -1.64 -17.62
C LEU E 56 16.93 -2.96 -17.32
N LEU E 57 16.70 -3.78 -18.35
CA LEU E 57 16.02 -5.05 -18.14
C LEU E 57 16.77 -5.97 -17.19
N ASP E 58 18.11 -5.94 -17.22
CA ASP E 58 18.89 -6.77 -16.30
C ASP E 58 18.50 -6.54 -14.85
N ARG E 59 18.11 -5.32 -14.50
CA ARG E 59 17.73 -5.03 -13.12
C ARG E 59 16.41 -5.67 -12.72
N LEU E 60 15.69 -6.32 -13.63
CA LEU E 60 14.52 -7.06 -13.19
C LEU E 60 14.50 -8.51 -13.65
N ILE E 61 15.15 -8.84 -14.77
CA ILE E 61 15.15 -10.25 -15.17
C ILE E 61 16.18 -11.08 -14.40
N ILE E 62 17.27 -10.50 -13.93
CA ILE E 62 18.24 -11.26 -13.15
C ILE E 62 17.67 -11.63 -11.79
N PRO E 63 17.01 -10.74 -11.05
CA PRO E 63 16.28 -11.19 -9.87
C PRO E 63 15.23 -12.26 -10.13
N LEU E 64 14.53 -12.21 -11.27
CA LEU E 64 13.59 -13.28 -11.59
C LEU E 64 14.32 -14.60 -11.82
N TYR E 65 15.46 -14.57 -12.51
CA TYR E 65 16.22 -15.78 -12.73
C TYR E 65 16.67 -16.39 -11.42
N ASP E 66 17.18 -15.57 -10.50
CA ASP E 66 17.68 -16.07 -9.24
C ASP E 66 16.58 -16.72 -8.43
N GLY E 67 15.37 -16.15 -8.46
CA GLY E 67 14.26 -16.77 -7.76
C GLY E 67 13.81 -18.07 -8.40
N LEU E 68 13.74 -18.11 -9.74
CA LEU E 68 13.39 -19.33 -10.43
C LEU E 68 14.44 -20.41 -10.23
N ARG E 69 15.72 -20.04 -10.29
CA ARG E 69 16.79 -21.00 -10.03
C ARG E 69 16.68 -21.58 -8.64
N LEU E 70 16.33 -20.76 -7.66
CA LEU E 70 16.16 -21.25 -6.30
C LEU E 70 15.05 -22.30 -6.21
N GLN E 71 13.98 -22.13 -6.99
CA GLN E 71 12.91 -23.13 -7.01
C GLN E 71 13.33 -24.41 -7.70
N LYS E 72 14.04 -24.30 -8.83
CA LYS E 72 14.51 -25.48 -9.54
C LYS E 72 15.53 -26.30 -8.77
N ASP E 73 16.19 -25.71 -7.78
CA ASP E 73 17.21 -26.43 -7.02
C ASP E 73 16.63 -27.28 -5.90
N VAL E 74 15.32 -27.28 -5.67
CA VAL E 74 14.76 -28.11 -4.61
C VAL E 74 14.81 -29.59 -4.96
N ILE E 75 14.58 -29.92 -6.23
CA ILE E 75 14.61 -31.31 -6.70
C ILE E 75 15.71 -31.46 -7.73
N VAL E 76 16.60 -32.42 -7.51
CA VAL E 76 17.69 -32.68 -8.43
C VAL E 76 17.19 -33.42 -9.66
N THR E 89 10.15 -44.75 -12.45
CA THR E 89 10.81 -43.47 -12.63
C THR E 89 9.81 -42.38 -13.01
N GLU E 90 10.31 -41.17 -13.20
CA GLU E 90 9.53 -40.08 -13.77
C GLU E 90 8.95 -40.47 -15.13
N ARG E 91 7.89 -39.78 -15.55
CA ARG E 91 7.12 -40.07 -16.75
C ARG E 91 6.33 -41.37 -16.65
N PHE E 92 6.19 -41.92 -15.46
CA PHE E 92 5.30 -43.04 -15.18
C PHE E 92 4.37 -42.70 -14.03
N PHE E 93 3.11 -43.10 -14.16
CA PHE E 93 2.11 -42.80 -13.15
C PHE E 93 2.46 -43.52 -11.86
N GLY E 94 2.56 -42.76 -10.77
CA GLY E 94 3.05 -43.30 -9.52
C GLY E 94 4.54 -43.47 -9.41
N GLY E 95 5.31 -42.93 -10.36
CA GLY E 95 6.75 -42.97 -10.27
C GLY E 95 7.35 -41.90 -9.38
N VAL E 96 8.67 -41.94 -9.27
CA VAL E 96 9.42 -41.00 -8.44
C VAL E 96 9.59 -39.69 -9.19
N ILE E 97 9.47 -38.57 -8.46
CA ILE E 97 9.60 -37.26 -9.10
C ILE E 97 11.06 -36.85 -9.22
N GLY E 98 11.85 -37.06 -8.18
CA GLY E 98 13.27 -36.79 -8.26
C GLY E 98 13.96 -37.04 -6.94
N THR E 99 15.18 -36.54 -6.82
CA THR E 99 15.98 -36.69 -5.62
C THR E 99 15.96 -35.40 -4.81
N ILE E 100 15.80 -35.55 -3.50
CA ILE E 100 15.84 -34.40 -2.60
C ILE E 100 17.23 -33.78 -2.62
N ALA E 101 17.29 -32.48 -2.87
CA ALA E 101 18.54 -31.74 -2.86
C ALA E 101 19.00 -31.45 -1.45
N LEU E 102 20.31 -31.22 -1.33
CA LEU E 102 20.92 -30.75 -0.07
C LEU E 102 20.48 -29.32 0.21
N GLY E 103 19.65 -29.15 1.23
CA GLY E 103 19.16 -27.83 1.58
C GLY E 103 17.93 -27.97 2.47
N VAL E 104 17.18 -26.88 2.56
CA VAL E 104 15.89 -26.86 3.24
C VAL E 104 14.86 -26.30 2.29
N ALA E 105 13.70 -26.95 2.22
CA ALA E 105 12.59 -26.49 1.41
C ALA E 105 11.29 -26.78 2.14
N THR E 106 10.51 -25.74 2.39
CA THR E 106 9.21 -25.86 3.00
C THR E 106 8.19 -26.39 2.00
N SER E 107 7.04 -26.82 2.53
CA SER E 107 6.00 -27.42 1.69
C SER E 107 5.60 -26.51 0.55
N ALA E 108 5.62 -25.20 0.76
CA ALA E 108 5.34 -24.27 -0.33
C ALA E 108 6.39 -24.36 -1.42
N GLN E 109 7.66 -24.47 -1.04
CA GLN E 109 8.73 -24.59 -2.03
C GLN E 109 8.66 -25.92 -2.77
N ILE E 110 8.28 -26.99 -2.09
CA ILE E 110 8.13 -28.29 -2.77
C ILE E 110 7.03 -28.22 -3.82
N THR E 111 5.91 -27.59 -3.50
CA THR E 111 4.84 -27.44 -4.47
C THR E 111 5.30 -26.66 -5.69
N ALA E 112 6.04 -25.57 -5.48
CA ALA E 112 6.61 -24.83 -6.60
C ALA E 112 7.56 -25.68 -7.41
N ALA E 113 8.42 -26.45 -6.74
CA ALA E 113 9.36 -27.33 -7.44
C ALA E 113 8.66 -28.41 -8.24
N VAL E 114 7.63 -29.05 -7.65
CA VAL E 114 6.90 -30.09 -8.36
C VAL E 114 6.19 -29.52 -9.58
N ALA E 115 5.66 -28.30 -9.46
CA ALA E 115 5.02 -27.65 -10.59
C ALA E 115 5.98 -27.45 -11.75
N LEU E 116 7.25 -27.18 -11.45
CA LEU E 116 8.24 -27.00 -12.52
C LEU E 116 8.59 -28.32 -13.19
N VAL E 117 8.58 -29.43 -12.45
CA VAL E 117 8.79 -30.74 -13.07
C VAL E 117 7.65 -31.10 -14.00
N GLU E 118 6.44 -30.66 -13.69
CA GLU E 118 5.29 -30.89 -14.56
C GLU E 118 5.38 -30.06 -15.84
N ALA E 119 5.88 -28.84 -15.73
CA ALA E 119 6.03 -27.93 -16.87
C ALA E 119 7.18 -28.30 -17.78
N LYS E 120 8.02 -29.25 -17.37
CA LYS E 120 9.19 -29.63 -18.16
C LYS E 120 8.81 -30.10 -19.56
N GLN E 121 7.72 -30.88 -19.68
CA GLN E 121 7.32 -31.39 -20.98
C GLN E 121 6.87 -30.29 -21.93
N ALA E 122 6.45 -29.15 -21.39
CA ALA E 122 6.09 -28.01 -22.24
C ALA E 122 7.30 -27.23 -22.69
N ARG E 123 8.32 -27.13 -21.85
CA ARG E 123 9.50 -26.33 -22.18
C ARG E 123 10.19 -26.82 -23.44
N SER E 124 10.18 -28.12 -23.69
CA SER E 124 10.79 -28.65 -24.90
C SER E 124 10.05 -28.25 -26.18
N ASP E 125 8.79 -27.84 -26.09
CA ASP E 125 8.10 -27.27 -27.23
C ASP E 125 8.29 -25.76 -27.34
N ILE E 126 8.27 -25.08 -26.19
CA ILE E 126 8.49 -23.63 -26.16
C ILE E 126 9.87 -23.27 -26.71
N GLU E 127 10.86 -24.11 -26.48
CA GLU E 127 12.20 -23.87 -27.01
C GLU E 127 12.26 -23.95 -28.53
N LYS E 128 11.29 -24.59 -29.17
CA LYS E 128 11.23 -24.55 -30.63
C LYS E 128 10.61 -23.25 -31.13
N LEU E 129 9.50 -22.83 -30.52
CA LEU E 129 8.86 -21.58 -30.91
C LEU E 129 9.76 -20.37 -30.75
N LYS E 130 10.62 -20.37 -29.74
CA LYS E 130 11.53 -19.24 -29.51
C LYS E 130 12.39 -18.93 -30.73
N GLU E 131 12.72 -19.93 -31.54
CA GLU E 131 13.50 -19.65 -32.75
C GLU E 131 12.70 -18.87 -33.79
N ALA E 132 11.40 -19.13 -33.90
CA ALA E 132 10.57 -18.36 -34.84
C ALA E 132 10.30 -16.95 -34.33
N ILE E 133 10.10 -16.80 -33.02
CA ILE E 133 9.82 -15.49 -32.44
C ILE E 133 10.96 -14.51 -32.63
N ARG E 134 12.20 -15.01 -32.71
CA ARG E 134 13.36 -14.11 -32.79
C ARG E 134 13.26 -13.19 -34.00
N ASP E 135 13.16 -13.77 -35.20
CA ASP E 135 13.20 -12.97 -36.42
C ASP E 135 11.86 -12.35 -36.78
N THR E 136 10.78 -12.75 -36.12
CA THR E 136 9.44 -12.33 -36.51
C THR E 136 9.12 -10.94 -36.01
N ASN E 137 8.41 -10.17 -36.83
CA ASN E 137 7.98 -8.82 -36.52
C ASN E 137 6.60 -8.76 -35.88
N LYS E 138 5.94 -9.88 -35.66
CA LYS E 138 4.57 -9.89 -35.16
C LYS E 138 4.52 -9.59 -33.67
N ALA E 139 3.52 -8.83 -33.27
CA ALA E 139 3.36 -8.46 -31.86
C ALA E 139 2.74 -9.59 -31.04
N VAL E 140 1.73 -10.26 -31.56
CA VAL E 140 1.10 -11.39 -30.89
C VAL E 140 1.04 -12.55 -31.87
N GLN E 141 1.49 -13.73 -31.41
CA GLN E 141 1.60 -14.90 -32.26
C GLN E 141 1.26 -16.13 -31.42
N SER E 142 0.65 -17.13 -32.06
CA SER E 142 0.23 -18.35 -31.38
C SER E 142 0.68 -19.56 -32.18
N VAL E 143 1.28 -20.52 -31.50
CA VAL E 143 1.74 -21.76 -32.14
C VAL E 143 1.46 -22.96 -31.26
N LEU E 150 -2.85 -23.75 -26.88
CA LEU E 150 -1.78 -23.16 -27.67
C LEU E 150 -0.91 -22.25 -26.80
N ILE E 151 0.28 -21.94 -27.30
CA ILE E 151 1.23 -21.06 -26.63
C ILE E 151 1.18 -19.69 -27.30
N VAL E 152 0.98 -18.65 -26.51
CA VAL E 152 0.92 -17.28 -27.01
C VAL E 152 2.26 -16.59 -26.74
N ALA E 153 2.73 -15.80 -27.71
CA ALA E 153 3.96 -15.04 -27.59
C ALA E 153 3.70 -13.58 -27.91
N ILE E 154 4.28 -12.69 -27.12
CA ILE E 154 4.10 -11.25 -27.26
C ILE E 154 5.46 -10.56 -27.28
N LYS E 155 5.66 -9.63 -28.23
CA LYS E 155 6.86 -8.82 -28.30
C LYS E 155 6.52 -7.42 -27.81
N SER E 156 7.34 -6.92 -26.87
CA SER E 156 6.97 -5.81 -25.99
C SER E 156 6.38 -4.57 -26.69
N VAL E 157 7.15 -3.91 -27.53
CA VAL E 157 6.69 -2.66 -28.14
C VAL E 157 6.40 -2.84 -29.64
N GLN E 158 6.24 -4.07 -30.09
CA GLN E 158 6.41 -4.33 -31.52
C GLN E 158 5.30 -3.68 -32.35
N ASP E 159 4.09 -3.58 -31.80
CA ASP E 159 3.01 -2.91 -32.53
C ASP E 159 3.33 -1.44 -32.75
N TYR E 160 3.82 -0.76 -31.72
CA TYR E 160 4.24 0.63 -31.85
C TYR E 160 5.40 0.77 -32.83
N VAL E 161 6.36 -0.15 -32.80
CA VAL E 161 7.48 -0.09 -33.74
C VAL E 161 7.00 -0.22 -35.18
N ASN E 162 6.08 -1.15 -35.43
CA ASN E 162 5.60 -1.34 -36.80
C ASN E 162 4.82 -0.14 -37.30
N LYS E 163 3.98 0.46 -36.45
CA LYS E 163 3.06 1.49 -36.90
C LYS E 163 3.54 2.91 -36.61
N GLU E 164 4.64 3.10 -35.89
CA GLU E 164 5.17 4.44 -35.67
C GLU E 164 6.62 4.59 -36.11
N ILE E 165 7.52 3.75 -35.61
CA ILE E 165 8.95 3.98 -35.81
C ILE E 165 9.38 3.69 -37.24
N VAL E 166 8.94 2.55 -37.79
CA VAL E 166 9.31 2.20 -39.16
C VAL E 166 8.77 3.21 -40.18
N PRO E 167 7.53 3.69 -40.09
CA PRO E 167 7.14 4.84 -40.93
C PRO E 167 8.05 6.04 -40.77
N CYS E 168 8.42 6.38 -39.54
CA CYS E 168 9.24 7.56 -39.27
C CYS E 168 10.57 7.52 -40.01
N ILE E 169 11.21 6.35 -40.08
CA ILE E 169 12.58 6.29 -40.58
C ILE E 169 12.66 6.76 -42.03
N ALA E 170 11.62 6.53 -42.81
CA ALA E 170 11.52 7.19 -44.11
C ALA E 170 11.13 8.65 -43.95
N ARG E 171 10.08 8.90 -43.15
CA ARG E 171 9.48 10.22 -43.07
C ARG E 171 10.46 11.24 -42.49
N LEU E 172 11.24 10.86 -41.49
CA LEU E 172 12.04 11.82 -40.72
C LEU E 172 13.52 11.47 -40.60
N GLY E 173 13.96 10.30 -41.06
CA GLY E 173 15.36 9.95 -40.96
C GLY E 173 15.73 9.30 -39.64
N CYS E 174 16.85 8.57 -39.68
CA CYS E 174 17.18 7.61 -38.63
C CYS E 174 17.38 8.26 -37.26
N GLU E 175 18.06 9.40 -37.20
CA GLU E 175 18.42 9.96 -35.91
C GLU E 175 17.22 10.55 -35.16
N ALA E 176 16.26 11.11 -35.88
CA ALA E 176 15.08 11.65 -35.20
C ALA E 176 14.17 10.55 -34.68
N CYS E 177 14.11 9.40 -35.35
CA CYS E 177 13.19 8.35 -34.94
C CYS E 177 13.74 7.53 -33.78
N GLY E 178 15.07 7.47 -33.64
CA GLY E 178 15.65 6.78 -32.50
C GLY E 178 15.20 7.34 -31.17
N LEU E 179 15.07 8.66 -31.08
CA LEU E 179 14.61 9.28 -29.84
C LEU E 179 13.17 8.91 -29.53
N LEU E 180 12.35 8.62 -30.54
CA LEU E 180 10.98 8.23 -30.28
C LEU E 180 10.92 6.82 -29.70
N LEU E 181 11.79 5.93 -30.18
CA LEU E 181 11.86 4.57 -29.65
C LEU E 181 12.33 4.57 -28.21
N GLY E 182 13.36 5.36 -27.90
CA GLY E 182 13.87 5.42 -26.54
C GLY E 182 12.81 5.79 -25.52
N LEU E 183 11.97 6.78 -25.85
CA LEU E 183 10.90 7.15 -24.94
C LEU E 183 9.89 6.03 -24.77
N ALA E 184 9.58 5.31 -25.85
CA ALA E 184 8.61 4.22 -25.75
C ALA E 184 9.15 3.08 -24.90
N LEU E 185 10.42 2.73 -25.08
CA LEU E 185 11.03 1.67 -24.31
C LEU E 185 11.07 2.00 -22.82
N ASP E 186 11.36 3.25 -22.48
CA ASP E 186 11.42 3.63 -21.08
C ASP E 186 10.05 3.59 -20.42
N GLN E 187 8.99 3.89 -21.16
CA GLN E 187 7.64 3.72 -20.63
C GLN E 187 7.34 2.25 -20.36
N HIS E 188 7.72 1.37 -21.29
CA HIS E 188 7.50 -0.06 -21.12
C HIS E 188 8.30 -0.61 -19.94
N TYR E 189 9.51 -0.09 -19.72
CA TYR E 189 10.29 -0.50 -18.56
C TYR E 189 9.59 -0.11 -17.26
N SER E 190 8.96 1.07 -17.23
CA SER E 190 8.29 1.51 -16.01
C SER E 190 7.12 0.61 -15.67
N GLU E 191 6.37 0.17 -16.68
CA GLU E 191 5.23 -0.70 -16.43
C GLU E 191 5.65 -2.14 -16.16
N LEU E 192 6.80 -2.57 -16.72
CA LEU E 192 7.38 -3.86 -16.33
C LEU E 192 7.83 -3.86 -14.88
N THR E 193 8.39 -2.74 -14.40
CA THR E 193 8.87 -2.69 -13.03
C THR E 193 7.73 -2.81 -12.02
N ASN E 194 6.57 -2.24 -12.33
CA ASN E 194 5.43 -2.36 -11.43
C ASN E 194 5.00 -3.80 -11.24
N ILE E 195 5.11 -4.62 -12.27
CA ILE E 195 4.66 -6.01 -12.19
C ILE E 195 5.75 -6.91 -11.62
N PHE E 196 6.95 -6.86 -12.17
CA PHE E 196 8.00 -7.81 -11.84
C PHE E 196 8.96 -7.31 -10.77
N GLY E 197 8.96 -6.02 -10.47
CA GLY E 197 9.86 -5.48 -9.47
C GLY E 197 9.36 -5.67 -8.05
N GLY E 207 3.16 -12.38 -5.00
CA GLY E 207 3.42 -12.90 -6.33
C GLY E 207 2.88 -12.00 -7.41
N ILE E 208 2.83 -12.53 -8.64
CA ILE E 208 2.43 -11.76 -9.81
C ILE E 208 1.04 -12.23 -10.21
N LYS E 209 0.09 -11.29 -10.30
CA LYS E 209 -1.27 -11.61 -10.71
C LYS E 209 -1.47 -11.37 -12.20
N LEU E 210 -2.35 -12.18 -12.78
CA LEU E 210 -2.67 -12.06 -14.20
C LEU E 210 -3.22 -10.68 -14.55
N GLN E 211 -3.86 -10.01 -13.58
CA GLN E 211 -4.37 -8.67 -13.80
C GLN E 211 -3.28 -7.72 -14.30
N GLY E 212 -2.07 -7.85 -13.76
CA GLY E 212 -1.00 -6.98 -14.20
C GLY E 212 -0.55 -7.25 -15.61
N ILE E 213 -0.37 -8.53 -15.96
CA ILE E 213 0.04 -8.88 -17.32
C ILE E 213 -1.01 -8.45 -18.32
N ALA E 214 -2.29 -8.68 -18.01
CA ALA E 214 -3.36 -8.24 -18.89
C ALA E 214 -3.39 -6.73 -19.07
N SER E 215 -2.97 -5.98 -18.07
CA SER E 215 -2.93 -4.53 -18.19
C SER E 215 -1.93 -4.07 -19.24
N LEU E 216 -0.76 -4.71 -19.31
CA LEU E 216 0.25 -4.29 -20.27
C LEU E 216 -0.20 -4.51 -21.71
N TYR E 217 -0.64 -5.73 -22.01
CA TYR E 217 -0.85 -6.15 -23.39
C TYR E 217 -2.32 -6.11 -23.81
N ARG E 218 -3.16 -5.41 -23.05
CA ARG E 218 -4.54 -5.11 -23.44
C ARG E 218 -5.31 -6.32 -23.95
N LYS E 232 -18.63 -18.09 -20.29
CA LYS E 232 -19.16 -17.56 -19.04
C LYS E 232 -19.36 -16.05 -19.12
N TYR E 233 -20.42 -15.57 -18.46
CA TYR E 233 -20.83 -14.17 -18.55
C TYR E 233 -20.79 -13.46 -17.20
N ASP E 234 -20.43 -14.13 -16.12
CA ASP E 234 -20.41 -13.54 -14.79
C ASP E 234 -19.16 -12.70 -14.62
N ILE E 235 -19.34 -11.38 -14.50
CA ILE E 235 -18.21 -10.46 -14.31
C ILE E 235 -17.34 -10.87 -13.14
N TYR E 236 -17.94 -11.42 -12.08
CA TYR E 236 -17.15 -11.75 -10.91
C TYR E 236 -16.28 -12.97 -11.13
N ASP E 237 -16.66 -13.86 -12.06
CA ASP E 237 -15.78 -14.95 -12.43
C ASP E 237 -14.58 -14.45 -13.23
N LEU E 238 -14.77 -13.41 -14.04
CA LEU E 238 -13.66 -12.79 -14.74
C LEU E 238 -12.71 -12.10 -13.78
N LEU E 239 -13.26 -11.33 -12.83
CA LEU E 239 -12.43 -10.66 -11.84
C LEU E 239 -11.59 -11.64 -11.02
N PHE E 240 -12.18 -12.78 -10.65
CA PHE E 240 -11.44 -13.79 -9.90
C PHE E 240 -10.32 -14.40 -10.72
N THR E 241 -10.53 -14.61 -12.02
CA THR E 241 -9.48 -15.17 -12.87
C THR E 241 -8.24 -14.28 -12.88
N GLU E 242 -8.45 -12.96 -12.97
CA GLU E 242 -7.33 -12.03 -12.91
C GLU E 242 -6.65 -12.00 -11.54
N SER E 243 -7.33 -12.46 -10.49
CA SER E 243 -6.75 -12.48 -9.17
C SER E 243 -5.72 -13.58 -9.00
N ILE E 244 -5.78 -14.63 -9.84
CA ILE E 244 -4.89 -15.78 -9.70
C ILE E 244 -3.46 -15.41 -10.06
N LYS E 245 -2.52 -15.94 -9.30
CA LYS E 245 -1.09 -15.72 -9.50
C LYS E 245 -0.57 -16.53 -10.69
N VAL E 246 0.23 -15.87 -11.53
CA VAL E 246 0.95 -16.57 -12.59
C VAL E 246 2.22 -17.22 -12.03
N ARG E 247 2.67 -18.25 -12.72
CA ARG E 247 3.88 -18.99 -12.35
C ARG E 247 4.94 -18.79 -13.42
N VAL E 248 6.11 -18.29 -13.03
CA VAL E 248 7.24 -18.16 -13.94
C VAL E 248 7.86 -19.52 -14.23
N ILE E 249 8.07 -19.82 -15.51
CA ILE E 249 8.58 -21.12 -15.92
C ILE E 249 10.00 -21.03 -16.50
N ASP E 250 10.36 -19.90 -17.11
CA ASP E 250 11.71 -19.73 -17.63
C ASP E 250 12.03 -18.25 -17.69
N VAL E 251 13.31 -17.93 -17.51
CA VAL E 251 13.81 -16.57 -17.68
C VAL E 251 15.08 -16.68 -18.50
N ASP E 252 15.00 -16.34 -19.78
CA ASP E 252 16.10 -16.50 -20.71
C ASP E 252 16.90 -15.21 -20.74
N LEU E 253 18.10 -15.24 -20.18
CA LEU E 253 18.94 -14.06 -20.08
C LEU E 253 19.68 -13.74 -21.38
N ASN E 254 19.63 -14.63 -22.36
CA ASN E 254 20.23 -14.38 -23.66
C ASN E 254 19.28 -13.63 -24.58
N ASP E 255 18.03 -14.07 -24.65
CA ASP E 255 17.04 -13.48 -25.55
C ASP E 255 16.05 -12.58 -24.82
N TYR E 256 16.27 -12.32 -23.53
CA TYR E 256 15.43 -11.45 -22.73
C TYR E 256 13.95 -11.86 -22.81
N SER E 257 13.67 -13.08 -22.36
CA SER E 257 12.32 -13.62 -22.40
C SER E 257 11.90 -14.24 -21.08
N ILE E 258 10.63 -14.03 -20.72
CA ILE E 258 10.01 -14.62 -19.55
C ILE E 258 8.89 -15.53 -20.02
N THR E 259 8.88 -16.78 -19.55
CA THR E 259 7.79 -17.71 -19.85
C THR E 259 6.92 -17.84 -18.62
N LEU E 260 5.63 -17.62 -18.78
CA LEU E 260 4.67 -17.69 -17.68
C LEU E 260 3.64 -18.78 -17.93
N GLN E 261 3.23 -19.43 -16.85
CA GLN E 261 2.12 -20.36 -16.88
C GLN E 261 0.90 -19.66 -16.30
N VAL E 262 -0.14 -19.49 -17.09
CA VAL E 262 -1.37 -18.84 -16.67
C VAL E 262 -2.34 -19.93 -16.21
N ARG E 263 -2.95 -19.72 -15.06
CA ARG E 263 -3.84 -20.71 -14.46
C ARG E 263 -5.27 -20.18 -14.46
N LEU E 264 -6.18 -20.94 -15.08
CA LEU E 264 -7.57 -20.57 -15.20
C LEU E 264 -8.40 -21.37 -14.20
N PRO E 265 -9.06 -20.72 -13.25
CA PRO E 265 -9.82 -21.46 -12.24
C PRO E 265 -10.99 -22.25 -12.80
N LEU E 266 -11.20 -23.42 -12.23
CA LEU E 266 -12.44 -24.19 -12.40
C LEU E 266 -13.17 -24.06 -11.07
N LEU E 267 -14.32 -23.41 -11.09
CA LEU E 267 -15.05 -23.07 -9.87
C LEU E 267 -16.11 -24.11 -9.56
N THR E 268 -16.13 -24.56 -8.30
CA THR E 268 -17.11 -25.52 -7.81
C THR E 268 -17.76 -24.95 -6.57
N ARG E 269 -19.09 -24.99 -6.53
CA ARG E 269 -19.85 -24.46 -5.41
C ARG E 269 -19.90 -25.50 -4.29
N LEU E 270 -19.37 -25.15 -3.13
CA LEU E 270 -19.39 -26.07 -2.00
C LEU E 270 -20.78 -26.11 -1.40
N LEU E 271 -21.29 -27.32 -1.21
CA LEU E 271 -22.57 -27.52 -0.54
C LEU E 271 -22.45 -27.30 0.95
N ASN E 272 -23.60 -26.97 1.57
CA ASN E 272 -23.72 -26.81 3.01
C ASN E 272 -22.73 -25.82 3.59
N THR E 273 -22.30 -24.85 2.79
CA THR E 273 -21.33 -23.84 3.20
C THR E 273 -21.97 -22.47 3.08
N GLN E 274 -21.99 -21.73 4.18
CA GLN E 274 -22.55 -20.37 4.22
C GLN E 274 -21.58 -19.46 4.95
N ILE E 275 -21.34 -18.28 4.38
CA ILE E 275 -20.50 -17.25 4.99
C ILE E 275 -21.39 -16.09 5.40
N TYR E 276 -21.32 -15.71 6.66
CA TYR E 276 -22.11 -14.61 7.21
C TYR E 276 -21.21 -13.46 7.60
N LYS E 277 -21.67 -12.24 7.32
CA LYS E 277 -21.07 -11.06 7.93
C LYS E 277 -21.73 -10.83 9.27
N VAL E 278 -20.95 -10.39 10.26
CA VAL E 278 -21.47 -10.08 11.58
C VAL E 278 -21.02 -8.70 12.02
N ASP E 279 -21.96 -7.91 12.51
CA ASP E 279 -21.72 -6.58 13.03
C ASP E 279 -22.15 -6.51 14.50
N SER E 280 -21.36 -5.85 15.32
CA SER E 280 -21.64 -5.65 16.74
C SER E 280 -21.95 -4.20 17.04
N ILE E 281 -23.09 -3.94 17.67
CA ILE E 281 -23.43 -2.61 18.12
C ILE E 281 -23.07 -2.47 19.59
N SER E 282 -23.05 -1.23 20.06
CA SER E 282 -22.73 -0.94 21.46
C SER E 282 -23.72 -1.59 22.41
N TYR E 283 -23.21 -2.04 23.56
CA TYR E 283 -23.98 -2.72 24.58
C TYR E 283 -23.81 -1.98 25.90
N ASN E 284 -24.92 -1.59 26.53
CA ASN E 284 -24.89 -0.83 27.77
C ASN E 284 -24.65 -1.71 28.98
N ILE E 285 -23.64 -1.35 29.78
CA ILE E 285 -23.41 -1.93 31.09
C ILE E 285 -23.18 -0.78 32.05
N GLN E 286 -24.16 -0.50 32.90
CA GLN E 286 -24.10 0.57 33.90
C GLN E 286 -23.60 1.89 33.31
N ASN E 287 -24.24 2.32 32.22
CA ASN E 287 -23.92 3.57 31.52
C ASN E 287 -22.52 3.58 30.91
N ARG E 288 -21.95 2.43 30.62
CA ARG E 288 -20.68 2.37 29.92
C ARG E 288 -20.87 1.51 28.68
N GLU E 289 -20.22 1.89 27.58
CA GLU E 289 -20.43 1.26 26.28
C GLU E 289 -19.44 0.13 26.04
N TRP E 290 -19.97 -1.09 25.88
CA TRP E 290 -19.20 -2.29 25.58
C TRP E 290 -19.64 -2.84 24.23
N TYR E 291 -18.86 -3.78 23.70
CA TYR E 291 -19.30 -4.54 22.54
C TYR E 291 -18.58 -5.88 22.48
N ILE E 292 -19.15 -6.79 21.69
CA ILE E 292 -18.59 -8.13 21.49
C ILE E 292 -17.64 -8.08 20.31
N PRO E 293 -16.33 -8.22 20.51
CA PRO E 293 -15.32 -8.14 19.43
C PRO E 293 -15.20 -9.40 18.58
N LEU E 294 -16.28 -9.78 17.91
CA LEU E 294 -16.28 -10.94 17.03
C LEU E 294 -15.58 -10.65 15.70
N PRO E 295 -15.08 -11.69 15.02
CA PRO E 295 -14.46 -11.49 13.71
C PRO E 295 -15.46 -11.07 12.64
N SER E 296 -14.95 -10.40 11.60
CA SER E 296 -15.81 -9.75 10.62
C SER E 296 -16.66 -10.75 9.84
N HIS E 297 -16.18 -11.97 9.63
CA HIS E 297 -16.96 -13.01 8.97
C HIS E 297 -16.87 -14.32 9.70
N ILE E 298 -17.97 -15.06 9.70
CA ILE E 298 -18.06 -16.38 10.29
C ILE E 298 -18.59 -17.32 9.21
N MET E 299 -18.27 -18.60 9.36
CA MET E 299 -18.58 -19.59 8.36
C MET E 299 -19.14 -20.86 8.98
N THR E 300 -20.11 -21.48 8.30
CA THR E 300 -20.62 -22.78 8.70
C THR E 300 -20.43 -23.78 7.57
N LYS E 301 -20.07 -25.02 7.94
CA LYS E 301 -19.95 -26.15 7.00
C LYS E 301 -20.60 -27.34 7.69
N GLY E 302 -21.92 -27.40 7.65
CA GLY E 302 -22.63 -28.33 8.49
C GLY E 302 -22.50 -27.98 9.96
N ALA E 303 -21.94 -28.90 10.76
CA ALA E 303 -21.79 -28.65 12.19
C ALA E 303 -20.62 -27.73 12.50
N PHE E 304 -19.59 -27.70 11.65
CA PHE E 304 -18.45 -26.81 11.87
C PHE E 304 -18.87 -25.34 11.81
N LEU E 305 -18.38 -24.57 12.76
CA LEU E 305 -18.60 -23.13 12.81
C LEU E 305 -17.26 -22.46 13.10
N GLY E 306 -16.88 -21.51 12.25
CA GLY E 306 -15.60 -20.84 12.39
C GLY E 306 -15.60 -19.52 11.66
N GLY E 307 -14.47 -18.84 11.74
CA GLY E 307 -14.31 -17.58 11.04
C GLY E 307 -13.91 -17.77 9.60
N ALA E 308 -14.04 -16.69 8.82
CA ALA E 308 -13.64 -16.69 7.42
C ALA E 308 -12.81 -15.46 7.11
N ASP E 309 -11.62 -15.67 6.55
CA ASP E 309 -10.72 -14.59 6.15
C ASP E 309 -10.84 -14.39 4.65
N VAL E 310 -11.90 -13.67 4.27
CA VAL E 310 -12.27 -13.42 2.88
C VAL E 310 -11.44 -12.32 2.21
N LYS E 311 -10.31 -11.95 2.80
CA LYS E 311 -9.51 -10.86 2.24
C LYS E 311 -8.99 -11.16 0.84
N GLU E 312 -8.80 -12.43 0.51
CA GLU E 312 -8.35 -12.83 -0.82
C GLU E 312 -9.49 -13.19 -1.76
N CYS E 313 -10.72 -13.23 -1.26
CA CYS E 313 -11.88 -13.63 -2.04
C CYS E 313 -12.50 -12.44 -2.78
N ILE E 314 -13.24 -12.76 -3.83
CA ILE E 314 -14.07 -11.80 -4.56
C ILE E 314 -15.49 -11.96 -4.04
N GLU E 315 -16.07 -10.86 -3.55
CA GLU E 315 -17.44 -10.88 -3.05
C GLU E 315 -18.41 -10.53 -4.16
N ALA E 316 -19.10 -11.54 -4.68
CA ALA E 316 -20.17 -11.32 -5.64
C ALA E 316 -21.45 -10.95 -4.90
N PHE E 317 -22.53 -10.75 -5.65
CA PHE E 317 -23.79 -10.38 -5.02
C PHE E 317 -24.40 -11.51 -4.20
N SER E 318 -24.07 -12.75 -4.51
CA SER E 318 -24.68 -13.89 -3.84
C SER E 318 -23.70 -14.95 -3.38
N SER E 319 -22.42 -14.81 -3.69
CA SER E 319 -21.44 -15.80 -3.25
C SER E 319 -20.06 -15.17 -3.18
N TYR E 320 -19.18 -15.84 -2.45
CA TYR E 320 -17.76 -15.52 -2.38
C TYR E 320 -16.99 -16.50 -3.23
N ILE E 321 -16.06 -16.01 -4.03
CA ILE E 321 -15.20 -16.85 -4.84
C ILE E 321 -13.82 -16.81 -4.19
N CYS E 322 -13.34 -17.97 -3.72
CA CYS E 322 -12.10 -17.99 -2.98
C CYS E 322 -11.10 -18.97 -3.57
N PRO E 323 -9.81 -18.64 -3.51
CA PRO E 323 -8.81 -19.56 -4.04
C PRO E 323 -8.68 -20.82 -3.20
N SER E 324 -8.96 -20.71 -1.90
CA SER E 324 -8.85 -21.81 -0.96
C SER E 324 -9.80 -21.53 0.18
N ASP E 325 -10.03 -22.53 1.01
CA ASP E 325 -10.96 -22.40 2.13
C ASP E 325 -10.51 -21.31 3.09
N PRO E 326 -11.30 -20.25 3.28
CA PRO E 326 -10.93 -19.16 4.19
C PRO E 326 -11.14 -19.44 5.67
N GLY E 327 -11.67 -20.60 6.03
CA GLY E 327 -12.03 -20.87 7.41
C GLY E 327 -10.85 -20.96 8.35
N PHE E 328 -11.07 -20.48 9.58
CA PHE E 328 -10.13 -20.57 10.67
C PHE E 328 -10.90 -20.88 11.96
N VAL E 329 -10.25 -21.57 12.88
CA VAL E 329 -10.87 -22.00 14.13
C VAL E 329 -10.95 -20.84 15.12
N LEU E 330 -12.13 -20.66 15.69
CA LEU E 330 -12.38 -19.61 16.67
C LEU E 330 -12.00 -20.05 18.08
N ASN E 331 -11.82 -19.06 18.94
CA ASN E 331 -11.67 -19.30 20.37
C ASN E 331 -12.93 -19.99 20.89
N HIS E 332 -12.75 -20.89 21.84
CA HIS E 332 -13.86 -21.67 22.36
C HIS E 332 -15.01 -20.80 22.85
N GLU E 333 -14.67 -19.69 23.52
CA GLU E 333 -15.69 -18.77 24.00
C GLU E 333 -16.43 -18.06 22.87
N MET E 334 -15.77 -17.77 21.75
CA MET E 334 -16.48 -17.15 20.63
C MET E 334 -17.38 -18.16 19.93
N GLU E 335 -16.93 -19.40 19.76
CA GLU E 335 -17.77 -20.42 19.17
C GLU E 335 -18.99 -20.70 20.03
N SER E 336 -18.81 -20.72 21.36
CA SER E 336 -19.94 -20.94 22.26
C SER E 336 -20.90 -19.76 22.22
N CYS E 337 -20.36 -18.54 22.20
CA CYS E 337 -21.19 -17.35 22.08
C CYS E 337 -22.06 -17.41 20.83
N LEU E 338 -21.46 -17.69 19.68
CA LEU E 338 -22.19 -17.79 18.43
C LEU E 338 -23.17 -18.95 18.40
N SER E 339 -22.90 -20.03 19.11
CA SER E 339 -23.85 -21.13 19.23
C SER E 339 -25.02 -20.84 20.15
N GLY E 340 -25.15 -19.64 20.68
CA GLY E 340 -26.32 -19.26 21.46
C GLY E 340 -26.13 -19.26 22.96
N ASN E 341 -24.95 -19.58 23.47
CA ASN E 341 -24.65 -19.45 24.89
C ASN E 341 -24.05 -18.05 25.10
N ILE E 342 -24.94 -17.06 25.02
CA ILE E 342 -24.53 -15.66 24.98
C ILE E 342 -23.88 -15.18 26.27
N SER E 343 -24.06 -15.89 27.38
CA SER E 343 -23.30 -15.58 28.59
C SER E 343 -21.79 -15.65 28.37
N GLN E 344 -21.34 -16.48 27.42
CA GLN E 344 -19.93 -16.69 27.17
C GLN E 344 -19.29 -15.63 26.28
N CYS E 345 -20.08 -14.73 25.71
CA CYS E 345 -19.55 -13.78 24.74
C CYS E 345 -18.51 -12.86 25.38
N PRO E 346 -17.32 -12.75 24.80
CA PRO E 346 -16.35 -11.77 25.31
C PRO E 346 -16.77 -10.35 24.99
N ARG E 347 -16.50 -9.43 25.92
CA ARG E 347 -16.87 -8.04 25.76
C ARG E 347 -15.70 -7.12 26.04
N THR E 348 -15.65 -6.01 25.30
CA THR E 348 -14.59 -5.01 25.39
C THR E 348 -15.18 -3.60 25.31
N THR E 349 -14.42 -2.64 25.83
CA THR E 349 -14.87 -1.26 25.89
C THR E 349 -14.84 -0.58 24.51
N VAL E 350 -15.82 0.27 24.27
CA VAL E 350 -15.90 1.07 23.05
C VAL E 350 -14.93 2.23 23.15
N THR E 351 -13.92 2.23 22.29
CA THR E 351 -12.91 3.29 22.29
C THR E 351 -13.14 4.38 21.26
N SER E 352 -14.00 4.15 20.26
CA SER E 352 -14.19 5.14 19.20
C SER E 352 -15.57 5.00 18.59
N ASP E 353 -15.92 5.99 17.77
CA ASP E 353 -17.18 6.08 17.05
C ASP E 353 -17.32 5.08 15.91
N ILE E 354 -16.34 4.21 15.68
CA ILE E 354 -16.46 3.24 14.60
C ILE E 354 -17.55 2.22 14.93
N VAL E 355 -17.70 1.88 16.21
CA VAL E 355 -18.73 0.95 16.63
C VAL E 355 -20.10 1.61 16.47
N PRO E 356 -20.99 1.01 15.68
CA PRO E 356 -22.34 1.58 15.56
C PRO E 356 -23.14 1.47 16.84
N ARG E 357 -23.96 2.47 17.08
CA ARG E 357 -24.86 2.48 18.23
C ARG E 357 -26.24 1.92 17.93
N TYR E 358 -26.62 1.77 16.66
CA TYR E 358 -27.95 1.29 16.31
C TYR E 358 -27.87 0.60 14.96
N ALA E 359 -28.85 -0.26 14.69
CA ALA E 359 -28.98 -0.87 13.38
C ALA E 359 -30.44 -1.20 13.09
N PHE E 360 -30.75 -1.30 11.80
CA PHE E 360 -31.99 -1.92 11.36
C PHE E 360 -31.84 -3.43 11.38
N VAL E 361 -32.84 -4.13 11.91
CA VAL E 361 -32.81 -5.59 11.98
C VAL E 361 -34.24 -6.10 11.77
N ASN E 362 -34.44 -6.81 10.67
CA ASN E 362 -35.68 -7.55 10.39
C ASN E 362 -36.92 -6.67 10.55
N GLY E 363 -36.86 -5.48 9.98
CA GLY E 363 -38.01 -4.60 9.96
C GLY E 363 -38.11 -3.66 11.14
N GLY E 364 -37.26 -3.81 12.14
CA GLY E 364 -37.26 -2.95 13.29
C GLY E 364 -35.89 -2.42 13.57
N VAL E 365 -35.64 -1.99 14.81
CA VAL E 365 -34.37 -1.41 15.20
C VAL E 365 -33.86 -2.08 16.47
N VAL E 366 -32.55 -2.32 16.50
CA VAL E 366 -31.83 -2.79 17.67
C VAL E 366 -30.84 -1.69 18.01
N ALA E 367 -30.98 -1.09 19.18
CA ALA E 367 -30.13 0.06 19.48
C ALA E 367 -29.87 0.20 20.97
N ASN E 368 -28.78 0.89 21.27
CA ASN E 368 -28.41 1.28 22.62
C ASN E 368 -29.10 2.60 22.90
N CYS E 369 -30.29 2.53 23.48
CA CYS E 369 -31.10 3.72 23.68
C CYS E 369 -30.66 4.58 24.86
N ILE E 370 -29.55 4.25 25.51
CA ILE E 370 -29.00 5.16 26.52
C ILE E 370 -28.26 6.29 25.84
N THR E 371 -27.33 5.96 24.93
CA THR E 371 -26.58 6.97 24.21
C THR E 371 -27.25 7.41 22.91
N THR E 372 -28.23 6.64 22.42
CA THR E 372 -29.00 6.98 21.23
C THR E 372 -30.40 7.37 21.65
N THR E 373 -30.90 8.48 21.09
CA THR E 373 -32.24 8.97 21.41
C THR E 373 -33.29 8.20 20.61
N CYS E 374 -33.67 7.03 21.13
CA CYS E 374 -34.70 6.22 20.51
C CYS E 374 -36.06 6.82 20.82
N THR E 375 -36.92 6.89 19.80
CA THR E 375 -38.21 7.54 19.94
C THR E 375 -39.30 6.69 19.29
N CYS E 376 -40.48 6.64 19.93
CA CYS E 376 -41.60 5.80 19.50
C CYS E 376 -42.86 6.61 19.18
N ASN E 377 -43.39 6.41 17.98
CA ASN E 377 -44.65 7.01 17.51
C ASN E 377 -44.68 8.52 17.61
N GLY E 378 -43.56 9.18 17.40
CA GLY E 378 -43.52 10.63 17.39
C GLY E 378 -42.28 11.11 18.08
N ILE E 379 -41.66 12.18 17.57
CA ILE E 379 -40.37 12.65 18.05
C ILE E 379 -40.38 13.06 19.52
N GLY E 380 -41.55 13.19 20.14
CA GLY E 380 -41.61 13.55 21.53
C GLY E 380 -41.58 12.42 22.54
N ASN E 381 -41.90 11.20 22.12
CA ASN E 381 -42.00 10.04 23.01
C ASN E 381 -40.71 9.25 23.03
N ARG E 382 -39.82 9.57 23.96
CA ARG E 382 -38.54 8.88 24.08
C ARG E 382 -38.70 7.49 24.70
N ILE E 383 -38.05 6.50 24.10
CA ILE E 383 -37.99 5.14 24.63
C ILE E 383 -36.87 5.08 25.66
N ASN E 384 -37.20 4.67 26.88
CA ASN E 384 -36.23 4.57 27.96
C ASN E 384 -35.85 3.11 28.20
N GLN E 385 -34.56 2.79 28.07
CA GLN E 385 -34.23 1.42 28.45
C GLN E 385 -33.65 1.42 29.86
N PRO E 386 -33.99 0.43 30.68
CA PRO E 386 -33.46 0.40 32.04
C PRO E 386 -31.96 0.22 32.05
N PRO E 387 -31.28 0.68 33.10
CA PRO E 387 -29.81 0.63 33.15
C PRO E 387 -29.22 -0.76 33.12
N ASP E 388 -29.98 -1.79 33.47
CA ASP E 388 -29.49 -3.16 33.47
C ASP E 388 -29.72 -3.90 32.16
N GLN E 389 -30.28 -3.24 31.17
CA GLN E 389 -30.51 -3.83 29.86
C GLN E 389 -29.47 -3.26 28.88
N GLY E 390 -28.91 -4.13 28.06
CA GLY E 390 -27.84 -3.72 27.16
C GLY E 390 -28.28 -3.04 25.88
N VAL E 391 -29.30 -3.59 25.22
CA VAL E 391 -29.81 -3.03 23.98
C VAL E 391 -31.33 -3.11 23.99
N LYS E 392 -31.96 -2.21 23.25
CA LYS E 392 -33.41 -2.19 23.09
C LYS E 392 -33.77 -2.70 21.70
N ILE E 393 -34.67 -3.67 21.63
CA ILE E 393 -35.18 -4.22 20.39
C ILE E 393 -36.59 -3.68 20.18
N ILE E 394 -36.77 -2.88 19.14
CA ILE E 394 -38.03 -2.22 18.86
C ILE E 394 -38.63 -2.80 17.60
N THR E 395 -39.83 -3.35 17.72
CA THR E 395 -40.53 -4.07 16.66
C THR E 395 -41.81 -3.33 16.29
N HIS E 396 -42.40 -3.74 15.17
CA HIS E 396 -43.65 -3.13 14.71
C HIS E 396 -44.80 -3.36 15.68
N LYS E 397 -44.69 -4.34 16.57
CA LYS E 397 -45.73 -4.56 17.57
C LYS E 397 -45.70 -3.51 18.67
N GLU E 398 -44.64 -2.71 18.72
CA GLU E 398 -44.48 -1.69 19.74
C GLU E 398 -44.43 -0.28 19.18
N CYS E 399 -43.88 -0.07 17.99
CA CYS E 399 -43.83 1.26 17.40
C CYS E 399 -44.17 1.20 15.92
N ASN E 400 -45.07 2.08 15.49
CA ASN E 400 -45.37 2.19 14.06
C ASN E 400 -44.30 3.02 13.35
N THR E 401 -43.90 4.13 13.94
CA THR E 401 -42.82 4.97 13.44
C THR E 401 -41.74 5.00 14.50
N ILE E 402 -40.51 4.71 14.11
CA ILE E 402 -39.38 4.74 15.03
C ILE E 402 -38.42 5.84 14.59
N GLY E 403 -38.04 6.70 15.54
CA GLY E 403 -37.12 7.79 15.31
C GLY E 403 -35.76 7.56 15.94
N ILE E 404 -34.70 7.61 15.15
CA ILE E 404 -33.32 7.53 15.65
C ILE E 404 -32.69 8.90 15.49
N ASN E 405 -32.41 9.55 16.61
CA ASN E 405 -31.79 10.87 16.62
C ASN E 405 -32.52 11.88 15.74
N GLY E 406 -33.85 11.74 15.65
CA GLY E 406 -34.66 12.61 14.82
C GLY E 406 -35.04 12.04 13.48
N MET E 407 -34.34 11.03 12.99
CA MET E 407 -34.64 10.39 11.72
C MET E 407 -35.84 9.45 11.89
N LEU E 408 -36.98 9.80 11.31
CA LEU E 408 -38.18 8.99 11.42
C LEU E 408 -38.27 7.97 10.28
N PHE E 409 -38.52 6.72 10.65
CA PHE E 409 -38.73 5.62 9.71
C PHE E 409 -39.95 4.83 10.13
N ASN E 410 -40.66 4.30 9.15
CA ASN E 410 -41.75 3.38 9.41
C ASN E 410 -41.21 1.97 9.63
N THR E 411 -41.78 1.27 10.59
CA THR E 411 -41.43 -0.13 10.77
C THR E 411 -42.13 -0.95 9.70
N ASN E 412 -41.56 -2.11 9.41
CA ASN E 412 -42.07 -2.96 8.34
C ASN E 412 -43.05 -3.97 8.94
N LYS E 413 -44.28 -3.98 8.41
CA LYS E 413 -45.28 -4.90 8.92
C LYS E 413 -44.93 -6.36 8.67
N GLU E 414 -44.19 -6.64 7.60
CA GLU E 414 -43.79 -8.01 7.31
C GLU E 414 -42.47 -8.36 7.95
N GLY E 415 -42.01 -7.55 8.90
CA GLY E 415 -40.78 -7.86 9.61
C GLY E 415 -40.94 -9.07 10.50
N THR E 416 -39.90 -9.90 10.54
CA THR E 416 -39.89 -11.08 11.38
C THR E 416 -39.17 -10.88 12.71
N LEU E 417 -38.71 -9.66 13.01
CA LEU E 417 -38.00 -9.40 14.25
C LEU E 417 -38.86 -9.74 15.46
N ALA E 418 -38.27 -10.45 16.42
CA ALA E 418 -38.97 -10.86 17.63
C ALA E 418 -39.38 -9.68 18.49
N ASP E 423 -34.61 -11.27 29.75
CA ASP E 423 -33.90 -12.09 30.74
C ASP E 423 -32.63 -11.38 31.19
N ASP E 424 -32.13 -11.76 32.36
CA ASP E 424 -30.89 -11.20 32.90
C ASP E 424 -29.69 -11.81 32.20
N ILE E 425 -28.89 -10.97 31.56
CA ILE E 425 -27.67 -11.41 30.88
C ILE E 425 -26.49 -10.83 31.64
N THR E 426 -25.57 -11.69 32.06
CA THR E 426 -24.33 -11.28 32.71
C THR E 426 -23.16 -11.74 31.84
N LEU E 427 -22.37 -10.80 31.37
CA LEU E 427 -21.22 -11.09 30.52
C LEU E 427 -19.97 -10.94 31.36
N ASN E 428 -19.48 -12.06 31.89
CA ASN E 428 -18.32 -12.05 32.78
C ASN E 428 -16.99 -12.00 32.05
N ASN E 429 -16.95 -12.38 30.77
CA ASN E 429 -15.69 -12.46 30.04
C ASN E 429 -15.25 -11.08 29.55
N SER E 430 -14.86 -10.25 30.49
CA SER E 430 -14.23 -8.97 30.15
C SER E 430 -12.89 -9.21 29.47
N VAL E 431 -12.64 -8.48 28.40
CA VAL E 431 -11.46 -8.69 27.57
C VAL E 431 -10.87 -7.34 27.19
N ALA E 432 -9.54 -7.27 27.16
CA ALA E 432 -8.81 -6.12 26.66
C ALA E 432 -8.12 -6.48 25.35
N LEU E 433 -8.18 -5.55 24.39
CA LEU E 433 -7.53 -5.72 23.09
C LEU E 433 -6.11 -5.20 23.03
N ASN E 434 -5.72 -4.32 23.92
CA ASN E 434 -4.43 -3.65 23.80
C ASN E 434 -3.41 -4.27 24.74
N PRO E 435 -2.24 -4.64 24.23
CA PRO E 435 -1.21 -5.26 25.08
C PRO E 435 -0.83 -4.46 26.32
N ILE E 436 -0.86 -3.13 26.27
CA ILE E 436 -0.58 -2.34 27.47
C ILE E 436 -1.60 -2.67 28.55
N ASP E 437 -2.87 -2.70 28.17
CA ASP E 437 -3.94 -2.97 29.13
C ASP E 437 -3.82 -4.35 29.76
N ILE E 438 -3.51 -5.36 28.94
CA ILE E 438 -3.29 -6.70 29.49
C ILE E 438 -2.10 -6.70 30.44
N SER E 439 -1.01 -6.05 30.07
CA SER E 439 0.17 -6.00 30.93
C SER E 439 -0.13 -5.30 32.25
N ILE E 440 -0.88 -4.20 32.20
CA ILE E 440 -1.22 -3.48 33.43
C ILE E 440 -2.05 -4.34 34.36
N GLU E 441 -3.07 -5.01 33.83
CA GLU E 441 -3.89 -5.87 34.68
C GLU E 441 -3.16 -7.13 35.12
N LEU E 442 -2.18 -7.59 34.34
CA LEU E 442 -1.37 -8.72 34.79
C LEU E 442 -0.48 -8.33 35.96
N ASN E 443 0.04 -7.10 35.97
CA ASN E 443 0.84 -6.63 37.09
C ASN E 443 0.03 -6.57 38.37
N LYS E 444 -1.23 -6.17 38.28
CA LYS E 444 -2.09 -6.14 39.45
C LYS E 444 -2.30 -7.54 40.02
N ALA E 445 -2.54 -8.52 39.14
CA ALA E 445 -2.69 -9.90 39.58
C ALA E 445 -1.43 -10.41 40.26
N LYS E 446 -0.26 -10.18 39.64
CA LYS E 446 0.99 -10.60 40.27
C LYS E 446 1.19 -9.92 41.61
N SER E 447 0.82 -8.64 41.72
CA SER E 447 0.97 -7.93 42.99
C SER E 447 0.06 -8.55 44.05
N ASP E 448 -1.16 -8.92 43.67
CA ASP E 448 -2.05 -9.61 44.58
C ASP E 448 -1.55 -11.02 44.90
N LEU E 449 -0.84 -11.64 43.96
CA LEU E 449 -0.31 -12.98 44.20
C LEU E 449 0.82 -12.98 45.21
N GLU E 450 1.70 -11.97 45.16
CA GLU E 450 2.75 -11.87 46.17
C GLU E 450 2.17 -11.64 47.56
N GLU E 451 1.12 -10.84 47.65
CA GLU E 451 0.46 -10.64 48.94
C GLU E 451 -0.14 -11.95 49.46
N SER E 452 -0.74 -12.74 48.57
CA SER E 452 -1.31 -14.02 48.95
C SER E 452 -0.24 -14.96 49.52
N LYS E 453 0.93 -15.00 48.88
CA LYS E 453 2.03 -15.83 49.36
C LYS E 453 2.48 -15.43 50.76
N GLU E 454 2.49 -14.13 51.06
CA GLU E 454 2.90 -13.68 52.38
C GLU E 454 1.96 -14.19 53.47
N TRP E 455 0.65 -14.15 53.22
CA TRP E 455 -0.27 -14.69 54.21
C TRP E 455 0.00 -16.17 54.48
N ILE E 456 0.43 -16.90 53.47
CA ILE E 456 0.81 -18.30 53.64
C ILE E 456 2.02 -18.42 54.56
N ARG E 457 3.04 -17.60 54.34
CA ARG E 457 4.25 -17.67 55.15
C ARG E 457 3.96 -17.40 56.63
N ARG E 458 3.24 -16.33 56.94
CA ARG E 458 2.92 -16.07 58.34
C ARG E 458 1.99 -17.13 58.92
N SER E 459 0.99 -17.56 58.16
CA SER E 459 0.10 -18.59 58.66
C SER E 459 0.85 -19.89 58.93
N ASN E 460 1.83 -20.21 58.07
CA ASN E 460 2.66 -21.38 58.33
C ASN E 460 3.51 -21.19 59.57
N GLN E 461 3.92 -19.95 59.85
CA GLN E 461 4.72 -19.67 61.04
C GLN E 461 3.95 -19.95 62.33
N LYS E 462 2.71 -19.44 62.41
CA LYS E 462 1.91 -19.70 63.60
C LYS E 462 1.50 -21.15 63.71
N LEU E 463 1.31 -21.83 62.59
CA LEU E 463 1.03 -23.27 62.62
C LEU E 463 2.28 -24.06 62.96
N GLU F 1 -1.33 32.14 18.36
CA GLU F 1 -2.23 33.06 17.71
C GLU F 1 -1.47 34.25 17.13
N VAL F 2 -1.31 34.28 15.81
CA VAL F 2 -0.74 35.41 15.11
C VAL F 2 -1.89 36.28 14.60
N GLN F 3 -1.89 37.55 14.99
CA GLN F 3 -2.89 38.50 14.54
C GLN F 3 -2.23 39.70 13.89
N LEU F 4 -2.80 40.14 12.77
CA LEU F 4 -2.36 41.32 12.04
C LEU F 4 -3.51 42.31 11.99
N VAL F 5 -3.23 43.59 12.27
CA VAL F 5 -4.25 44.62 12.31
C VAL F 5 -3.77 45.81 11.47
N GLU F 6 -4.45 46.08 10.36
CA GLU F 6 -4.15 47.23 9.52
C GLU F 6 -4.82 48.50 10.04
N SER F 7 -4.26 49.64 9.64
CA SER F 7 -4.86 50.93 9.92
C SER F 7 -4.39 51.93 8.87
N GLY F 8 -5.10 53.06 8.81
CA GLY F 8 -4.70 54.17 7.98
C GLY F 8 -5.49 54.37 6.70
N GLY F 9 -6.32 53.40 6.32
CA GLY F 9 -7.10 53.55 5.11
C GLY F 9 -8.21 54.58 5.22
N GLY F 10 -8.66 55.04 4.06
CA GLY F 10 -9.75 55.99 4.01
C GLY F 10 -9.93 56.55 2.61
N LEU F 11 -10.67 57.66 2.53
CA LEU F 11 -10.86 58.37 1.27
C LEU F 11 -9.74 59.38 1.08
N VAL F 12 -9.28 59.52 -0.15
CA VAL F 12 -8.14 60.38 -0.45
C VAL F 12 -8.30 60.93 -1.87
N ARG F 13 -7.82 62.15 -2.07
CA ARG F 13 -7.88 62.80 -3.37
C ARG F 13 -6.78 62.28 -4.27
N ALA F 14 -7.08 62.20 -5.56
CA ALA F 14 -6.10 61.74 -6.53
C ALA F 14 -4.84 62.60 -6.48
N GLY F 15 -3.70 61.97 -6.70
CA GLY F 15 -2.41 62.60 -6.52
C GLY F 15 -1.97 62.76 -5.09
N GLY F 16 -2.84 62.53 -4.11
CA GLY F 16 -2.48 62.64 -2.72
C GLY F 16 -1.68 61.45 -2.24
N SER F 17 -1.52 61.38 -0.92
CA SER F 17 -0.71 60.35 -0.29
C SER F 17 -1.43 59.79 0.93
N LEU F 18 -1.10 58.56 1.27
CA LEU F 18 -1.65 57.89 2.44
C LEU F 18 -0.61 56.91 2.95
N ARG F 19 -0.61 56.68 4.27
CA ARG F 19 0.36 55.81 4.92
C ARG F 19 -0.37 54.74 5.71
N LEU F 20 -0.28 53.49 5.26
CA LEU F 20 -0.86 52.34 5.94
C LEU F 20 0.12 51.75 6.94
N SER F 21 -0.42 51.18 8.01
CA SER F 21 0.37 50.51 9.02
C SER F 21 -0.25 49.17 9.37
N CYS F 22 0.61 48.23 9.79
CA CYS F 22 0.18 46.88 10.15
C CYS F 22 0.94 46.46 11.40
N ALA F 23 0.21 46.09 12.45
CA ALA F 23 0.80 45.66 13.71
C ALA F 23 0.66 44.14 13.83
N ALA F 24 1.74 43.48 14.21
CA ALA F 24 1.84 42.04 14.08
C ALA F 24 2.27 41.39 15.39
N SER F 25 1.47 40.43 15.86
CA SER F 25 1.77 39.66 17.06
C SER F 25 2.54 38.39 16.71
N LEU F 26 3.72 38.58 16.11
CA LEU F 26 4.51 37.51 15.52
C LEU F 26 5.16 36.58 16.53
N ARG F 27 5.02 36.81 17.83
CA ARG F 27 5.71 35.97 18.81
C ARG F 27 5.24 34.53 18.74
N ASP F 28 4.00 34.29 18.34
CA ASP F 28 3.48 32.93 18.24
C ASP F 28 3.82 32.23 16.93
N LEU F 29 4.42 32.94 15.97
CA LEU F 29 4.70 32.36 14.67
C LEU F 29 5.76 31.28 14.77
N HIS F 30 5.56 30.19 14.03
CA HIS F 30 6.39 28.99 14.13
C HIS F 30 7.78 29.15 13.54
N THR F 31 8.05 30.23 12.81
CA THR F 31 9.37 30.45 12.21
C THR F 31 9.87 31.83 12.57
N ARG F 32 11.18 32.01 12.44
CA ARG F 32 11.78 33.32 12.51
C ARG F 32 12.22 33.86 11.16
N THR F 33 12.19 33.03 10.10
CA THR F 33 12.43 33.49 8.75
C THR F 33 11.11 33.65 8.01
N PHE F 34 10.78 34.86 7.62
CA PHE F 34 9.55 35.14 6.91
C PHE F 34 9.63 36.51 6.27
N TYR F 35 8.76 36.72 5.29
CA TYR F 35 8.51 38.03 4.71
C TYR F 35 7.23 38.60 5.30
N MET F 36 7.11 39.93 5.26
CA MET F 36 5.82 40.57 5.42
C MET F 36 5.54 41.40 4.18
N GLY F 37 4.27 41.54 3.85
CA GLY F 37 3.94 42.21 2.61
C GLY F 37 2.51 42.70 2.58
N TRP F 38 2.18 43.33 1.46
CA TRP F 38 0.88 43.98 1.25
C TRP F 38 0.25 43.45 -0.03
N PHE F 39 -1.05 43.21 0.04
CA PHE F 39 -1.83 42.74 -1.10
C PHE F 39 -3.04 43.65 -1.23
N ARG F 40 -3.59 43.72 -2.44
CA ARG F 40 -4.83 44.48 -2.67
C ARG F 40 -5.80 43.63 -3.48
N GLN F 41 -7.09 43.85 -3.21
CA GLN F 41 -8.15 43.12 -3.89
C GLN F 41 -9.21 44.10 -4.39
N ASP F 42 -9.47 44.05 -5.70
CA ASP F 42 -10.69 44.60 -6.27
C ASP F 42 -11.83 43.62 -6.05
N PRO F 43 -13.08 44.11 -5.95
CA PRO F 43 -14.16 43.24 -5.49
C PRO F 43 -14.44 42.05 -6.39
N GLY F 44 -14.06 42.10 -7.66
CA GLY F 44 -14.24 41.00 -8.57
C GLY F 44 -13.01 40.23 -8.95
N LYS F 45 -11.87 40.45 -8.30
CA LYS F 45 -10.59 39.98 -8.79
C LYS F 45 -9.80 39.33 -7.66
N GLU F 46 -8.78 38.56 -8.05
CA GLU F 46 -7.89 37.94 -7.10
C GLU F 46 -6.96 38.97 -6.45
N ARG F 47 -6.46 38.63 -5.27
CA ARG F 47 -5.55 39.52 -4.56
C ARG F 47 -4.26 39.71 -5.33
N GLU F 48 -4.00 40.94 -5.74
CA GLU F 48 -2.73 41.32 -6.34
C GLU F 48 -1.66 41.54 -5.28
N PHE F 49 -0.45 41.13 -5.60
CA PHE F 49 0.74 41.55 -4.85
C PHE F 49 0.96 43.04 -4.99
N VAL F 50 1.38 43.68 -3.90
CA VAL F 50 1.67 45.12 -3.88
C VAL F 50 3.10 45.40 -3.42
N ALA F 51 3.51 44.80 -2.31
CA ALA F 51 4.88 44.96 -1.83
C ALA F 51 5.21 43.83 -0.87
N ALA F 52 6.50 43.54 -0.71
CA ALA F 52 6.97 42.64 0.32
C ALA F 52 8.32 43.09 0.83
N ILE F 53 8.59 42.77 2.10
CA ILE F 53 9.84 43.13 2.76
C ILE F 53 10.36 41.92 3.51
N ASP F 54 11.67 41.67 3.41
CA ASP F 54 12.33 40.67 4.23
C ASP F 54 12.48 41.18 5.65
N TRP F 55 11.90 40.46 6.61
CA TRP F 55 11.86 40.94 7.99
C TRP F 55 13.25 41.02 8.61
N ASN F 56 14.20 40.22 8.13
CA ASN F 56 15.55 40.24 8.65
C ASN F 56 16.47 41.16 7.86
N THR F 57 16.45 41.05 6.53
CA THR F 57 17.39 41.78 5.69
C THR F 57 16.91 43.17 5.32
N GLY F 58 15.59 43.40 5.31
CA GLY F 58 15.05 44.68 4.91
C GLY F 58 14.98 44.90 3.42
N ALA F 59 15.28 43.89 2.62
CA ALA F 59 15.12 44.00 1.17
C ALA F 59 13.65 44.15 0.81
N ALA F 60 13.35 45.15 -0.01
CA ALA F 60 12.00 45.43 -0.45
C ALA F 60 11.80 44.94 -1.88
N SER F 61 10.58 44.51 -2.17
CA SER F 61 10.24 44.00 -3.49
C SER F 61 8.91 44.59 -3.92
N TYR F 62 8.78 44.87 -5.21
CA TYR F 62 7.60 45.51 -5.75
C TYR F 62 7.31 44.91 -7.12
N PRO F 63 6.04 44.83 -7.50
CA PRO F 63 5.70 44.54 -8.89
C PRO F 63 5.90 45.77 -9.76
N ASP F 64 6.08 45.52 -11.06
CA ASP F 64 6.33 46.62 -11.99
C ASP F 64 5.15 47.58 -12.10
N SER F 65 3.94 47.15 -11.73
CA SER F 65 2.78 48.01 -11.80
C SER F 65 2.88 49.22 -10.89
N VAL F 66 3.70 49.17 -9.84
CA VAL F 66 3.72 50.19 -8.81
C VAL F 66 5.13 50.67 -8.49
N LYS F 67 6.14 50.20 -9.20
CA LYS F 67 7.53 50.55 -8.89
C LYS F 67 7.73 52.05 -8.85
N GLY F 68 8.33 52.52 -7.74
CA GLY F 68 8.57 53.93 -7.52
C GLY F 68 7.42 54.74 -6.98
N ARG F 69 6.20 54.23 -7.06
CA ARG F 69 5.09 54.93 -6.41
C ARG F 69 5.01 54.62 -4.92
N PHE F 70 5.04 53.35 -4.54
CA PHE F 70 4.86 52.92 -3.16
C PHE F 70 6.17 52.42 -2.58
N THR F 71 6.34 52.60 -1.27
CA THR F 71 7.51 52.11 -0.55
C THR F 71 7.05 51.36 0.70
N ILE F 72 7.66 50.21 0.95
CA ILE F 72 7.39 49.41 2.13
C ILE F 72 8.55 49.57 3.10
N SER F 73 8.23 49.62 4.40
CA SER F 73 9.25 49.70 5.43
C SER F 73 8.77 48.93 6.65
N LYS F 74 9.70 48.69 7.57
CA LYS F 74 9.44 47.92 8.77
C LYS F 74 10.09 48.59 9.96
N ASP F 75 9.62 48.22 11.15
CA ASP F 75 10.32 48.52 12.40
C ASP F 75 10.22 47.26 13.26
N ASN F 76 11.33 46.52 13.37
CA ASN F 76 11.32 45.27 14.11
C ASN F 76 11.02 45.46 15.59
N ALA F 77 11.39 46.61 16.15
CA ALA F 77 11.16 46.82 17.58
C ALA F 77 9.69 47.09 17.87
N ARG F 78 8.97 47.69 16.93
CA ARG F 78 7.54 47.90 17.06
C ARG F 78 6.72 46.70 16.61
N ASN F 79 7.32 45.75 15.89
CA ASN F 79 6.58 44.73 15.15
C ASN F 79 5.55 45.36 14.21
N ALA F 80 6.01 46.31 13.40
CA ALA F 80 5.14 47.06 12.52
C ALA F 80 5.68 47.04 11.10
N VAL F 81 4.76 47.14 10.14
CA VAL F 81 5.08 47.24 8.72
C VAL F 81 4.28 48.41 8.14
N TYR F 82 4.91 49.17 7.25
CA TYR F 82 4.30 50.37 6.71
C TYR F 82 4.34 50.34 5.19
N LEU F 83 3.32 50.93 4.58
CA LEU F 83 3.25 51.13 3.15
C LEU F 83 2.83 52.56 2.88
N GLN F 84 3.75 53.40 2.43
CA GLN F 84 3.45 54.76 2.07
C GLN F 84 3.14 54.84 0.58
N MET F 85 1.95 55.35 0.25
CA MET F 85 1.49 55.45 -1.12
C MET F 85 1.53 56.90 -1.56
N ASN F 86 2.22 57.18 -2.66
CA ASN F 86 2.34 58.52 -3.21
C ASN F 86 1.89 58.52 -4.65
N ASN F 87 1.45 59.69 -5.12
CA ASN F 87 0.93 59.85 -6.47
C ASN F 87 -0.20 58.86 -6.73
N LEU F 88 -1.16 58.85 -5.82
CA LEU F 88 -2.29 57.92 -5.92
C LEU F 88 -3.11 58.16 -7.17
N LYS F 89 -3.69 57.09 -7.69
CA LYS F 89 -4.46 57.05 -8.92
C LYS F 89 -5.79 56.35 -8.68
N PRO F 90 -6.80 56.65 -9.48
CA PRO F 90 -8.11 55.99 -9.29
C PRO F 90 -8.05 54.47 -9.27
N GLU F 91 -7.16 53.87 -10.05
CA GLU F 91 -7.03 52.42 -10.10
C GLU F 91 -6.57 51.82 -8.78
N ASP F 92 -6.06 52.62 -7.85
CA ASP F 92 -5.55 52.14 -6.58
C ASP F 92 -6.63 51.78 -5.57
N THR F 93 -7.91 52.01 -5.86
CA THR F 93 -8.96 51.69 -4.91
C THR F 93 -9.10 50.18 -4.76
N ALA F 94 -8.95 49.70 -3.52
CA ALA F 94 -8.96 48.28 -3.22
C ALA F 94 -8.97 48.11 -1.71
N VAL F 95 -9.32 46.92 -1.26
CA VAL F 95 -9.04 46.50 0.11
C VAL F 95 -7.58 46.05 0.17
N TYR F 96 -6.81 46.65 1.07
CA TYR F 96 -5.40 46.33 1.22
C TYR F 96 -5.17 45.46 2.46
N TYR F 97 -4.47 44.35 2.27
CA TYR F 97 -4.20 43.39 3.34
C TYR F 97 -2.71 43.30 3.58
N CYS F 98 -2.30 43.34 4.85
CA CYS F 98 -0.95 42.93 5.20
C CYS F 98 -0.92 41.43 5.48
N ALA F 99 0.22 40.81 5.19
CA ALA F 99 0.39 39.38 5.39
C ALA F 99 1.78 39.08 5.93
N VAL F 100 1.87 37.98 6.68
CA VAL F 100 3.13 37.35 7.02
C VAL F 100 3.17 36.02 6.28
N GLY F 101 4.29 35.71 5.65
CA GLY F 101 4.29 34.56 4.78
C GLY F 101 5.69 34.16 4.35
N ARG F 102 5.72 33.21 3.45
CA ARG F 102 6.90 32.55 2.90
C ARG F 102 7.54 33.43 1.84
N PRO F 103 8.87 33.47 1.78
CA PRO F 103 9.54 34.18 0.71
C PRO F 103 9.20 33.58 -0.65
N PRO F 104 9.01 34.41 -1.67
CA PRO F 104 9.08 35.88 -1.62
C PRO F 104 7.79 36.66 -1.32
N LEU F 105 6.69 36.01 -0.92
CA LEU F 105 5.39 36.66 -0.78
C LEU F 105 4.98 37.38 -2.06
N ASN F 106 5.42 36.87 -3.20
CA ASN F 106 5.05 37.44 -4.48
C ASN F 106 3.62 37.11 -4.88
N ARG F 107 2.97 36.18 -4.18
CA ARG F 107 1.65 35.69 -4.55
C ARG F 107 0.90 35.28 -3.28
N PRO F 108 -0.42 35.40 -3.26
CA PRO F 108 -1.17 35.23 -2.01
C PRO F 108 -1.14 33.82 -1.45
N THR F 109 -0.86 32.81 -2.28
CA THR F 109 -0.74 31.44 -1.79
C THR F 109 0.36 31.27 -0.76
N LEU F 110 1.33 32.19 -0.71
CA LEU F 110 2.47 32.06 0.18
C LEU F 110 2.23 32.57 1.60
N ALA F 111 1.17 33.33 1.84
CA ALA F 111 0.95 33.89 3.17
C ALA F 111 0.63 32.82 4.20
N TYR F 112 1.17 33.00 5.41
CA TYR F 112 0.72 32.21 6.55
C TYR F 112 -0.58 32.76 7.13
N TYR F 113 -0.65 34.07 7.34
CA TYR F 113 -1.76 34.71 8.01
C TYR F 113 -2.10 36.02 7.31
N TRP F 114 -3.36 36.42 7.44
CA TRP F 114 -3.91 37.58 6.75
C TRP F 114 -4.51 38.55 7.76
N GLY F 115 -4.33 39.84 7.49
CA GLY F 115 -5.10 40.85 8.18
C GLY F 115 -6.52 40.92 7.66
N GLN F 116 -7.32 41.77 8.31
CA GLN F 116 -8.71 41.96 7.91
C GLN F 116 -8.87 42.88 6.72
N GLY F 117 -7.83 43.62 6.34
CA GLY F 117 -7.93 44.55 5.23
C GLY F 117 -8.48 45.91 5.60
N THR F 118 -8.02 46.94 4.89
CA THR F 118 -8.49 48.30 5.05
C THR F 118 -8.86 48.86 3.69
N GLN F 119 -10.01 49.51 3.61
CA GLN F 119 -10.48 50.10 2.37
C GLN F 119 -9.74 51.40 2.07
N VAL F 120 -9.21 51.51 0.86
CA VAL F 120 -8.65 52.75 0.35
C VAL F 120 -9.46 53.13 -0.88
N THR F 121 -10.10 54.30 -0.83
CA THR F 121 -10.88 54.82 -1.94
C THR F 121 -10.21 56.08 -2.48
N VAL F 122 -9.84 56.05 -3.75
CA VAL F 122 -9.17 57.16 -4.41
C VAL F 122 -10.17 57.82 -5.36
N SER F 123 -10.36 59.12 -5.21
CA SER F 123 -11.43 59.84 -5.88
C SER F 123 -10.86 61.06 -6.58
N SER F 124 -11.36 61.32 -7.79
CA SER F 124 -11.00 62.52 -8.52
C SER F 124 -11.67 63.74 -7.91
N GLU G 1 31.79 -18.94 1.12
CA GLU G 1 32.86 -18.16 0.51
C GLU G 1 33.35 -18.81 -0.77
N VAL G 2 32.98 -18.24 -1.91
CA VAL G 2 33.50 -18.65 -3.21
C VAL G 2 34.67 -17.76 -3.57
N GLN G 3 35.83 -18.37 -3.83
CA GLN G 3 37.03 -17.64 -4.22
C GLN G 3 37.55 -18.17 -5.54
N LEU G 4 37.96 -17.25 -6.41
CA LEU G 4 38.57 -17.55 -7.70
C LEU G 4 39.97 -16.98 -7.73
N VAL G 5 40.94 -17.77 -8.21
CA VAL G 5 42.34 -17.36 -8.25
C VAL G 5 42.89 -17.64 -9.65
N GLU G 6 43.22 -16.59 -10.39
CA GLU G 6 43.83 -16.73 -11.70
C GLU G 6 45.33 -16.93 -11.60
N SER G 7 45.91 -17.49 -12.66
CA SER G 7 47.35 -17.60 -12.79
C SER G 7 47.70 -17.71 -14.27
N GLY G 8 48.98 -17.48 -14.56
CA GLY G 8 49.51 -17.67 -15.89
C GLY G 8 49.76 -16.41 -16.70
N GLY G 9 49.27 -15.26 -16.23
CA GLY G 9 49.48 -14.03 -16.97
C GLY G 9 50.92 -13.55 -16.91
N GLY G 10 51.27 -12.70 -17.88
CA GLY G 10 52.60 -12.14 -17.92
C GLY G 10 52.85 -11.41 -19.23
N LEU G 11 54.13 -11.18 -19.50
CA LEU G 11 54.56 -10.58 -20.76
C LEU G 11 54.78 -11.66 -21.81
N VAL G 12 54.41 -11.37 -23.05
CA VAL G 12 54.47 -12.34 -24.13
C VAL G 12 54.72 -11.61 -25.44
N ARG G 13 55.45 -12.28 -26.33
CA ARG G 13 55.77 -11.73 -27.63
C ARG G 13 54.58 -11.87 -28.57
N ALA G 14 54.41 -10.89 -29.46
CA ALA G 14 53.33 -10.95 -30.43
C ALA G 14 53.44 -12.22 -31.26
N GLY G 15 52.28 -12.76 -31.62
CA GLY G 15 52.21 -14.06 -32.25
C GLY G 15 52.42 -15.24 -31.32
N GLY G 16 52.86 -15.01 -30.09
CA GLY G 16 53.07 -16.08 -29.14
C GLY G 16 51.78 -16.59 -28.54
N SER G 17 51.94 -17.41 -27.50
CA SER G 17 50.81 -18.06 -26.85
C SER G 17 50.94 -17.99 -25.35
N LEU G 18 49.80 -18.05 -24.67
CA LEU G 18 49.77 -18.04 -23.21
C LEU G 18 48.56 -18.85 -22.76
N ARG G 19 48.69 -19.49 -21.60
CA ARG G 19 47.62 -20.34 -21.05
C ARG G 19 47.27 -19.88 -19.65
N LEU G 20 46.07 -19.32 -19.49
CA LEU G 20 45.56 -18.89 -18.20
C LEU G 20 44.82 -20.02 -17.50
N SER G 21 44.88 -20.01 -16.17
CA SER G 21 44.17 -20.98 -15.35
C SER G 21 43.46 -20.26 -14.21
N CYS G 22 42.36 -20.86 -13.75
CA CYS G 22 41.55 -20.30 -12.67
C CYS G 22 41.10 -21.45 -11.78
N ALA G 23 41.40 -21.35 -10.48
CA ALA G 23 41.01 -22.35 -9.51
C ALA G 23 39.87 -21.81 -8.66
N ALA G 24 38.84 -22.63 -8.46
CA ALA G 24 37.56 -22.15 -7.96
C ALA G 24 37.10 -22.98 -6.77
N SER G 25 36.77 -22.31 -5.68
CA SER G 25 36.24 -22.95 -4.47
C SER G 25 34.71 -22.96 -4.50
N LEU G 26 34.17 -23.62 -5.53
CA LEU G 26 32.75 -23.59 -5.85
C LEU G 26 31.86 -24.36 -4.87
N ARG G 27 32.42 -25.01 -3.85
CA ARG G 27 31.60 -25.82 -2.95
C ARG G 27 30.59 -24.97 -2.20
N ASP G 28 30.90 -23.70 -1.95
CA ASP G 28 29.98 -22.82 -1.24
C ASP G 28 28.91 -22.20 -2.14
N LEU G 29 29.01 -22.38 -3.45
CA LEU G 29 28.08 -21.73 -4.36
C LEU G 29 26.67 -22.30 -4.22
N HIS G 30 25.68 -21.40 -4.28
CA HIS G 30 24.29 -21.74 -3.99
C HIS G 30 23.62 -22.57 -5.08
N THR G 31 24.22 -22.72 -6.26
CA THR G 31 23.63 -23.49 -7.34
C THR G 31 24.64 -24.50 -7.86
N ARG G 32 24.12 -25.52 -8.55
CA ARG G 32 24.95 -26.44 -9.29
C ARG G 32 24.88 -26.22 -10.80
N THR G 33 23.97 -25.39 -11.28
CA THR G 33 23.92 -25.00 -12.68
C THR G 33 24.52 -23.61 -12.83
N PHE G 34 25.62 -23.52 -13.56
CA PHE G 34 26.29 -22.24 -13.77
C PHE G 34 27.25 -22.36 -14.93
N TYR G 35 27.61 -21.21 -15.47
CA TYR G 35 28.70 -21.08 -16.43
C TYR G 35 29.95 -20.58 -15.72
N MET G 36 31.10 -20.86 -16.30
CA MET G 36 32.32 -20.14 -15.96
C MET G 36 32.90 -19.53 -17.22
N GLY G 37 33.58 -18.41 -17.07
CA GLY G 37 34.04 -17.70 -18.24
C GLY G 37 35.17 -16.73 -17.92
N TRP G 38 35.62 -16.06 -18.97
CA TRP G 38 36.75 -15.13 -18.91
C TRP G 38 36.34 -13.78 -19.46
N PHE G 39 36.79 -12.73 -18.80
CA PHE G 39 36.55 -11.36 -19.21
C PHE G 39 37.88 -10.62 -19.26
N ARG G 40 37.94 -9.55 -20.04
CA ARG G 40 39.12 -8.70 -20.07
C ARG G 40 38.71 -7.24 -19.97
N GLN G 41 39.57 -6.44 -19.35
CA GLN G 41 39.32 -5.01 -19.16
C GLN G 41 40.54 -4.21 -19.56
N ASP G 42 40.35 -3.27 -20.48
CA ASP G 42 41.27 -2.17 -20.67
C ASP G 42 41.03 -1.09 -19.62
N PRO G 43 42.05 -0.34 -19.22
CA PRO G 43 41.92 0.52 -18.04
C PRO G 43 40.86 1.60 -18.18
N GLY G 44 40.50 1.98 -19.39
CA GLY G 44 39.46 2.98 -19.59
C GLY G 44 38.13 2.46 -20.10
N LYS G 45 37.90 1.15 -20.09
CA LYS G 45 36.79 0.55 -20.82
C LYS G 45 36.08 -0.46 -19.93
N GLU G 46 34.86 -0.82 -20.34
CA GLU G 46 34.11 -1.85 -19.65
C GLU G 46 34.70 -3.24 -19.91
N ARG G 47 34.40 -4.17 -19.02
CA ARG G 47 34.87 -5.54 -19.16
C ARG G 47 34.24 -6.19 -20.38
N GLU G 48 35.06 -6.54 -21.36
CA GLU G 48 34.62 -7.32 -22.49
C GLU G 48 34.51 -8.81 -22.14
N PHE G 49 33.49 -9.45 -22.69
CA PHE G 49 33.41 -10.90 -22.70
C PHE G 49 34.54 -11.48 -23.54
N VAL G 50 35.11 -12.61 -23.11
CA VAL G 50 36.18 -13.28 -23.83
C VAL G 50 35.81 -14.73 -24.15
N ALA G 51 35.35 -15.48 -23.16
CA ALA G 51 34.90 -16.85 -23.38
C ALA G 51 33.99 -17.26 -22.23
N ALA G 52 33.15 -18.25 -22.49
CA ALA G 52 32.37 -18.88 -21.43
C ALA G 52 32.19 -20.36 -21.73
N ILE G 53 32.04 -21.14 -20.67
CA ILE G 53 31.87 -22.59 -20.77
C ILE G 53 30.76 -23.03 -19.84
N ASP G 54 29.91 -23.93 -20.32
CA ASP G 54 28.92 -24.59 -19.49
C ASP G 54 29.61 -25.62 -18.60
N TRP G 55 29.47 -25.45 -17.30
CA TRP G 55 30.19 -26.30 -16.36
C TRP G 55 29.73 -27.75 -16.43
N ASN G 56 28.48 -27.99 -16.81
CA ASN G 56 27.96 -29.34 -16.91
C ASN G 56 28.10 -29.92 -18.31
N THR G 57 27.71 -29.17 -19.33
CA THR G 57 27.68 -29.68 -20.70
C THR G 57 29.00 -29.51 -21.42
N GLY G 58 29.82 -28.54 -21.02
CA GLY G 58 31.06 -28.28 -21.71
C GLY G 58 30.94 -27.48 -22.99
N ALA G 59 29.75 -27.01 -23.33
CA ALA G 59 29.59 -26.15 -24.49
C ALA G 59 30.34 -24.84 -24.29
N ALA G 60 31.15 -24.49 -25.28
CA ALA G 60 31.96 -23.27 -25.24
C ALA G 60 31.33 -22.18 -26.10
N SER G 61 31.51 -20.94 -25.67
CA SER G 61 30.97 -19.78 -26.36
C SER G 61 32.05 -18.71 -26.44
N TYR G 62 32.09 -18.00 -27.56
CA TYR G 62 33.09 -16.98 -27.81
C TYR G 62 32.46 -15.82 -28.57
N PRO G 63 32.94 -14.61 -28.35
CA PRO G 63 32.59 -13.51 -29.24
C PRO G 63 33.35 -13.59 -30.55
N ASP G 64 32.78 -12.95 -31.57
CA ASP G 64 33.37 -12.98 -32.90
C ASP G 64 34.73 -12.31 -32.95
N SER G 65 35.04 -11.43 -32.00
CA SER G 65 36.33 -10.75 -32.00
C SER G 65 37.51 -11.70 -31.84
N VAL G 66 37.28 -12.89 -31.30
CA VAL G 66 38.36 -13.80 -30.93
C VAL G 66 38.15 -15.21 -31.42
N LYS G 67 37.08 -15.47 -32.17
CA LYS G 67 36.76 -16.83 -32.61
C LYS G 67 37.94 -17.49 -33.32
N GLY G 68 38.29 -18.68 -32.86
CA GLY G 68 39.41 -19.44 -33.39
C GLY G 68 40.77 -19.07 -32.86
N ARG G 69 40.92 -17.91 -32.23
CA ARG G 69 42.18 -17.59 -31.57
C ARG G 69 42.29 -18.23 -30.19
N PHE G 70 41.28 -18.05 -29.35
CA PHE G 70 41.31 -18.52 -27.97
C PHE G 70 40.36 -19.70 -27.79
N THR G 71 40.71 -20.60 -26.86
CA THR G 71 39.89 -21.74 -26.52
C THR G 71 39.77 -21.85 -25.01
N ILE G 72 38.56 -22.12 -24.54
CA ILE G 72 38.28 -22.31 -23.12
C ILE G 72 38.09 -23.79 -22.84
N SER G 73 38.59 -24.26 -21.71
CA SER G 73 38.40 -25.64 -21.30
C SER G 73 38.24 -25.71 -19.79
N LYS G 74 37.79 -26.87 -19.32
CA LYS G 74 37.53 -27.07 -17.90
C LYS G 74 38.04 -28.44 -17.48
N ASP G 75 38.22 -28.61 -16.18
CA ASP G 75 38.39 -29.92 -15.56
C ASP G 75 37.58 -29.92 -14.27
N ASN G 76 36.45 -30.61 -14.27
CA ASN G 76 35.56 -30.61 -13.11
C ASN G 76 36.21 -31.25 -11.89
N ALA G 77 37.12 -32.21 -12.09
CA ALA G 77 37.75 -32.86 -10.95
C ALA G 77 38.78 -31.96 -10.27
N ARG G 78 39.40 -31.06 -11.03
CA ARG G 78 40.32 -30.08 -10.47
C ARG G 78 39.62 -28.83 -9.96
N ASN G 79 38.36 -28.62 -10.34
CA ASN G 79 37.69 -27.33 -10.20
C ASN G 79 38.51 -26.21 -10.84
N ALA G 80 38.87 -26.42 -12.10
CA ALA G 80 39.72 -25.48 -12.83
C ALA G 80 39.10 -25.13 -14.16
N VAL G 81 39.38 -23.91 -14.63
CA VAL G 81 38.97 -23.44 -15.94
C VAL G 81 40.20 -22.86 -16.62
N TYR G 82 40.32 -23.11 -17.93
CA TYR G 82 41.51 -22.72 -18.66
C TYR G 82 41.12 -21.92 -19.90
N LEU G 83 41.97 -20.97 -20.27
CA LEU G 83 41.84 -20.22 -21.51
C LEU G 83 43.21 -20.19 -22.17
N GLN G 84 43.38 -20.94 -23.24
CA GLN G 84 44.63 -20.92 -23.99
C GLN G 84 44.51 -19.90 -25.12
N MET G 85 45.43 -18.95 -25.15
CA MET G 85 45.44 -17.87 -26.12
C MET G 85 46.55 -18.12 -27.12
N ASN G 86 46.20 -18.15 -28.41
CA ASN G 86 47.16 -18.37 -29.48
C ASN G 86 47.07 -17.23 -30.48
N ASN G 87 48.18 -17.02 -31.20
CA ASN G 87 48.29 -15.94 -32.18
C ASN G 87 47.93 -14.60 -31.52
N LEU G 88 48.59 -14.33 -30.40
CA LEU G 88 48.33 -13.11 -29.65
C LEU G 88 48.65 -11.87 -30.45
N LYS G 89 47.92 -10.80 -30.18
CA LYS G 89 47.99 -9.53 -30.87
C LYS G 89 48.10 -8.41 -29.85
N PRO G 90 48.68 -7.27 -30.24
CA PRO G 90 48.81 -6.15 -29.30
C PRO G 90 47.51 -5.71 -28.65
N GLU G 91 46.39 -5.78 -29.36
CA GLU G 91 45.11 -5.36 -28.81
C GLU G 91 44.64 -6.23 -27.65
N ASP G 92 45.25 -7.40 -27.44
CA ASP G 92 44.85 -8.33 -26.39
C ASP G 92 45.34 -7.94 -25.00
N THR G 93 46.13 -6.89 -24.85
CA THR G 93 46.63 -6.52 -23.53
C THR G 93 45.49 -5.98 -22.66
N ALA G 94 45.28 -6.63 -21.52
CA ALA G 94 44.18 -6.33 -20.60
C ALA G 94 44.41 -7.12 -19.32
N VAL G 95 43.70 -6.72 -18.27
CA VAL G 95 43.54 -7.57 -17.10
C VAL G 95 42.45 -8.58 -17.40
N TYR G 96 42.76 -9.87 -17.25
CA TYR G 96 41.83 -10.95 -17.54
C TYR G 96 41.25 -11.52 -16.27
N TYR G 97 39.92 -11.63 -16.20
CA TYR G 97 39.22 -12.11 -15.02
C TYR G 97 38.46 -13.39 -15.34
N CYS G 98 38.58 -14.40 -14.47
CA CYS G 98 37.65 -15.51 -14.51
C CYS G 98 36.44 -15.20 -13.64
N ALA G 99 35.29 -15.73 -14.04
CA ALA G 99 34.04 -15.50 -13.32
C ALA G 99 33.21 -16.78 -13.29
N VAL G 100 32.42 -16.92 -12.24
CA VAL G 100 31.34 -17.89 -12.19
C VAL G 100 30.03 -17.11 -12.19
N GLY G 101 29.09 -17.55 -13.01
CA GLY G 101 27.91 -16.73 -13.21
C GLY G 101 26.81 -17.48 -13.92
N ARG G 102 25.78 -16.73 -14.26
CA ARG G 102 24.53 -17.17 -14.87
C ARG G 102 24.72 -17.37 -16.37
N PRO G 103 24.11 -18.40 -16.94
CA PRO G 103 24.15 -18.59 -18.38
C PRO G 103 23.50 -17.43 -19.10
N PRO G 104 24.06 -16.99 -20.23
CA PRO G 104 25.28 -17.49 -20.89
C PRO G 104 26.60 -16.85 -20.48
N LEU G 105 26.64 -16.01 -19.43
CA LEU G 105 27.84 -15.24 -19.09
C LEU G 105 28.36 -14.43 -20.27
N ASN G 106 27.47 -14.00 -21.15
CA ASN G 106 27.86 -13.19 -22.30
C ASN G 106 28.21 -11.76 -21.89
N ARG G 107 27.90 -11.35 -20.68
CA ARG G 107 28.08 -9.97 -20.24
C ARG G 107 28.38 -9.95 -18.75
N PRO G 108 29.14 -8.98 -18.27
CA PRO G 108 29.65 -9.05 -16.88
C PRO G 108 28.58 -8.93 -15.82
N THR G 109 27.42 -8.37 -16.14
CA THR G 109 26.32 -8.29 -15.19
C THR G 109 25.84 -9.64 -14.70
N LEU G 110 26.14 -10.71 -15.43
CA LEU G 110 25.67 -12.05 -15.10
C LEU G 110 26.54 -12.80 -14.09
N ALA G 111 27.75 -12.32 -13.83
CA ALA G 111 28.65 -13.04 -12.92
C ALA G 111 28.13 -13.03 -11.48
N TYR G 112 28.30 -14.16 -10.79
CA TYR G 112 28.11 -14.20 -9.34
C TYR G 112 29.35 -13.68 -8.62
N TYR G 113 30.53 -14.17 -9.01
CA TYR G 113 31.77 -13.89 -8.31
C TYR G 113 32.88 -13.67 -9.32
N TRP G 114 33.88 -12.89 -8.91
CA TRP G 114 34.97 -12.47 -9.77
C TRP G 114 36.31 -12.85 -9.15
N GLY G 115 37.25 -13.26 -10.00
CA GLY G 115 38.63 -13.35 -9.60
C GLY G 115 39.27 -11.98 -9.49
N GLN G 116 40.52 -11.97 -9.05
CA GLN G 116 41.27 -10.73 -8.89
C GLN G 116 41.85 -10.23 -10.21
N GLY G 117 41.87 -11.05 -11.25
CA GLY G 117 42.44 -10.65 -12.52
C GLY G 117 43.93 -10.84 -12.63
N THR G 118 44.41 -11.12 -13.84
CA THR G 118 45.82 -11.25 -14.13
C THR G 118 46.18 -10.39 -15.33
N GLN G 119 47.28 -9.65 -15.22
CA GLN G 119 47.71 -8.77 -16.30
C GLN G 119 48.37 -9.59 -17.41
N VAL G 120 47.92 -9.36 -18.64
CA VAL G 120 48.56 -9.90 -19.83
C VAL G 120 49.02 -8.72 -20.68
N THR G 121 50.31 -8.64 -20.93
CA THR G 121 50.90 -7.60 -21.77
C THR G 121 51.47 -8.24 -23.03
N VAL G 122 50.97 -7.82 -24.18
CA VAL G 122 51.40 -8.34 -25.47
C VAL G 122 52.22 -7.27 -26.17
N SER G 123 53.43 -7.62 -26.57
CA SER G 123 54.39 -6.65 -27.07
C SER G 123 54.99 -7.12 -28.38
N SER G 124 55.15 -6.20 -29.32
CA SER G 124 55.82 -6.50 -30.58
C SER G 124 57.31 -6.67 -30.38
N GLU H 1 29.75 20.70 1.59
CA GLU H 1 30.83 19.76 1.34
C GLU H 1 32.09 20.17 2.07
N VAL H 2 33.11 19.31 2.05
CA VAL H 2 34.45 19.66 2.50
C VAL H 2 35.42 19.44 1.35
N GLN H 3 36.30 20.40 1.14
CA GLN H 3 37.36 20.29 0.14
C GLN H 3 38.65 19.89 0.80
N LEU H 4 39.30 18.86 0.26
CA LEU H 4 40.53 18.32 0.82
C LEU H 4 41.63 18.45 -0.23
N VAL H 5 42.82 18.88 0.19
CA VAL H 5 43.95 19.05 -0.72
C VAL H 5 45.21 18.48 -0.09
N GLU H 6 45.74 17.40 -0.66
CA GLU H 6 46.94 16.77 -0.13
C GLU H 6 48.20 17.50 -0.59
N SER H 7 49.29 17.24 0.13
CA SER H 7 50.62 17.61 -0.33
C SER H 7 51.63 16.66 0.31
N GLY H 8 52.84 16.64 -0.25
CA GLY H 8 53.92 15.88 0.34
C GLY H 8 54.21 14.53 -0.29
N GLY H 9 53.48 14.14 -1.33
CA GLY H 9 53.83 12.96 -2.08
C GLY H 9 55.12 13.12 -2.88
N GLY H 10 55.61 12.00 -3.35
CA GLY H 10 56.82 11.97 -4.16
C GLY H 10 57.52 10.64 -4.04
N LEU H 11 58.73 10.58 -4.60
CA LEU H 11 59.59 9.43 -4.45
C LEU H 11 60.35 9.48 -3.13
N VAL H 12 60.57 8.31 -2.54
CA VAL H 12 61.29 8.20 -1.28
C VAL H 12 62.01 6.87 -1.24
N GLN H 13 63.17 6.85 -0.57
CA GLN H 13 63.98 5.65 -0.42
C GLN H 13 63.41 4.76 0.69
N PRO H 14 63.44 3.45 0.51
CA PRO H 14 62.96 2.55 1.56
C PRO H 14 63.76 2.70 2.86
N GLY H 15 63.08 2.43 3.96
CA GLY H 15 63.60 2.70 5.29
C GLY H 15 63.54 4.15 5.73
N GLY H 16 63.25 5.08 4.82
CA GLY H 16 63.19 6.49 5.15
C GLY H 16 61.84 6.91 5.70
N SER H 17 61.57 8.21 5.61
CA SER H 17 60.39 8.80 6.21
C SER H 17 59.85 9.90 5.31
N LEU H 18 58.55 10.14 5.42
CA LEU H 18 57.88 11.17 4.63
C LEU H 18 56.69 11.69 5.44
N ARG H 19 56.33 12.94 5.22
CA ARG H 19 55.32 13.62 6.02
C ARG H 19 54.22 14.18 5.12
N LEU H 20 53.14 13.42 4.98
CA LEU H 20 51.99 13.85 4.18
C LEU H 20 51.18 14.90 4.94
N SER H 21 50.60 15.83 4.18
CA SER H 21 49.77 16.88 4.76
C SER H 21 48.54 17.08 3.90
N CYS H 22 47.42 17.39 4.55
CA CYS H 22 46.14 17.61 3.88
C CYS H 22 45.43 18.77 4.54
N SER H 23 44.98 19.72 3.73
CA SER H 23 44.25 20.88 4.21
C SER H 23 42.76 20.73 3.94
N ALA H 24 41.94 21.10 4.92
CA ALA H 24 40.50 20.99 4.83
C ALA H 24 39.85 22.35 4.92
N SER H 25 38.77 22.55 4.17
CA SER H 25 37.95 23.74 4.28
C SER H 25 36.50 23.39 4.05
N GLY H 26 35.60 24.05 4.76
CA GLY H 26 34.20 23.74 4.73
C GLY H 26 33.61 23.77 6.13
N SER H 27 32.45 23.14 6.27
CA SER H 27 31.74 23.06 7.55
C SER H 27 32.36 22.01 8.47
N LEU H 28 33.64 22.22 8.78
CA LEU H 28 34.42 21.22 9.50
C LEU H 28 33.93 20.97 10.90
N SER H 29 33.05 21.83 11.44
CA SER H 29 32.41 21.56 12.71
C SER H 29 31.45 20.39 12.65
N THR H 30 31.13 19.89 11.46
CA THR H 30 30.29 18.73 11.26
C THR H 30 31.12 17.47 10.99
N ILE H 31 32.44 17.57 10.97
CA ILE H 31 33.30 16.46 10.61
C ILE H 31 33.70 15.70 11.85
N LYS H 32 33.43 14.40 11.84
CA LYS H 32 33.68 13.51 12.96
C LYS H 32 35.12 13.03 12.99
N ALA H 33 35.64 12.56 11.86
CA ALA H 33 36.99 12.04 11.81
C ALA H 33 37.67 12.50 10.54
N LEU H 34 38.96 12.80 10.67
CA LEU H 34 39.84 13.03 9.55
C LEU H 34 40.90 11.95 9.56
N GLY H 35 41.42 11.59 8.39
CA GLY H 35 42.40 10.53 8.34
C GLY H 35 42.84 10.23 6.93
N TRP H 36 43.41 9.05 6.74
CA TRP H 36 44.04 8.67 5.49
C TRP H 36 43.62 7.28 5.04
N TYR H 37 43.44 7.13 3.73
CA TYR H 37 43.11 5.87 3.09
C TYR H 37 44.17 5.51 2.07
N ARG H 38 44.29 4.22 1.80
CA ARG H 38 45.30 3.67 0.92
C ARG H 38 44.63 2.79 -0.13
N ARG H 39 45.05 2.92 -1.38
CA ARG H 39 44.87 1.85 -2.36
C ARG H 39 46.22 1.47 -2.94
N ALA H 40 46.55 0.18 -2.87
CA ALA H 40 47.60 -0.39 -3.67
C ALA H 40 47.09 -0.62 -5.09
N PRO H 41 47.99 -0.77 -6.07
CA PRO H 41 47.53 -0.99 -7.44
C PRO H 41 46.65 -2.23 -7.54
N GLY H 42 45.51 -2.07 -8.21
CA GLY H 42 44.62 -3.18 -8.49
C GLY H 42 43.79 -3.69 -7.34
N ARG H 43 43.70 -2.97 -6.23
CA ARG H 43 42.89 -3.42 -5.10
C ARG H 43 42.12 -2.27 -4.48
N GLU H 44 41.18 -2.62 -3.62
CA GLU H 44 40.27 -1.68 -2.97
C GLU H 44 40.99 -0.78 -1.97
N ARG H 45 40.31 0.32 -1.63
CA ARG H 45 40.82 1.27 -0.65
C ARG H 45 40.93 0.61 0.73
N GLU H 46 41.96 0.98 1.47
CA GLU H 46 42.16 0.49 2.82
C GLU H 46 42.43 1.66 3.76
N LEU H 47 41.92 1.56 4.98
CA LEU H 47 42.20 2.56 6.00
C LEU H 47 43.65 2.51 6.42
N VAL H 48 44.23 3.68 6.68
CA VAL H 48 45.56 3.80 7.29
C VAL H 48 45.48 4.35 8.70
N ALA H 49 44.90 5.53 8.87
CA ALA H 49 44.81 6.18 10.17
C ALA H 49 43.62 7.11 10.17
N SER H 50 43.07 7.36 11.36
CA SER H 50 42.03 8.36 11.52
C SER H 50 42.12 8.97 12.91
N ILE H 51 41.69 10.23 13.02
CA ILE H 51 41.74 10.96 14.28
C ILE H 51 40.41 11.69 14.46
N THR H 52 39.82 11.57 15.64
CA THR H 52 38.60 12.28 15.97
C THR H 52 38.90 13.72 16.37
N SER H 53 37.83 14.52 16.45
CA SER H 53 37.96 15.89 16.92
C SER H 53 38.49 15.93 18.35
N ALA H 54 38.23 14.89 19.12
CA ALA H 54 38.74 14.75 20.48
C ALA H 54 40.18 14.25 20.54
N GLY H 55 40.75 13.84 19.41
CA GLY H 55 42.08 13.30 19.37
C GLY H 55 42.17 11.80 19.54
N GLU H 56 41.07 11.13 19.86
CA GLU H 56 41.06 9.68 19.83
C GLU H 56 41.44 9.17 18.44
N THR H 57 42.37 8.23 18.39
CA THR H 57 43.03 7.86 17.16
C THR H 57 43.04 6.35 17.00
N ASN H 58 42.93 5.90 15.75
CA ASN H 58 43.01 4.47 15.46
C ASN H 58 43.85 4.26 14.21
N TYR H 59 44.30 3.02 14.03
CA TYR H 59 45.26 2.67 13.00
C TYR H 59 44.90 1.31 12.42
N ALA H 60 45.28 1.10 11.17
CA ALA H 60 45.23 -0.24 10.61
C ALA H 60 46.32 -1.09 11.23
N ASP H 61 46.15 -2.41 11.10
CA ASP H 61 47.10 -3.34 11.72
C ASP H 61 48.51 -3.11 11.22
N SER H 62 48.66 -2.75 9.94
CA SER H 62 49.98 -2.45 9.41
C SER H 62 50.56 -1.16 9.97
N ALA H 63 49.70 -0.22 10.35
CA ALA H 63 50.14 1.08 10.85
C ALA H 63 50.43 1.08 12.34
N LYS H 64 49.87 0.14 13.09
CA LYS H 64 49.87 0.17 14.56
C LYS H 64 51.28 0.35 15.11
N GLY H 65 51.48 1.46 15.82
CA GLY H 65 52.78 1.83 16.34
C GLY H 65 53.80 2.25 15.31
N ARG H 66 53.56 2.03 14.02
CA ARG H 66 54.52 2.38 12.99
C ARG H 66 54.34 3.80 12.47
N PHE H 67 53.11 4.30 12.37
CA PHE H 67 52.81 5.63 11.86
C PHE H 67 52.13 6.47 12.94
N THR H 68 52.10 7.79 12.72
CA THR H 68 51.42 8.71 13.63
C THR H 68 50.63 9.74 12.84
N VAL H 69 49.42 10.06 13.32
CA VAL H 69 48.52 11.02 12.70
C VAL H 69 48.30 12.17 13.67
N SER H 70 48.18 13.40 13.14
CA SER H 70 48.01 14.57 13.98
C SER H 70 47.23 15.63 13.21
N THR H 71 46.78 16.65 13.94
CA THR H 71 46.01 17.75 13.38
C THR H 71 46.46 19.07 14.00
N ASP H 72 46.16 20.16 13.29
CA ASP H 72 46.15 21.50 13.86
C ASP H 72 44.80 22.12 13.53
N ASN H 73 43.96 22.34 14.55
CA ASN H 73 42.57 22.69 14.30
C ASN H 73 42.41 24.14 13.88
N ALA H 74 43.23 25.04 14.43
CA ALA H 74 43.11 26.45 14.09
C ALA H 74 43.41 26.74 12.63
N LYS H 75 44.07 25.82 11.93
CA LYS H 75 44.35 25.98 10.51
C LYS H 75 43.80 24.84 9.66
N ASN H 76 43.04 23.93 10.27
CA ASN H 76 42.36 22.85 9.57
C ASN H 76 43.32 22.04 8.69
N THR H 77 44.34 21.48 9.32
CA THR H 77 45.32 20.64 8.64
C THR H 77 45.32 19.24 9.24
N VAL H 78 45.63 18.25 8.40
CA VAL H 78 45.76 16.87 8.83
C VAL H 78 47.12 16.37 8.35
N ASP H 79 47.85 15.70 9.24
CA ASP H 79 49.19 15.25 8.91
C ASP H 79 49.34 13.77 9.23
N LEU H 80 50.06 13.06 8.36
CA LEU H 80 50.43 11.68 8.59
C LEU H 80 51.93 11.59 8.42
N ARG H 81 52.64 11.21 9.48
CA ARG H 81 54.07 10.99 9.39
C ARG H 81 54.33 9.53 9.05
N MET H 82 54.91 9.30 7.88
CA MET H 82 55.36 7.98 7.45
C MET H 82 56.78 7.78 7.95
N ASN H 83 57.03 6.65 8.61
CA ASN H 83 58.38 6.30 9.03
C ASN H 83 58.59 4.80 8.93
N SER H 84 59.86 4.41 8.78
CA SER H 84 60.23 3.03 8.46
C SER H 84 59.47 2.54 7.23
N LEU H 85 59.57 3.33 6.16
CA LEU H 85 58.88 3.02 4.92
C LEU H 85 59.35 1.69 4.34
N LYS H 86 58.43 0.72 4.29
CA LYS H 86 58.66 -0.60 3.73
C LYS H 86 58.35 -0.62 2.24
N PRO H 87 58.90 -1.59 1.49
CA PRO H 87 58.62 -1.65 0.05
C PRO H 87 57.15 -1.81 -0.31
N GLU H 88 56.34 -2.44 0.53
CA GLU H 88 54.93 -2.62 0.23
C GLU H 88 54.12 -1.33 0.37
N ASP H 89 54.65 -0.30 1.02
CA ASP H 89 53.90 0.89 1.35
C ASP H 89 53.64 1.82 0.16
N THR H 90 54.23 1.56 -1.01
CA THR H 90 53.98 2.40 -2.17
C THR H 90 52.53 2.27 -2.63
N ALA H 91 51.83 3.40 -2.71
CA ALA H 91 50.39 3.43 -2.95
C ALA H 91 49.99 4.88 -3.20
N VAL H 92 48.73 5.05 -3.64
CA VAL H 92 48.09 6.36 -3.63
C VAL H 92 47.40 6.56 -2.29
N TYR H 93 47.71 7.66 -1.62
CA TYR H 93 47.16 7.98 -0.33
C TYR H 93 46.14 9.11 -0.43
N TYR H 94 44.94 8.87 0.08
CA TYR H 94 43.86 9.85 0.09
C TYR H 94 43.58 10.29 1.52
N CYS H 95 43.51 11.60 1.74
CA CYS H 95 42.90 12.08 2.98
C CYS H 95 41.38 12.10 2.86
N TYR H 96 40.71 11.95 4.00
CA TYR H 96 39.26 11.91 4.02
C TYR H 96 38.72 12.65 5.23
N ALA H 97 37.47 13.09 5.10
CA ALA H 97 36.68 13.64 6.18
C ALA H 97 35.38 12.86 6.26
N GLU H 98 34.99 12.46 7.47
CA GLU H 98 33.73 11.77 7.70
C GLU H 98 32.81 12.61 8.57
N SER H 99 31.61 12.86 8.08
CA SER H 99 30.61 13.63 8.80
C SER H 99 29.91 12.78 9.86
N PHE H 100 29.33 13.47 10.85
CA PHE H 100 28.46 12.84 11.82
C PHE H 100 27.28 12.13 11.16
N VAL H 101 26.87 12.58 9.97
CA VAL H 101 25.73 12.00 9.28
C VAL H 101 26.17 10.93 8.28
N LEU H 102 27.39 10.40 8.45
CA LEU H 102 28.02 9.35 7.66
C LEU H 102 28.42 9.74 6.25
N ASN H 103 28.46 11.03 5.91
CA ASN H 103 28.99 11.42 4.61
C ASN H 103 30.50 11.35 4.63
N ILE H 104 31.09 10.98 3.50
CA ILE H 104 32.54 10.86 3.40
C ILE H 104 33.02 11.69 2.22
N TYR H 105 34.15 12.37 2.43
CA TYR H 105 34.77 13.26 1.46
C TYR H 105 36.20 12.80 1.19
N TRP H 106 36.63 12.92 -0.06
CA TRP H 106 37.95 12.44 -0.48
C TRP H 106 38.79 13.53 -1.09
N GLY H 107 40.09 13.48 -0.83
CA GLY H 107 41.05 14.27 -1.56
C GLY H 107 41.32 13.69 -2.94
N GLN H 108 42.21 14.36 -3.66
CA GLN H 108 42.54 13.95 -5.03
C GLN H 108 43.44 12.75 -5.08
N GLY H 109 44.08 12.38 -3.97
CA GLY H 109 45.08 11.34 -3.96
C GLY H 109 46.47 11.84 -4.30
N THR H 110 47.44 11.45 -3.50
CA THR H 110 48.85 11.75 -3.74
C THR H 110 49.64 10.45 -3.67
N GLN H 111 50.62 10.32 -4.55
CA GLN H 111 51.30 9.04 -4.75
C GLN H 111 52.61 9.01 -3.98
N VAL H 112 52.82 7.94 -3.22
CA VAL H 112 54.10 7.63 -2.61
C VAL H 112 54.66 6.43 -3.36
N THR H 113 55.85 6.58 -3.90
CA THR H 113 56.57 5.48 -4.52
C THR H 113 57.86 5.23 -3.76
N VAL H 114 58.10 3.97 -3.41
CA VAL H 114 59.27 3.57 -2.65
C VAL H 114 60.23 2.82 -3.58
N SER H 115 61.51 3.19 -3.52
CA SER H 115 62.49 2.59 -4.39
C SER H 115 62.64 1.10 -4.08
N SER H 116 63.14 0.36 -5.08
CA SER H 116 63.34 -1.07 -4.91
C SER H 116 64.43 -1.40 -3.90
N GLY H 117 65.34 -0.46 -3.64
CA GLY H 117 66.39 -0.66 -2.66
C GLY H 117 67.40 -1.73 -3.06
N GLU I 1 3.02 -30.52 -19.45
CA GLU I 1 1.65 -30.93 -19.67
C GLU I 1 1.53 -32.45 -19.70
N VAL I 2 0.30 -32.94 -19.74
CA VAL I 2 0.02 -34.35 -20.02
C VAL I 2 -0.87 -34.42 -21.25
N GLN I 3 -0.55 -35.33 -22.17
CA GLN I 3 -1.37 -35.58 -23.34
C GLN I 3 -2.23 -36.81 -23.12
N LEU I 4 -3.52 -36.68 -23.36
CA LEU I 4 -4.49 -37.74 -23.14
C LEU I 4 -5.15 -38.07 -24.47
N VAL I 5 -5.30 -39.36 -24.77
CA VAL I 5 -5.93 -39.79 -26.03
C VAL I 5 -6.89 -40.94 -25.75
N GLU I 6 -8.18 -40.69 -25.94
CA GLU I 6 -9.19 -41.71 -25.70
C GLU I 6 -9.29 -42.68 -26.87
N SER I 7 -9.89 -43.84 -26.59
CA SER I 7 -10.33 -44.76 -27.63
C SER I 7 -11.48 -45.58 -27.06
N GLY I 8 -12.23 -46.22 -27.95
CA GLY I 8 -13.28 -47.15 -27.56
C GLY I 8 -14.69 -46.60 -27.57
N GLY I 9 -14.88 -45.35 -27.97
CA GLY I 9 -16.23 -44.84 -28.17
C GLY I 9 -16.91 -45.45 -29.38
N GLY I 10 -18.21 -45.22 -29.46
CA GLY I 10 -19.00 -45.71 -30.57
C GLY I 10 -20.45 -45.90 -30.15
N LEU I 11 -21.21 -46.51 -31.05
CA LEU I 11 -22.59 -46.89 -30.76
C LEU I 11 -22.62 -48.23 -30.01
N VAL I 12 -23.60 -48.35 -29.11
CA VAL I 12 -23.76 -49.56 -28.31
C VAL I 12 -25.24 -49.73 -27.97
N GLN I 13 -25.67 -51.00 -27.87
CA GLN I 13 -27.04 -51.34 -27.53
C GLN I 13 -27.26 -51.22 -26.02
N PRO I 14 -28.41 -50.74 -25.59
CA PRO I 14 -28.70 -50.67 -24.15
C PRO I 14 -28.69 -52.05 -23.50
N GLY I 15 -28.32 -52.06 -22.22
CA GLY I 15 -28.05 -53.28 -21.50
C GLY I 15 -26.71 -53.93 -21.79
N GLY I 16 -26.00 -53.47 -22.82
CA GLY I 16 -24.71 -54.03 -23.17
C GLY I 16 -23.56 -53.42 -22.38
N SER I 17 -22.36 -53.56 -22.93
CA SER I 17 -21.15 -53.17 -22.24
C SER I 17 -20.16 -52.56 -23.23
N LEU I 18 -19.29 -51.68 -22.72
CA LEU I 18 -18.27 -51.04 -23.53
C LEU I 18 -17.08 -50.73 -22.64
N ARG I 19 -15.89 -50.72 -23.25
CA ARG I 19 -14.63 -50.59 -22.50
C ARG I 19 -13.82 -49.42 -23.07
N LEU I 20 -13.95 -48.25 -22.44
CA LEU I 20 -13.19 -47.08 -22.84
C LEU I 20 -11.73 -47.20 -22.39
N SER I 21 -10.83 -46.65 -23.20
CA SER I 21 -9.41 -46.65 -22.88
C SER I 21 -8.82 -45.29 -23.19
N CYS I 22 -7.86 -44.87 -22.38
CA CYS I 22 -7.20 -43.58 -22.52
C CYS I 22 -5.73 -43.73 -22.22
N SER I 23 -4.89 -43.24 -23.13
CA SER I 23 -3.44 -43.27 -22.96
C SER I 23 -2.92 -41.91 -22.54
N ALA I 24 -2.00 -41.90 -21.58
CA ALA I 24 -1.43 -40.67 -21.05
C ALA I 24 0.06 -40.64 -21.31
N SER I 25 0.58 -39.45 -21.60
CA SER I 25 2.02 -39.24 -21.72
C SER I 25 2.39 -37.86 -21.20
N GLY I 26 3.56 -37.78 -20.58
CA GLY I 26 4.02 -36.58 -19.92
C GLY I 26 4.66 -36.92 -18.60
N SER I 27 4.78 -35.91 -17.74
CA SER I 27 5.37 -36.08 -16.41
C SER I 27 4.38 -36.73 -15.46
N LEU I 28 3.95 -37.94 -15.81
CA LEU I 28 2.87 -38.60 -15.09
C LEU I 28 3.23 -38.92 -13.64
N SER I 29 4.50 -38.83 -13.28
CA SER I 29 4.88 -38.95 -11.88
C SER I 29 4.36 -37.81 -11.03
N THR I 30 3.84 -36.75 -11.65
CA THR I 30 3.24 -35.62 -10.96
C THR I 30 1.71 -35.71 -10.93
N ILE I 31 1.12 -36.75 -11.49
CA ILE I 31 -0.33 -36.84 -11.60
C ILE I 31 -0.89 -37.56 -10.38
N LYS I 32 -1.83 -36.91 -9.71
CA LYS I 32 -2.42 -37.44 -8.49
C LYS I 32 -3.52 -38.45 -8.80
N ALA I 33 -4.42 -38.11 -9.71
CA ALA I 33 -5.53 -38.99 -10.06
C ALA I 33 -5.76 -38.97 -11.56
N LEU I 34 -6.10 -40.14 -12.09
CA LEU I 34 -6.60 -40.30 -13.45
C LEU I 34 -8.03 -40.83 -13.39
N GLY I 35 -8.85 -40.48 -14.37
CA GLY I 35 -10.23 -40.91 -14.35
C GLY I 35 -11.01 -40.40 -15.53
N TRP I 36 -12.34 -40.39 -15.39
CA TRP I 36 -13.25 -40.08 -16.48
C TRP I 36 -14.31 -39.08 -16.05
N TYR I 37 -14.65 -38.18 -16.96
CA TYR I 37 -15.69 -37.18 -16.79
C TYR I 37 -16.75 -37.31 -17.86
N ARG I 38 -17.95 -36.85 -17.54
CA ARG I 38 -19.13 -36.96 -18.39
C ARG I 38 -19.75 -35.58 -18.58
N ARG I 39 -20.15 -35.26 -19.81
CA ARG I 39 -21.17 -34.26 -20.04
C ARG I 39 -22.29 -34.86 -20.87
N ALA I 40 -23.51 -34.73 -20.36
CA ALA I 40 -24.69 -34.94 -21.18
C ALA I 40 -24.94 -33.69 -22.03
N PRO I 41 -25.71 -33.81 -23.11
CA PRO I 41 -25.96 -32.63 -23.95
C PRO I 41 -26.60 -31.50 -23.14
N GLY I 42 -26.04 -30.30 -23.31
CA GLY I 42 -26.61 -29.11 -22.72
C GLY I 42 -26.40 -28.92 -21.23
N ARG I 43 -25.51 -29.68 -20.60
CA ARG I 43 -25.28 -29.53 -19.17
C ARG I 43 -23.79 -29.64 -18.86
N GLU I 44 -23.45 -29.27 -17.63
CA GLU I 44 -22.07 -29.21 -17.16
C GLU I 44 -21.45 -30.61 -17.05
N ARG I 45 -20.11 -30.62 -16.98
CA ARG I 45 -19.35 -31.85 -16.81
C ARG I 45 -19.65 -32.49 -15.47
N GLU I 46 -19.69 -33.82 -15.45
CA GLU I 46 -19.89 -34.56 -14.21
C GLU I 46 -18.81 -35.64 -14.09
N LEU I 47 -18.36 -35.89 -12.87
CA LEU I 47 -17.41 -36.96 -12.61
C LEU I 47 -18.08 -38.32 -12.79
N VAL I 48 -17.32 -39.28 -13.31
CA VAL I 48 -17.73 -40.67 -13.38
C VAL I 48 -16.90 -41.55 -12.44
N ALA I 49 -15.58 -41.56 -12.63
CA ALA I 49 -14.70 -42.38 -11.83
C ALA I 49 -13.32 -41.75 -11.80
N SER I 50 -12.57 -42.02 -10.74
CA SER I 50 -11.17 -41.61 -10.67
C SER I 50 -10.39 -42.61 -9.83
N ILE I 51 -9.10 -42.72 -10.13
CA ILE I 51 -8.22 -43.66 -9.43
C ILE I 51 -6.92 -42.94 -9.10
N THR I 52 -6.45 -43.08 -7.86
CA THR I 52 -5.19 -42.51 -7.43
C THR I 52 -4.02 -43.37 -7.86
N SER I 53 -2.81 -42.81 -7.72
CA SER I 53 -1.60 -43.57 -7.99
C SER I 53 -1.48 -44.78 -7.08
N ALA I 54 -2.08 -44.72 -5.89
CA ALA I 54 -2.13 -45.83 -4.96
C ALA I 54 -3.22 -46.84 -5.27
N GLY I 55 -4.10 -46.55 -6.24
CA GLY I 55 -5.19 -47.43 -6.57
C GLY I 55 -6.48 -47.16 -5.82
N GLU I 56 -6.46 -46.30 -4.81
CA GLU I 56 -7.70 -45.86 -4.18
C GLU I 56 -8.63 -45.24 -5.22
N THR I 57 -9.88 -45.68 -5.20
CA THR I 57 -10.79 -45.41 -6.30
C THR I 57 -12.10 -44.87 -5.75
N ASN I 58 -12.72 -43.97 -6.49
CA ASN I 58 -14.01 -43.43 -6.11
C ASN I 58 -14.89 -43.33 -7.35
N TYR I 59 -16.18 -43.19 -7.11
CA TYR I 59 -17.19 -43.26 -8.15
C TYR I 59 -18.29 -42.26 -7.87
N ALA I 60 -18.93 -41.80 -8.94
CA ALA I 60 -20.16 -41.04 -8.78
C ALA I 60 -21.29 -41.97 -8.34
N ASP I 61 -22.34 -41.35 -7.78
CA ASP I 61 -23.45 -42.13 -7.26
C ASP I 61 -24.07 -43.03 -8.32
N SER I 62 -24.11 -42.55 -9.56
CA SER I 62 -24.63 -43.37 -10.66
C SER I 62 -23.71 -44.53 -10.99
N ALA I 63 -22.41 -44.38 -10.74
CA ALA I 63 -21.43 -45.41 -11.07
C ALA I 63 -21.27 -46.45 -9.98
N LYS I 64 -21.63 -46.13 -8.74
CA LYS I 64 -21.29 -46.95 -7.59
C LYS I 64 -21.72 -48.39 -7.77
N GLY I 65 -20.74 -49.30 -7.79
CA GLY I 65 -20.97 -50.70 -8.06
C GLY I 65 -21.35 -51.03 -9.49
N ARG I 66 -21.70 -50.05 -10.30
CA ARG I 66 -22.10 -50.29 -11.67
C ARG I 66 -20.94 -50.27 -12.66
N PHE I 67 -19.94 -49.41 -12.43
CA PHE I 67 -18.79 -49.29 -13.31
C PHE I 67 -17.51 -49.63 -12.56
N THR I 68 -16.44 -49.89 -13.32
CA THR I 68 -15.12 -50.15 -12.74
C THR I 68 -14.04 -49.43 -13.53
N VAL I 69 -13.07 -48.88 -12.79
CA VAL I 69 -11.94 -48.14 -13.37
C VAL I 69 -10.65 -48.86 -13.02
N SER I 70 -9.69 -48.85 -13.94
CA SER I 70 -8.43 -49.54 -13.74
C SER I 70 -7.33 -48.85 -14.52
N THR I 71 -6.08 -49.21 -14.21
CA THR I 71 -4.91 -48.64 -14.86
C THR I 71 -3.88 -49.74 -15.13
N ASP I 72 -2.98 -49.45 -16.07
CA ASP I 72 -1.71 -50.18 -16.20
C ASP I 72 -0.60 -49.15 -16.24
N ASN I 73 0.24 -49.14 -15.19
CA ASN I 73 1.18 -48.03 -15.01
C ASN I 73 2.38 -48.16 -15.93
N ALA I 74 2.85 -49.38 -16.20
CA ALA I 74 4.01 -49.56 -17.05
C ALA I 74 3.78 -49.10 -18.48
N LYS I 75 2.53 -48.92 -18.90
CA LYS I 75 2.22 -48.42 -20.22
C LYS I 75 1.35 -47.17 -20.19
N ASN I 76 1.11 -46.62 -19.00
CA ASN I 76 0.38 -45.37 -18.82
C ASN I 76 -0.98 -45.37 -19.53
N THR I 77 -1.80 -46.36 -19.20
CA THR I 77 -3.15 -46.46 -19.76
C THR I 77 -4.18 -46.39 -18.65
N VAL I 78 -5.36 -45.87 -18.98
CA VAL I 78 -6.48 -45.79 -18.07
C VAL I 78 -7.69 -46.41 -18.76
N ASP I 79 -8.40 -47.28 -18.06
CA ASP I 79 -9.52 -48.00 -18.66
C ASP I 79 -10.77 -47.85 -17.79
N LEU I 80 -11.92 -47.70 -18.45
CA LEU I 80 -13.22 -47.69 -17.78
C LEU I 80 -14.10 -48.71 -18.47
N ARG I 81 -14.55 -49.72 -17.72
CA ARG I 81 -15.50 -50.69 -18.23
C ARG I 81 -16.92 -50.23 -17.95
N MET I 82 -17.68 -49.95 -19.01
CA MET I 82 -19.10 -49.64 -18.92
C MET I 82 -19.87 -50.94 -18.98
N ASN I 83 -20.81 -51.13 -18.04
CA ASN I 83 -21.69 -52.29 -18.08
C ASN I 83 -23.07 -51.91 -17.56
N SER I 84 -24.06 -52.67 -18.00
CA SER I 84 -25.47 -52.36 -17.77
C SER I 84 -25.80 -50.94 -18.24
N LEU I 85 -25.43 -50.67 -19.50
CA LEU I 85 -25.63 -49.35 -20.09
C LEU I 85 -27.12 -48.98 -20.14
N LYS I 86 -27.48 -47.94 -19.38
CA LYS I 86 -28.83 -47.40 -19.33
C LYS I 86 -29.01 -46.32 -20.39
N PRO I 87 -30.26 -46.02 -20.77
CA PRO I 87 -30.49 -45.00 -21.80
C PRO I 87 -29.95 -43.62 -21.46
N GLU I 88 -29.88 -43.25 -20.19
CA GLU I 88 -29.38 -41.93 -19.82
C GLU I 88 -27.86 -41.79 -19.98
N ASP I 89 -27.14 -42.89 -20.13
CA ASP I 89 -25.68 -42.87 -20.11
C ASP I 89 -25.05 -42.32 -21.39
N THR I 90 -25.84 -42.07 -22.45
CA THR I 90 -25.26 -41.53 -23.67
C THR I 90 -24.74 -40.12 -23.44
N ALA I 91 -23.47 -39.91 -23.75
CA ALA I 91 -22.76 -38.67 -23.40
C ALA I 91 -21.40 -38.67 -24.09
N VAL I 92 -20.74 -37.52 -24.03
CA VAL I 92 -19.32 -37.43 -24.36
C VAL I 92 -18.51 -37.69 -23.11
N TYR I 93 -17.59 -38.65 -23.19
CA TYR I 93 -16.74 -39.05 -22.06
C TYR I 93 -15.32 -38.55 -22.27
N TYR I 94 -14.80 -37.84 -21.29
CA TYR I 94 -13.44 -37.31 -21.29
C TYR I 94 -12.61 -38.02 -20.24
N CYS I 95 -11.42 -38.49 -20.61
CA CYS I 95 -10.45 -38.84 -19.59
C CYS I 95 -9.72 -37.60 -19.11
N TYR I 96 -9.25 -37.63 -17.86
CA TYR I 96 -8.59 -36.49 -17.27
C TYR I 96 -7.42 -36.93 -16.42
N ALA I 97 -6.47 -36.00 -16.24
CA ALA I 97 -5.37 -36.15 -15.30
C ALA I 97 -5.35 -34.95 -14.37
N GLU I 98 -5.18 -35.21 -13.08
CA GLU I 98 -5.07 -34.16 -12.07
C GLU I 98 -3.72 -34.20 -11.40
N SER I 99 -3.00 -33.09 -11.44
CA SER I 99 -1.68 -32.94 -10.83
C SER I 99 -1.80 -32.71 -9.32
N PHE I 100 -0.71 -33.01 -8.62
CA PHE I 100 -0.60 -32.66 -7.21
C PHE I 100 -0.77 -31.17 -6.95
N VAL I 101 -0.48 -30.33 -7.94
CA VAL I 101 -0.59 -28.88 -7.77
C VAL I 101 -1.94 -28.35 -8.26
N LEU I 102 -2.92 -29.24 -8.39
CA LEU I 102 -4.31 -28.99 -8.80
C LEU I 102 -4.49 -28.62 -10.26
N ASN I 103 -3.51 -28.86 -11.13
CA ASN I 103 -3.74 -28.66 -12.55
C ASN I 103 -4.58 -29.82 -13.07
N ILE I 104 -5.43 -29.54 -14.04
CA ILE I 104 -6.27 -30.56 -14.65
C ILE I 104 -6.04 -30.55 -16.15
N TYR I 105 -5.95 -31.75 -16.72
CA TYR I 105 -5.70 -32.00 -18.13
C TYR I 105 -6.84 -32.83 -18.70
N TRP I 106 -7.26 -32.52 -19.92
CA TRP I 106 -8.42 -33.15 -20.54
C TRP I 106 -8.08 -33.83 -21.85
N GLY I 107 -8.74 -34.95 -22.11
CA GLY I 107 -8.70 -35.59 -23.41
C GLY I 107 -9.60 -34.89 -24.42
N GLN I 108 -9.61 -35.44 -25.63
CA GLN I 108 -10.41 -34.84 -26.70
C GLN I 108 -11.89 -35.13 -26.56
N GLY I 109 -12.26 -36.11 -25.75
CA GLY I 109 -13.64 -36.56 -25.67
C GLY I 109 -14.02 -37.59 -26.70
N THR I 110 -14.66 -38.65 -26.26
CA THR I 110 -15.20 -39.68 -27.14
C THR I 110 -16.65 -39.92 -26.77
N GLN I 111 -17.49 -40.13 -27.79
CA GLN I 111 -18.94 -40.14 -27.58
C GLN I 111 -19.45 -41.56 -27.48
N VAL I 112 -20.27 -41.81 -26.46
CA VAL I 112 -21.03 -43.04 -26.32
C VAL I 112 -22.49 -42.70 -26.59
N THR I 113 -23.08 -43.37 -27.57
CA THR I 113 -24.50 -43.25 -27.86
C THR I 113 -25.17 -44.60 -27.65
N VAL I 114 -26.27 -44.59 -26.90
CA VAL I 114 -27.00 -45.80 -26.55
C VAL I 114 -28.31 -45.81 -27.34
N SER I 115 -28.61 -46.95 -27.97
CA SER I 115 -29.80 -47.06 -28.80
C SER I 115 -31.06 -46.89 -27.95
N SER I 116 -32.15 -46.51 -28.62
CA SER I 116 -33.42 -46.32 -27.94
C SER I 116 -34.01 -47.63 -27.43
N GLY I 117 -33.60 -48.77 -27.98
CA GLY I 117 -34.06 -50.06 -27.52
C GLY I 117 -35.53 -50.31 -27.78
C1 NAG J . -0.57 9.05 41.75
C2 NAG J . -0.79 9.86 43.01
C3 NAG J . -0.79 8.96 44.23
C4 NAG J . -1.85 7.89 44.08
C5 NAG J . -1.66 7.12 42.77
C6 NAG J . -2.79 6.17 42.47
C7 NAG J . -0.03 12.20 42.96
C8 NAG J . 1.14 13.12 43.14
N2 NAG J . 0.23 10.90 43.14
O3 NAG J . -1.04 9.73 45.40
O4 NAG J . -1.77 6.97 45.17
O5 NAG J . -1.58 8.02 41.65
O6 NAG J . -3.70 6.71 41.53
O7 NAG J . -1.15 12.61 42.68
C1 NAG K . 17.29 -25.02 29.95
C2 NAG K . 18.40 -25.69 30.73
C3 NAG K . 17.91 -26.09 32.10
C4 NAG K . 17.43 -24.86 32.85
C5 NAG K . 16.36 -24.11 32.04
C6 NAG K . 16.01 -22.77 32.63
C7 NAG K . 20.18 -26.98 29.61
C8 NAG K . 20.52 -28.25 28.88
N2 NAG K . 18.91 -26.86 30.01
O3 NAG K . 18.96 -26.71 32.82
O4 NAG K . 16.88 -25.22 34.11
O5 NAG K . 16.81 -23.87 30.69
O6 NAG K . 16.97 -21.78 32.29
O7 NAG K . 21.02 -26.10 29.82
C1 NAG L . -22.70 -21.97 28.69
C2 NAG L . -23.69 -23.01 29.19
C3 NAG L . -23.43 -23.28 30.66
C4 NAG L . -22.00 -23.76 30.85
C5 NAG L . -21.00 -22.77 30.26
C6 NAG L . -19.59 -23.30 30.22
C7 NAG L . -25.92 -23.24 28.21
C8 NAG L . -27.30 -22.66 28.10
N2 NAG L . -25.06 -22.58 28.98
O3 NAG L . -24.34 -24.27 31.12
O4 NAG L . -21.73 -23.93 32.24
O5 NAG L . -21.35 -22.42 28.90
O6 NAG L . -19.39 -24.16 29.11
O7 NAG L . -25.61 -24.27 27.62
#